data_4GYV
#
_entry.id   4GYV
#
_cell.length_a   121.193
_cell.length_b   209.991
_cell.length_c   325.009
_cell.angle_alpha   90.000
_cell.angle_beta   90.000
_cell.angle_gamma   90.000
#
_symmetry.space_group_name_H-M   'C 2 2 21'
#
loop_
_entity.id
_entity.type
_entity.pdbx_description
1 polymer 'FERM, RhoGEF and pleckstrin domain-containing protein 2'
2 water water
#
_entity_poly.entity_id   1
_entity_poly.type   'polypeptide(L)'
_entity_poly.pdbx_seq_one_letter_code
;GPH(MSE)EDEAYFIAKEILATERTYLKDLEVITVWFRSVLIKEEA(MSE)PAAL(MSE)ALLFSNIDPVYEFHRGFLHE
VEQRLALWEGPSSAHLKGDHQRIGDILLRN(MSE)RQLKEFTSYFQRHDEVLTELEKATKHCKKLEAVYKEFELQKVCYL
PLNTFLLKPVQRLVHYRLLLSRLCAHYSPGHRDYADCHEALKAITEVTTELQQSLTRLENLQKLTELQRDLVGV
;
_entity_poly.pdbx_strand_id   A,B,C,D,E,F,G,H,I
#
# COMPACT_ATOMS: atom_id res chain seq x y z
N GLY A 1 10.15 71.69 30.94
CA GLY A 1 8.82 71.67 30.34
C GLY A 1 8.64 72.73 29.26
N PRO A 2 7.38 72.98 28.85
CA PRO A 2 7.05 74.06 27.91
C PRO A 2 6.92 75.36 28.66
N HIS A 3 7.14 76.48 28.00
CA HIS A 3 6.91 77.77 28.65
C HIS A 3 5.41 77.99 28.67
N MSE A 4 4.89 78.51 29.77
CA MSE A 4 3.45 78.45 29.99
C MSE A 4 2.59 79.27 29.03
O MSE A 4 1.39 78.99 28.92
CB MSE A 4 3.13 78.77 31.43
CG MSE A 4 3.67 77.69 32.34
SE MSE A 4 3.42 78.11 34.21
CE MSE A 4 1.46 78.13 34.25
N GLU A 5 3.18 80.24 28.34
CA GLU A 5 2.42 81.05 27.38
C GLU A 5 2.82 80.81 25.92
N ASP A 6 3.56 79.73 25.70
CA ASP A 6 4.04 79.31 24.38
C ASP A 6 2.90 78.83 23.45
N GLU A 7 2.57 79.65 22.45
CA GLU A 7 1.49 79.26 21.54
C GLU A 7 1.85 78.04 20.69
N ALA A 8 3.14 77.88 20.38
CA ALA A 8 3.53 76.70 19.61
C ALA A 8 3.24 75.45 20.43
N TYR A 9 3.55 75.47 21.73
CA TYR A 9 3.25 74.32 22.57
C TYR A 9 1.76 73.99 22.54
N PHE A 10 0.90 75.00 22.71
CA PHE A 10 -0.54 74.77 22.67
C PHE A 10 -1.04 74.16 21.36
N ILE A 11 -0.56 74.65 20.23
CA ILE A 11 -0.99 74.06 18.97
C ILE A 11 -0.56 72.61 18.90
N ALA A 12 0.68 72.33 19.28
CA ALA A 12 1.16 70.96 19.32
C ALA A 12 0.24 70.09 20.16
N LYS A 13 -0.11 70.59 21.35
CA LYS A 13 -0.96 69.81 22.23
C LYS A 13 -2.37 69.65 21.64
N GLU A 14 -2.86 70.69 20.97
CA GLU A 14 -4.14 70.63 20.29
C GLU A 14 -4.12 69.57 19.16
N ILE A 15 -3.00 69.51 18.42
CA ILE A 15 -2.85 68.50 17.39
C ILE A 15 -2.93 67.09 17.99
N LEU A 16 -2.20 66.88 19.07
CA LEU A 16 -2.18 65.59 19.73
C LEU A 16 -3.54 65.19 20.28
N ALA A 17 -4.11 66.03 21.11
CA ALA A 17 -5.39 65.69 21.74
C ALA A 17 -6.45 65.40 20.70
N THR A 18 -6.49 66.20 19.64
CA THR A 18 -7.48 65.99 18.61
C THR A 18 -7.18 64.75 17.74
N GLU A 19 -5.91 64.41 17.59
CA GLU A 19 -5.56 63.17 16.86
C GLU A 19 -6.07 61.90 17.58
N ARG A 20 -5.83 61.82 18.89
CA ARG A 20 -6.28 60.71 19.71
C ARG A 20 -7.78 60.46 19.55
N THR A 21 -8.59 61.53 19.65
CA THR A 21 -10.03 61.42 19.49
C THR A 21 -10.43 60.95 18.10
N TYR A 22 -9.80 61.51 17.07
CA TYR A 22 -10.22 61.21 15.71
C TYR A 22 -9.98 59.75 15.46
N LEU A 23 -8.91 59.22 16.07
CA LEU A 23 -8.57 57.81 15.96
C LEU A 23 -9.63 56.91 16.59
N LYS A 24 -10.02 57.21 17.82
CA LYS A 24 -11.11 56.52 18.48
C LYS A 24 -12.40 56.58 17.60
N ASP A 25 -12.59 57.68 16.86
CA ASP A 25 -13.75 57.82 15.98
C ASP A 25 -13.65 56.86 14.80
N LEU A 26 -12.47 56.77 14.19
CA LEU A 26 -12.25 55.76 13.17
C LEU A 26 -12.50 54.35 13.70
N GLU A 27 -12.16 54.08 14.95
CA GLU A 27 -12.39 52.73 15.48
C GLU A 27 -13.87 52.32 15.51
N VAL A 28 -14.78 53.30 15.55
CA VAL A 28 -16.20 53.00 15.43
C VAL A 28 -16.45 52.23 14.14
N ILE A 29 -15.75 52.62 13.08
CA ILE A 29 -15.90 51.95 11.79
C ILE A 29 -15.01 50.73 11.67
N THR A 30 -13.72 50.92 11.91
CA THR A 30 -12.73 49.88 11.64
C THR A 30 -12.86 48.66 12.53
N VAL A 31 -13.33 48.88 13.75
CA VAL A 31 -13.47 47.79 14.69
C VAL A 31 -14.91 47.44 14.97
N TRP A 32 -15.67 48.39 15.48
CA TRP A 32 -16.96 48.05 16.08
C TRP A 32 -18.07 47.76 15.09
N PHE A 33 -18.10 48.54 14.02
CA PHE A 33 -19.05 48.36 12.96
C PHE A 33 -18.70 47.08 12.22
N ARG A 34 -17.43 46.96 11.91
CA ARG A 34 -16.95 45.82 11.15
C ARG A 34 -17.24 44.52 11.88
N SER A 35 -17.12 44.56 13.20
CA SER A 35 -17.47 43.43 14.05
C SER A 35 -18.91 43.00 13.79
N VAL A 36 -19.82 43.95 13.86
CA VAL A 36 -21.24 43.70 13.66
C VAL A 36 -21.54 43.25 12.23
N LEU A 37 -20.94 43.95 11.26
CA LEU A 37 -21.14 43.64 9.85
C LEU A 37 -20.80 42.20 9.49
N ILE A 38 -19.74 41.71 10.13
CA ILE A 38 -19.26 40.35 9.92
C ILE A 38 -20.16 39.35 10.63
N LYS A 39 -20.47 39.63 11.90
CA LYS A 39 -21.31 38.74 12.69
C LYS A 39 -22.69 38.53 12.06
N GLU A 40 -23.19 39.57 11.41
CA GLU A 40 -24.51 39.55 10.81
C GLU A 40 -24.49 39.22 9.31
N GLU A 41 -23.31 39.11 8.73
CA GLU A 41 -23.14 38.82 7.30
C GLU A 41 -24.03 39.71 6.43
N ALA A 42 -24.05 40.99 6.77
CA ALA A 42 -25.04 41.91 6.23
C ALA A 42 -24.58 42.67 5.00
N MSE A 43 -23.29 42.67 4.74
CA MSE A 43 -22.78 43.44 3.63
C MSE A 43 -22.11 42.56 2.59
O MSE A 43 -21.32 41.66 2.92
CB MSE A 43 -21.82 44.49 4.14
CG MSE A 43 -21.53 45.62 3.17
SE MSE A 43 -20.39 46.96 4.02
CE MSE A 43 -21.75 48.07 4.87
N PRO A 44 -22.44 42.80 1.30
CA PRO A 44 -21.85 42.14 0.13
C PRO A 44 -20.35 42.35 0.15
N ALA A 45 -19.56 41.35 -0.26
CA ALA A 45 -18.11 41.46 -0.13
C ALA A 45 -17.59 42.73 -0.78
N ALA A 46 -18.04 42.99 -2.00
CA ALA A 46 -17.54 44.07 -2.82
C ALA A 46 -17.69 45.44 -2.16
N LEU A 47 -18.84 45.63 -1.52
CA LEU A 47 -19.10 46.87 -0.80
C LEU A 47 -18.26 46.95 0.46
N MSE A 48 -18.08 45.81 1.11
CA MSE A 48 -17.28 45.80 2.31
C MSE A 48 -15.83 46.10 1.96
O MSE A 48 -15.15 46.86 2.66
CB MSE A 48 -17.42 44.46 3.00
CG MSE A 48 -17.07 44.52 4.47
SE MSE A 48 -17.22 42.79 5.29
CE MSE A 48 -19.01 43.07 6.02
N ALA A 49 -15.35 45.52 0.86
CA ALA A 49 -14.07 45.93 0.31
C ALA A 49 -13.98 47.44 0.03
N LEU A 50 -14.94 48.00 -0.70
CA LEU A 50 -14.93 49.44 -1.02
C LEU A 50 -14.75 50.29 0.22
N LEU A 51 -15.52 49.98 1.25
CA LEU A 51 -15.44 50.70 2.51
C LEU A 51 -14.07 50.53 3.17
N PHE A 52 -13.71 49.30 3.52
CA PHE A 52 -12.55 49.11 4.39
C PHE A 52 -11.20 49.25 3.72
N SER A 53 -11.15 49.03 2.42
CA SER A 53 -9.95 49.20 1.64
C SER A 53 -9.50 50.66 1.62
N ASN A 54 -10.42 51.57 1.90
CA ASN A 54 -10.16 53.01 1.81
C ASN A 54 -10.23 53.72 3.16
N ILE A 55 -10.29 52.91 4.23
CA ILE A 55 -10.26 53.41 5.60
C ILE A 55 -9.10 52.80 6.38
N ASP A 56 -8.97 51.47 6.29
CA ASP A 56 -7.85 50.75 6.90
C ASP A 56 -6.48 51.40 6.72
N PRO A 57 -6.13 51.78 5.47
CA PRO A 57 -4.82 52.44 5.32
C PRO A 57 -4.78 53.84 5.96
N VAL A 58 -5.87 54.59 5.86
CA VAL A 58 -5.98 55.89 6.50
C VAL A 58 -5.72 55.76 7.99
N TYR A 59 -6.35 54.77 8.61
CA TYR A 59 -6.10 54.52 10.03
C TYR A 59 -4.63 54.22 10.33
N GLU A 60 -3.99 53.40 9.51
CA GLU A 60 -2.57 53.12 9.72
C GLU A 60 -1.75 54.40 9.69
N PHE A 61 -2.06 55.28 8.76
CA PHE A 61 -1.34 56.53 8.65
C PHE A 61 -1.43 57.34 9.94
N HIS A 62 -2.65 57.58 10.39
CA HIS A 62 -2.84 58.36 11.59
C HIS A 62 -2.22 57.72 12.83
N ARG A 63 -2.16 56.41 12.84
CA ARG A 63 -1.55 55.76 13.96
C ARG A 63 -0.06 55.98 14.04
N GLY A 64 0.59 56.03 12.89
CA GLY A 64 2.01 56.28 12.87
C GLY A 64 2.26 57.72 13.24
N PHE A 65 1.38 58.59 12.76
CA PHE A 65 1.47 60.01 13.06
C PHE A 65 1.29 60.26 14.56
N LEU A 66 0.27 59.64 15.13
CA LEU A 66 -0.01 59.85 16.54
C LEU A 66 1.17 59.38 17.35
N HIS A 67 1.75 58.28 16.92
CA HIS A 67 2.86 57.70 17.67
C HIS A 67 4.03 58.68 17.77
N GLU A 68 4.29 59.36 16.65
CA GLU A 68 5.40 60.27 16.57
C GLU A 68 5.09 61.56 17.34
N VAL A 69 3.85 62.04 17.21
CA VAL A 69 3.45 63.25 17.92
C VAL A 69 3.48 63.04 19.42
N GLU A 70 3.09 61.85 19.87
CA GLU A 70 3.04 61.56 21.30
C GLU A 70 4.42 61.51 21.96
N GLN A 71 5.39 60.92 21.25
CA GLN A 71 6.75 60.82 21.74
C GLN A 71 7.24 62.22 21.99
N ARG A 72 7.01 63.05 20.97
CA ARG A 72 7.61 64.37 20.92
C ARG A 72 7.02 65.24 21.99
N LEU A 73 5.70 65.22 22.14
CA LEU A 73 5.05 66.05 23.14
C LEU A 73 5.50 65.69 24.53
N ALA A 74 5.80 64.44 24.76
CA ALA A 74 6.22 64.06 26.11
C ALA A 74 7.65 64.54 26.36
N LEU A 75 8.45 64.58 25.30
CA LEU A 75 9.80 65.11 25.41
C LEU A 75 9.77 66.61 25.63
N TRP A 76 8.80 67.25 25.00
CA TRP A 76 8.59 68.68 25.08
C TRP A 76 8.14 69.04 26.50
N GLU A 77 7.15 68.29 26.99
CA GLU A 77 6.54 68.49 28.31
C GLU A 77 7.48 68.10 29.46
N GLY A 78 8.43 67.19 29.19
CA GLY A 78 9.35 66.73 30.20
C GLY A 78 10.69 67.44 30.25
N PRO A 79 11.49 67.12 31.28
CA PRO A 79 12.75 67.85 31.48
C PRO A 79 13.76 67.41 30.43
N SER A 80 14.46 68.37 29.84
CA SER A 80 15.33 68.04 28.74
C SER A 80 16.68 68.64 29.05
N SER A 81 17.74 67.90 28.73
CA SER A 81 19.09 68.43 28.82
C SER A 81 19.18 69.62 27.89
N ALA A 82 19.94 70.63 28.29
CA ALA A 82 19.99 71.88 27.54
C ALA A 82 20.23 71.66 26.04
N HIS A 83 21.16 70.77 25.70
CA HIS A 83 21.46 70.55 24.28
C HIS A 83 20.34 69.91 23.47
N LEU A 84 19.34 69.32 24.13
CA LEU A 84 18.23 68.72 23.39
C LEU A 84 16.97 69.56 23.44
N LYS A 85 17.02 70.62 24.26
CA LYS A 85 15.86 71.45 24.53
C LYS A 85 15.25 72.00 23.25
N GLY A 86 16.07 72.41 22.30
CA GLY A 86 15.54 72.97 21.09
C GLY A 86 14.92 71.98 20.13
N ASP A 87 15.45 70.77 20.11
CA ASP A 87 14.94 69.67 19.30
C ASP A 87 13.69 69.07 19.87
N HIS A 88 13.63 69.00 21.20
CA HIS A 88 12.44 68.51 21.88
C HIS A 88 11.31 69.50 21.86
N GLN A 89 11.60 70.78 21.69
CA GLN A 89 10.53 71.77 21.82
C GLN A 89 10.06 72.32 20.49
N ARG A 90 9.72 71.39 19.61
CA ARG A 90 9.23 71.72 18.28
C ARG A 90 8.49 70.54 17.73
N ILE A 91 7.82 70.74 16.60
CA ILE A 91 6.88 69.76 16.08
C ILE A 91 6.95 69.68 14.56
N GLY A 92 7.55 70.71 13.96
CA GLY A 92 7.49 70.91 12.52
C GLY A 92 8.15 69.84 11.67
N ASP A 93 9.23 69.26 12.19
CA ASP A 93 9.92 68.18 11.48
C ASP A 93 8.99 66.98 11.31
N ILE A 94 8.24 66.69 12.36
CA ILE A 94 7.31 65.58 12.37
C ILE A 94 6.13 65.85 11.43
N LEU A 95 5.54 67.04 11.56
CA LEU A 95 4.47 67.46 10.66
C LEU A 95 4.89 67.36 9.20
N LEU A 96 6.10 67.78 8.92
CA LEU A 96 6.55 67.82 7.55
C LEU A 96 6.71 66.42 7.03
N ARG A 97 7.28 65.55 7.84
CA ARG A 97 7.45 64.16 7.43
C ARG A 97 6.07 63.55 7.13
N ASN A 98 5.15 63.67 8.07
CA ASN A 98 3.81 63.12 7.88
C ASN A 98 2.95 63.80 6.80
N MSE A 99 3.04 65.12 6.66
CA MSE A 99 2.28 65.74 5.58
C MSE A 99 2.77 65.25 4.22
O MSE A 99 1.98 64.99 3.33
CB MSE A 99 2.29 67.26 5.65
CG MSE A 99 1.56 67.84 6.87
SE MSE A 99 -0.19 67.07 7.38
CE MSE A 99 0.36 65.91 8.79
N ARG A 100 4.08 65.08 4.08
CA ARG A 100 4.63 64.48 2.86
C ARG A 100 4.10 63.05 2.67
N GLN A 101 4.03 62.27 3.74
CA GLN A 101 3.61 60.87 3.66
C GLN A 101 2.18 60.78 3.19
N LEU A 102 1.39 61.75 3.61
CA LEU A 102 -0.04 61.77 3.39
C LEU A 102 -0.32 61.76 1.89
N LYS A 103 0.60 62.31 1.11
CA LYS A 103 0.41 62.38 -0.32
C LYS A 103 0.20 60.99 -0.94
N GLU A 104 0.83 60.00 -0.32
CA GLU A 104 0.71 58.61 -0.76
C GLU A 104 -0.61 57.96 -0.34
N PHE A 105 -1.49 58.75 0.26
CA PHE A 105 -2.77 58.25 0.75
C PHE A 105 -3.99 58.97 0.15
N THR A 106 -3.75 59.97 -0.70
CA THR A 106 -4.84 60.77 -1.24
C THR A 106 -5.85 59.92 -2.03
N SER A 107 -5.36 58.85 -2.65
CA SER A 107 -6.20 57.92 -3.40
C SER A 107 -7.38 57.44 -2.55
N TYR A 108 -7.11 57.14 -1.30
CA TYR A 108 -8.14 56.56 -0.47
C TYR A 108 -9.16 57.62 -0.12
N PHE A 109 -8.68 58.78 0.31
CA PHE A 109 -9.58 59.86 0.71
C PHE A 109 -10.49 60.20 -0.47
N GLN A 110 -9.90 60.18 -1.65
CA GLN A 110 -10.61 60.50 -2.87
C GLN A 110 -11.80 59.58 -3.13
N ARG A 111 -11.81 58.38 -2.56
CA ARG A 111 -12.90 57.44 -2.81
C ARG A 111 -14.01 57.52 -1.76
N HIS A 112 -13.83 58.37 -0.75
CA HIS A 112 -14.79 58.41 0.35
C HIS A 112 -16.19 58.84 -0.02
N ASP A 113 -16.33 59.83 -0.89
CA ASP A 113 -17.66 60.26 -1.31
C ASP A 113 -18.35 59.14 -2.09
N GLU A 114 -17.54 58.36 -2.79
CA GLU A 114 -18.04 57.20 -3.50
C GLU A 114 -18.45 56.10 -2.51
N VAL A 115 -17.62 55.83 -1.52
CA VAL A 115 -17.93 54.87 -0.46
C VAL A 115 -19.26 55.23 0.18
N LEU A 116 -19.42 56.51 0.41
CA LEU A 116 -20.63 57.00 1.02
C LEU A 116 -21.88 56.79 0.15
N THR A 117 -21.85 57.21 -1.11
CA THR A 117 -23.05 57.06 -1.94
C THR A 117 -23.43 55.58 -2.06
N GLU A 118 -22.42 54.73 -2.11
CA GLU A 118 -22.64 53.32 -2.33
C GLU A 118 -23.28 52.65 -1.12
N LEU A 119 -22.88 53.10 0.06
CA LEU A 119 -23.52 52.64 1.29
C LEU A 119 -25.00 52.98 1.31
N GLU A 120 -25.33 54.24 1.05
CA GLU A 120 -26.71 54.70 1.14
C GLU A 120 -27.53 53.88 0.16
N LYS A 121 -27.01 53.77 -1.05
CA LYS A 121 -27.65 52.98 -2.09
C LYS A 121 -27.94 51.58 -1.56
N ALA A 122 -26.94 50.92 -0.99
CA ALA A 122 -27.11 49.56 -0.50
C ALA A 122 -28.15 49.46 0.63
N THR A 123 -28.04 50.39 1.57
CA THR A 123 -29.02 50.48 2.64
C THR A 123 -30.46 50.69 2.15
N LYS A 124 -30.66 51.61 1.21
CA LYS A 124 -31.99 51.89 0.68
C LYS A 124 -32.58 50.61 0.09
N HIS A 125 -31.74 49.82 -0.58
CA HIS A 125 -32.20 48.67 -1.35
C HIS A 125 -31.93 47.34 -0.66
N CYS A 126 -31.83 47.36 0.66
CA CYS A 126 -31.65 46.12 1.43
C CYS A 126 -32.15 46.23 2.87
N LYS A 127 -33.32 45.64 3.12
CA LYS A 127 -33.99 45.77 4.41
C LYS A 127 -33.13 45.22 5.57
N LYS A 128 -32.24 44.29 5.26
CA LYS A 128 -31.39 43.68 6.30
C LYS A 128 -30.16 44.52 6.69
N LEU A 129 -29.46 45.07 5.70
CA LEU A 129 -28.34 45.94 6.01
C LEU A 129 -28.86 47.16 6.74
N GLU A 130 -30.01 47.65 6.30
CA GLU A 130 -30.60 48.82 6.96
C GLU A 130 -30.81 48.55 8.44
N ALA A 131 -31.35 47.37 8.75
CA ALA A 131 -31.62 46.95 10.12
C ALA A 131 -30.36 46.90 10.97
N VAL A 132 -29.29 46.39 10.39
CA VAL A 132 -27.99 46.33 11.07
C VAL A 132 -27.44 47.71 11.43
N TYR A 133 -27.56 48.66 10.50
CA TYR A 133 -27.27 50.07 10.76
C TYR A 133 -28.09 50.58 11.94
N LYS A 134 -29.40 50.44 11.82
CA LYS A 134 -30.32 50.96 12.83
C LYS A 134 -29.93 50.47 14.21
N GLU A 135 -29.58 49.18 14.29
CA GLU A 135 -29.24 48.58 15.57
C GLU A 135 -27.89 49.05 16.08
N PHE A 136 -26.94 49.18 15.14
CA PHE A 136 -25.61 49.61 15.52
C PHE A 136 -25.67 51.03 16.06
N GLU A 137 -26.50 51.86 15.43
CA GLU A 137 -26.53 53.26 15.80
C GLU A 137 -27.12 53.48 17.20
N LEU A 138 -27.77 52.45 17.73
CA LEU A 138 -28.27 52.45 19.11
C LEU A 138 -27.23 52.08 20.16
N GLN A 139 -26.05 51.65 19.74
CA GLN A 139 -25.01 51.28 20.69
C GLN A 139 -24.33 52.54 21.18
N LYS A 140 -23.93 52.57 22.46
CA LYS A 140 -23.28 53.77 23.01
C LYS A 140 -22.06 54.14 22.19
N VAL A 141 -21.43 53.16 21.57
CA VAL A 141 -20.18 53.34 20.82
C VAL A 141 -20.36 54.24 19.62
N CYS A 142 -21.53 54.09 19.00
CA CYS A 142 -21.87 54.80 17.79
C CYS A 142 -22.69 56.00 18.20
N TYR A 143 -22.01 57.06 18.61
CA TYR A 143 -22.68 58.21 19.20
C TYR A 143 -23.14 59.21 18.16
N LEU A 144 -22.74 59.01 16.90
CA LEU A 144 -23.33 59.76 15.79
C LEU A 144 -23.83 58.74 14.82
N PRO A 145 -24.63 59.18 13.85
CA PRO A 145 -25.01 58.22 12.82
C PRO A 145 -23.76 57.74 12.13
N LEU A 146 -23.67 56.43 11.92
CA LEU A 146 -22.47 55.82 11.40
C LEU A 146 -21.88 56.54 10.20
N ASN A 147 -22.68 56.70 9.15
CA ASN A 147 -22.20 57.39 7.96
C ASN A 147 -21.55 58.75 8.20
N THR A 148 -21.86 59.44 9.29
CA THR A 148 -21.26 60.76 9.48
C THR A 148 -19.81 60.65 9.97
N PHE A 149 -19.43 59.46 10.44
CA PHE A 149 -18.04 59.19 10.74
C PHE A 149 -17.23 59.16 9.49
N LEU A 150 -17.84 58.84 8.36
CA LEU A 150 -17.13 58.81 7.08
C LEU A 150 -16.71 60.18 6.56
N LEU A 151 -17.32 61.25 7.09
CA LEU A 151 -16.92 62.60 6.73
C LEU A 151 -15.72 63.08 7.56
N LYS A 152 -15.29 62.30 8.55
CA LYS A 152 -14.24 62.76 9.46
C LYS A 152 -12.83 62.78 8.85
N PRO A 153 -12.43 61.70 8.14
CA PRO A 153 -11.09 61.71 7.56
C PRO A 153 -10.75 62.97 6.73
N VAL A 154 -11.55 63.29 5.71
CA VAL A 154 -11.24 64.47 4.90
C VAL A 154 -11.34 65.76 5.75
N GLN A 155 -12.32 65.83 6.62
CA GLN A 155 -12.37 66.92 7.58
C GLN A 155 -11.09 67.04 8.42
N ARG A 156 -10.45 65.91 8.74
CA ARG A 156 -9.21 65.94 9.54
C ARG A 156 -8.11 66.62 8.75
N LEU A 157 -8.08 66.38 7.45
CA LEU A 157 -7.05 66.98 6.62
C LEU A 157 -7.19 68.50 6.59
N VAL A 158 -8.42 68.98 6.57
CA VAL A 158 -8.69 70.40 6.58
C VAL A 158 -8.20 71.00 7.88
N HIS A 159 -8.52 70.32 8.97
CA HIS A 159 -8.04 70.68 10.29
C HIS A 159 -6.52 70.83 10.31
N TYR A 160 -5.81 69.87 9.69
CA TYR A 160 -4.35 69.95 9.60
C TYR A 160 -3.91 71.26 8.94
N ARG A 161 -4.55 71.63 7.83
CA ARG A 161 -4.18 72.83 7.10
C ARG A 161 -4.36 74.02 8.01
N LEU A 162 -5.37 73.95 8.87
CA LEU A 162 -5.72 75.06 9.75
C LEU A 162 -4.65 75.22 10.80
N LEU A 163 -4.32 74.10 11.44
CA LEU A 163 -3.32 74.01 12.50
C LEU A 163 -1.94 74.44 12.02
N LEU A 164 -1.50 73.93 10.88
CA LEU A 164 -0.24 74.38 10.31
C LEU A 164 -0.26 75.87 9.98
N SER A 165 -1.41 76.39 9.59
CA SER A 165 -1.51 77.81 9.34
C SER A 165 -1.20 78.61 10.58
N ARG A 166 -1.66 78.13 11.72
CA ARG A 166 -1.51 78.89 12.94
C ARG A 166 -0.04 78.89 13.38
N LEU A 167 0.59 77.72 13.25
CA LEU A 167 2.00 77.58 13.54
C LEU A 167 2.81 78.49 12.65
N CYS A 168 2.53 78.46 11.34
CA CYS A 168 3.30 79.26 10.41
C CYS A 168 3.13 80.72 10.73
N ALA A 169 1.90 81.10 11.03
CA ALA A 169 1.61 82.47 11.44
C ALA A 169 2.29 82.84 12.76
N HIS A 170 2.57 81.87 13.60
CA HIS A 170 3.12 82.16 14.91
C HIS A 170 4.63 82.36 14.90
N TYR A 171 5.32 81.46 14.21
CA TYR A 171 6.78 81.47 14.15
C TYR A 171 7.29 82.64 13.33
N SER A 172 8.40 83.21 13.77
CA SER A 172 9.09 84.19 12.95
C SER A 172 10.15 83.45 12.17
N PRO A 173 10.51 83.97 10.99
CA PRO A 173 11.53 83.33 10.12
C PRO A 173 12.86 82.95 10.80
N GLY A 174 13.23 83.58 11.90
CA GLY A 174 14.40 83.15 12.65
C GLY A 174 14.34 81.73 13.24
N HIS A 175 13.14 81.24 13.52
CA HIS A 175 12.92 80.07 14.35
C HIS A 175 13.35 78.69 13.79
N ARG A 176 13.84 77.82 14.68
CA ARG A 176 14.18 76.43 14.36
C ARG A 176 13.05 75.73 13.63
N ASP A 177 11.81 76.02 14.03
CA ASP A 177 10.67 75.34 13.46
C ASP A 177 10.03 76.00 12.24
N TYR A 178 10.49 77.20 11.87
CA TYR A 178 9.85 77.95 10.79
C TYR A 178 9.82 77.19 9.47
N ALA A 179 10.99 76.82 8.98
CA ALA A 179 11.11 76.17 7.66
C ALA A 179 10.36 74.86 7.55
N ASP A 180 10.46 74.02 8.57
CA ASP A 180 9.79 72.74 8.51
C ASP A 180 8.28 72.94 8.51
N CYS A 181 7.80 73.96 9.20
CA CYS A 181 6.36 74.15 9.31
C CYS A 181 5.79 74.69 8.01
N HIS A 182 6.54 75.62 7.41
CA HIS A 182 6.12 76.17 6.14
C HIS A 182 6.11 75.10 5.08
N GLU A 183 7.13 74.26 5.10
CA GLU A 183 7.20 73.14 4.16
C GLU A 183 5.99 72.23 4.33
N ALA A 184 5.69 71.88 5.57
CA ALA A 184 4.56 71.02 5.91
C ALA A 184 3.23 71.64 5.46
N LEU A 185 3.08 72.94 5.68
CA LEU A 185 1.85 73.59 5.28
C LEU A 185 1.67 73.52 3.78
N LYS A 186 2.77 73.64 3.06
CA LYS A 186 2.74 73.56 1.62
C LYS A 186 2.25 72.17 1.22
N ALA A 187 2.75 71.16 1.93
CA ALA A 187 2.38 69.77 1.66
C ALA A 187 0.89 69.48 1.86
N ILE A 188 0.39 69.81 3.05
CA ILE A 188 -1.00 69.59 3.38
C ILE A 188 -1.91 70.43 2.48
N THR A 189 -1.45 71.62 2.12
CA THR A 189 -2.23 72.44 1.21
C THR A 189 -2.35 71.77 -0.16
N GLU A 190 -1.26 71.18 -0.64
CA GLU A 190 -1.29 70.39 -1.86
C GLU A 190 -2.34 69.30 -1.77
N VAL A 191 -2.38 68.60 -0.63
CA VAL A 191 -3.32 67.51 -0.45
C VAL A 191 -4.76 68.00 -0.45
N THR A 192 -5.05 69.00 0.37
CA THR A 192 -6.41 69.52 0.42
C THR A 192 -6.83 70.06 -0.96
N THR A 193 -5.94 70.76 -1.65
CA THR A 193 -6.27 71.18 -2.99
C THR A 193 -6.66 70.02 -3.93
N GLU A 194 -5.95 68.91 -3.85
CA GLU A 194 -6.24 67.78 -4.71
C GLU A 194 -7.54 67.13 -4.32
N LEU A 195 -7.92 67.30 -3.06
CA LEU A 195 -9.13 66.66 -2.59
C LEU A 195 -10.31 67.62 -2.58
N GLN A 196 -10.09 68.83 -3.09
CA GLN A 196 -11.14 69.86 -3.06
C GLN A 196 -12.46 69.35 -3.62
N GLN A 197 -12.39 68.74 -4.79
CA GLN A 197 -13.58 68.23 -5.45
C GLN A 197 -14.31 67.26 -4.53
N SER A 198 -13.55 66.29 -3.99
CA SER A 198 -14.12 65.25 -3.15
C SER A 198 -14.65 65.84 -1.85
N LEU A 199 -13.96 66.87 -1.37
CA LEU A 199 -14.36 67.56 -0.15
C LEU A 199 -15.78 68.12 -0.34
N THR A 200 -15.97 69.01 -1.33
CA THR A 200 -17.28 69.64 -1.52
C THR A 200 -18.33 68.61 -1.89
N ARG A 201 -17.92 67.51 -2.50
CA ARG A 201 -18.86 66.45 -2.82
C ARG A 201 -19.39 65.87 -1.51
N LEU A 202 -18.50 65.75 -0.53
CA LEU A 202 -18.85 65.17 0.77
C LEU A 202 -19.70 66.13 1.60
N GLU A 203 -19.32 67.41 1.63
CA GLU A 203 -20.18 68.47 2.15
C GLU A 203 -21.61 68.32 1.57
N ASN A 204 -21.77 68.43 0.25
CA ASN A 204 -23.08 68.32 -0.39
C ASN A 204 -23.86 67.07 0.01
N LEU A 205 -23.17 65.93 0.05
CA LEU A 205 -23.79 64.70 0.51
C LEU A 205 -24.35 64.73 1.93
N GLN A 206 -23.63 65.34 2.86
CA GLN A 206 -24.12 65.35 4.25
C GLN A 206 -25.31 66.26 4.32
N LYS A 207 -25.13 67.48 3.81
CA LYS A 207 -26.21 68.44 3.81
C LYS A 207 -27.48 67.85 3.21
N LEU A 208 -27.38 67.10 2.12
CA LEU A 208 -28.57 66.48 1.55
C LEU A 208 -29.18 65.45 2.51
N THR A 209 -28.33 64.79 3.30
CA THR A 209 -28.85 63.75 4.17
C THR A 209 -29.57 64.36 5.36
N GLU A 210 -28.91 65.29 6.05
CA GLU A 210 -29.48 65.88 7.25
C GLU A 210 -30.74 66.65 6.89
N LEU A 211 -30.77 67.16 5.66
CA LEU A 211 -31.92 67.88 5.15
C LEU A 211 -33.07 66.95 4.80
N GLN A 212 -32.72 65.76 4.34
CA GLN A 212 -33.75 64.83 3.90
C GLN A 212 -34.33 64.11 5.12
N ARG A 213 -33.48 63.93 6.13
CA ARG A 213 -33.82 63.33 7.42
C ARG A 213 -34.80 64.18 8.24
N ASP A 214 -35.07 65.40 7.77
CA ASP A 214 -35.71 66.42 8.58
C ASP A 214 -36.58 67.34 7.69
N LEU A 215 -37.75 66.88 7.31
CA LEU A 215 -38.63 67.65 6.44
C LEU A 215 -39.87 68.06 7.21
N VAL A 216 -40.49 69.18 6.88
CA VAL A 216 -41.69 69.53 7.60
C VAL A 216 -42.74 68.48 7.31
N GLY B 1 -25.70 -26.15 -7.12
CA GLY B 1 -25.06 -24.87 -7.38
C GLY B 1 -25.93 -23.65 -7.08
N PRO B 2 -25.37 -22.43 -7.25
CA PRO B 2 -26.08 -21.15 -7.09
C PRO B 2 -26.66 -20.69 -8.41
N HIS B 3 -27.71 -19.89 -8.39
CA HIS B 3 -28.20 -19.37 -9.65
C HIS B 3 -27.18 -18.34 -10.11
N MSE B 4 -26.95 -18.27 -11.42
CA MSE B 4 -25.81 -17.53 -11.91
C MSE B 4 -25.91 -16.01 -11.84
O MSE B 4 -24.89 -15.33 -11.98
CB MSE B 4 -25.47 -17.98 -13.32
CG MSE B 4 -25.17 -19.46 -13.38
SE MSE B 4 -24.57 -20.07 -15.13
CE MSE B 4 -23.12 -18.77 -15.42
N GLU B 5 -27.10 -15.48 -11.60
CA GLU B 5 -27.27 -14.03 -11.48
C GLU B 5 -27.77 -13.61 -10.09
N ASP B 6 -27.52 -14.49 -9.10
CA ASP B 6 -27.96 -14.33 -7.72
C ASP B 6 -27.05 -13.40 -6.91
N GLU B 7 -27.51 -12.20 -6.62
CA GLU B 7 -26.69 -11.25 -5.86
C GLU B 7 -26.40 -11.75 -4.47
N ALA B 8 -27.35 -12.47 -3.87
CA ALA B 8 -27.10 -12.97 -2.53
C ALA B 8 -25.89 -13.90 -2.57
N TYR B 9 -25.86 -14.80 -3.54
CA TYR B 9 -24.69 -15.65 -3.72
C TYR B 9 -23.38 -14.85 -3.89
N PHE B 10 -23.37 -13.82 -4.73
CA PHE B 10 -22.14 -13.05 -4.94
C PHE B 10 -21.67 -12.34 -3.67
N ILE B 11 -22.59 -11.72 -2.94
CA ILE B 11 -22.24 -11.10 -1.67
C ILE B 11 -21.60 -12.13 -0.73
N ALA B 12 -22.22 -13.30 -0.61
CA ALA B 12 -21.66 -14.37 0.22
C ALA B 12 -20.23 -14.69 -0.21
N LYS B 13 -20.05 -14.87 -1.51
CA LYS B 13 -18.74 -15.23 -2.01
C LYS B 13 -17.74 -14.09 -1.72
N GLU B 14 -18.20 -12.84 -1.84
CA GLU B 14 -17.37 -11.69 -1.52
C GLU B 14 -16.98 -11.69 -0.03
N ILE B 15 -17.94 -11.97 0.85
CA ILE B 15 -17.66 -12.09 2.27
C ILE B 15 -16.56 -13.11 2.53
N LEU B 16 -16.70 -14.28 1.92
CA LEU B 16 -15.74 -15.36 2.10
C LEU B 16 -14.36 -15.05 1.55
N ALA B 17 -14.31 -14.59 0.30
CA ALA B 17 -13.02 -14.32 -0.32
C ALA B 17 -12.28 -13.26 0.44
N THR B 18 -12.98 -12.21 0.85
CA THR B 18 -12.32 -11.15 1.61
C THR B 18 -11.96 -11.55 3.03
N GLU B 19 -12.68 -12.50 3.61
CA GLU B 19 -12.34 -12.98 4.95
C GLU B 19 -11.00 -13.70 4.95
N ARG B 20 -10.80 -14.60 3.97
CA ARG B 20 -9.56 -15.36 3.83
C ARG B 20 -8.36 -14.41 3.73
N THR B 21 -8.46 -13.38 2.90
CA THR B 21 -7.33 -12.45 2.76
C THR B 21 -7.04 -11.69 4.05
N TYR B 22 -8.10 -11.19 4.67
CA TYR B 22 -7.93 -10.37 5.86
C TYR B 22 -7.24 -11.18 6.93
N LEU B 23 -7.50 -12.49 6.92
CA LEU B 23 -6.91 -13.39 7.90
C LEU B 23 -5.42 -13.56 7.68
N LYS B 24 -5.02 -13.85 6.43
CA LYS B 24 -3.61 -13.90 6.08
C LYS B 24 -2.93 -12.56 6.45
N ASP B 25 -3.65 -11.46 6.31
CA ASP B 25 -3.13 -10.15 6.69
C ASP B 25 -2.85 -10.09 8.18
N LEU B 26 -3.79 -10.52 9.01
CA LEU B 26 -3.53 -10.63 10.44
C LEU B 26 -2.32 -11.49 10.77
N GLU B 27 -2.10 -12.54 10.00
CA GLU B 27 -0.96 -13.42 10.28
C GLU B 27 0.39 -12.70 10.10
N VAL B 28 0.40 -11.57 9.41
CA VAL B 28 1.61 -10.79 9.27
C VAL B 28 2.05 -10.36 10.67
N ILE B 29 1.07 -10.10 11.51
CA ILE B 29 1.30 -9.65 12.87
C ILE B 29 1.37 -10.79 13.86
N THR B 30 0.40 -11.70 13.80
CA THR B 30 0.28 -12.71 14.84
C THR B 30 1.35 -13.78 14.72
N VAL B 31 1.85 -13.99 13.51
CA VAL B 31 2.85 -15.01 13.30
C VAL B 31 4.21 -14.44 12.89
N TRP B 32 4.26 -13.66 11.82
CA TRP B 32 5.57 -13.29 11.28
C TRP B 32 6.28 -12.17 12.04
N PHE B 33 5.52 -11.17 12.43
CA PHE B 33 6.07 -10.12 13.27
C PHE B 33 6.42 -10.66 14.64
N ARG B 34 5.53 -11.47 15.21
CA ARG B 34 5.79 -12.03 16.53
C ARG B 34 7.06 -12.86 16.52
N SER B 35 7.24 -13.65 15.46
CA SER B 35 8.43 -14.47 15.29
C SER B 35 9.70 -13.63 15.42
N VAL B 36 9.72 -12.53 14.68
CA VAL B 36 10.85 -11.64 14.64
C VAL B 36 11.05 -10.91 15.97
N LEU B 37 9.96 -10.42 16.57
CA LEU B 37 10.02 -9.67 17.81
C LEU B 37 10.59 -10.52 18.94
N ILE B 38 10.32 -11.81 18.84
CA ILE B 38 10.76 -12.76 19.83
C ILE B 38 12.23 -13.12 19.64
N LYS B 39 12.60 -13.45 18.40
CA LYS B 39 13.98 -13.83 18.05
C LYS B 39 14.95 -12.70 18.33
N GLU B 40 14.46 -11.46 18.32
CA GLU B 40 15.31 -10.31 18.56
C GLU B 40 15.16 -9.67 19.94
N GLU B 41 14.22 -10.17 20.75
CA GLU B 41 13.99 -9.63 22.10
C GLU B 41 13.81 -8.12 22.09
N ALA B 42 13.25 -7.61 21.00
CA ALA B 42 13.29 -6.19 20.68
C ALA B 42 12.20 -5.37 21.35
N MSE B 43 11.15 -6.02 21.82
CA MSE B 43 10.02 -5.29 22.36
C MSE B 43 9.79 -5.60 23.83
O MSE B 43 9.79 -6.78 24.22
CB MSE B 43 8.77 -5.64 21.57
CG MSE B 43 7.61 -4.70 21.81
SE MSE B 43 6.02 -5.27 20.81
CE MSE B 43 6.25 -4.27 19.15
N PRO B 44 9.64 -4.55 24.64
CA PRO B 44 9.31 -4.63 26.08
C PRO B 44 8.09 -5.52 26.24
N ALA B 45 8.07 -6.36 27.28
CA ALA B 45 6.98 -7.33 27.41
C ALA B 45 5.61 -6.66 27.48
N ALA B 46 5.54 -5.57 28.26
CA ALA B 46 4.30 -4.84 28.49
C ALA B 46 3.68 -4.34 27.21
N LEU B 47 4.52 -3.91 26.28
CA LEU B 47 4.05 -3.50 24.96
C LEU B 47 3.66 -4.72 24.14
N MSE B 48 4.39 -5.81 24.32
CA MSE B 48 4.10 -7.00 23.54
C MSE B 48 2.76 -7.55 24.00
O MSE B 48 1.95 -7.98 23.18
CB MSE B 48 5.22 -8.02 23.70
CG MSE B 48 5.76 -8.54 22.37
SE MSE B 48 6.64 -10.21 22.74
CE MSE B 48 8.45 -9.55 23.11
N ALA B 49 2.52 -7.50 25.30
CA ALA B 49 1.21 -7.84 25.84
C ALA B 49 0.11 -6.97 25.21
N LEU B 50 0.31 -5.66 25.25
CA LEU B 50 -0.70 -4.72 24.75
C LEU B 50 -1.06 -4.99 23.30
N LEU B 51 -0.06 -5.21 22.48
CA LEU B 51 -0.32 -5.51 21.08
C LEU B 51 -1.03 -6.86 20.96
N PHE B 52 -0.41 -7.93 21.44
CA PHE B 52 -0.96 -9.24 21.13
C PHE B 52 -2.23 -9.65 21.88
N SER B 53 -2.45 -9.11 23.07
CA SER B 53 -3.64 -9.44 23.82
C SER B 53 -4.89 -8.83 23.21
N ASN B 54 -4.72 -7.91 22.27
CA ASN B 54 -5.84 -7.21 21.64
C ASN B 54 -5.96 -7.53 20.16
N ILE B 55 -5.15 -8.50 19.74
CA ILE B 55 -5.16 -8.98 18.37
C ILE B 55 -5.43 -10.49 18.30
N ASP B 56 -4.77 -11.23 19.19
CA ASP B 56 -4.92 -12.68 19.28
C ASP B 56 -6.38 -13.11 19.34
N PRO B 57 -7.16 -12.51 20.25
CA PRO B 57 -8.57 -12.93 20.30
C PRO B 57 -9.38 -12.51 19.06
N VAL B 58 -9.09 -11.34 18.49
CA VAL B 58 -9.69 -10.93 17.23
C VAL B 58 -9.46 -12.00 16.16
N TYR B 59 -8.24 -12.50 16.07
CA TYR B 59 -7.92 -13.53 15.10
C TYR B 59 -8.71 -14.83 15.33
N GLU B 60 -8.88 -15.21 16.59
CA GLU B 60 -9.70 -16.37 16.91
C GLU B 60 -11.12 -16.18 16.38
N PHE B 61 -11.70 -15.03 16.68
CA PHE B 61 -13.03 -14.74 16.20
C PHE B 61 -13.18 -14.98 14.70
N HIS B 62 -12.33 -14.34 13.91
CA HIS B 62 -12.47 -14.45 12.46
C HIS B 62 -12.22 -15.87 11.94
N ARG B 63 -11.32 -16.59 12.57
CA ARG B 63 -11.15 -17.98 12.23
C ARG B 63 -12.41 -18.81 12.40
N GLY B 64 -13.17 -18.52 13.44
CA GLY B 64 -14.38 -19.25 13.67
C GLY B 64 -15.38 -18.88 12.61
N PHE B 65 -15.47 -17.59 12.35
CA PHE B 65 -16.39 -17.07 11.35
C PHE B 65 -16.06 -17.62 9.97
N LEU B 66 -14.77 -17.69 9.64
CA LEU B 66 -14.38 -18.13 8.31
C LEU B 66 -14.74 -19.56 8.16
N HIS B 67 -14.59 -20.29 9.24
CA HIS B 67 -14.86 -21.71 9.21
C HIS B 67 -16.31 -21.97 8.87
N GLU B 68 -17.20 -21.19 9.50
CA GLU B 68 -18.62 -21.33 9.29
C GLU B 68 -19.01 -20.91 7.87
N VAL B 69 -18.44 -19.83 7.39
CA VAL B 69 -18.75 -19.33 6.05
C VAL B 69 -18.31 -20.31 4.96
N GLU B 70 -17.09 -20.78 5.05
CA GLU B 70 -16.58 -21.81 4.13
C GLU B 70 -17.44 -23.07 3.97
N GLN B 71 -17.95 -23.58 5.09
CA GLN B 71 -18.79 -24.76 5.09
C GLN B 71 -20.01 -24.47 4.26
N ARG B 72 -20.63 -23.34 4.57
CA ARG B 72 -21.91 -22.98 4.02
C ARG B 72 -21.78 -22.74 2.53
N LEU B 73 -20.76 -21.99 2.12
CA LEU B 73 -20.60 -21.66 0.70
C LEU B 73 -20.39 -22.89 -0.14
N ALA B 74 -19.74 -23.89 0.43
CA ALA B 74 -19.49 -25.12 -0.32
C ALA B 74 -20.79 -25.93 -0.45
N LEU B 75 -21.63 -25.86 0.58
CA LEU B 75 -22.96 -26.45 0.52
C LEU B 75 -23.82 -25.71 -0.48
N TRP B 76 -23.62 -24.41 -0.55
CA TRP B 76 -24.38 -23.53 -1.43
C TRP B 76 -24.02 -23.81 -2.88
N GLU B 77 -22.72 -23.89 -3.17
CA GLU B 77 -22.28 -24.03 -4.56
C GLU B 77 -22.16 -25.49 -5.02
N GLY B 78 -22.42 -26.41 -4.09
CA GLY B 78 -22.53 -27.83 -4.42
C GLY B 78 -23.95 -28.33 -4.55
N PRO B 79 -24.11 -29.58 -5.01
CA PRO B 79 -25.46 -30.08 -5.27
C PRO B 79 -26.14 -30.36 -3.95
N SER B 80 -27.39 -29.95 -3.82
CA SER B 80 -28.06 -30.11 -2.55
C SER B 80 -29.35 -30.84 -2.81
N SER B 81 -29.69 -31.77 -1.92
CA SER B 81 -31.00 -32.39 -1.91
C SER B 81 -32.07 -31.31 -1.85
N ALA B 82 -33.19 -31.51 -2.52
CA ALA B 82 -34.23 -30.50 -2.60
C ALA B 82 -34.61 -29.89 -1.25
N HIS B 83 -34.77 -30.73 -0.23
CA HIS B 83 -35.18 -30.23 1.09
C HIS B 83 -34.09 -29.45 1.80
N LEU B 84 -32.86 -29.55 1.33
CA LEU B 84 -31.78 -28.78 1.95
C LEU B 84 -31.44 -27.51 1.19
N LYS B 85 -31.92 -27.38 -0.04
CA LYS B 85 -31.59 -26.26 -0.92
C LYS B 85 -31.80 -24.93 -0.22
N GLY B 86 -32.94 -24.76 0.42
CA GLY B 86 -33.26 -23.51 1.08
C GLY B 86 -32.31 -23.12 2.19
N ASP B 87 -31.89 -24.11 2.98
CA ASP B 87 -31.01 -23.89 4.11
C ASP B 87 -29.56 -23.79 3.72
N HIS B 88 -29.17 -24.49 2.66
CA HIS B 88 -27.81 -24.34 2.14
C HIS B 88 -27.63 -23.06 1.36
N GLN B 89 -28.71 -22.48 0.85
CA GLN B 89 -28.53 -21.34 -0.06
C GLN B 89 -28.85 -20.00 0.60
N ARG B 90 -28.15 -19.78 1.70
CA ARG B 90 -28.30 -18.56 2.46
C ARG B 90 -27.15 -18.42 3.43
N ILE B 91 -27.07 -17.27 4.07
CA ILE B 91 -25.88 -16.90 4.81
C ILE B 91 -26.24 -16.18 6.10
N GLY B 92 -27.46 -15.68 6.17
CA GLY B 92 -27.86 -14.75 7.20
C GLY B 92 -27.83 -15.32 8.60
N ASP B 93 -28.13 -16.61 8.73
CA ASP B 93 -28.10 -17.22 10.06
C ASP B 93 -26.70 -17.20 10.64
N ILE B 94 -25.71 -17.46 9.79
CA ILE B 94 -24.32 -17.43 10.18
C ILE B 94 -23.88 -16.00 10.50
N LEU B 95 -24.16 -15.07 9.59
CA LEU B 95 -23.86 -13.67 9.85
C LEU B 95 -24.44 -13.23 11.18
N LEU B 96 -25.67 -13.59 11.46
CA LEU B 96 -26.31 -13.14 12.68
C LEU B 96 -25.62 -13.72 13.90
N ARG B 97 -25.36 -15.02 13.88
CA ARG B 97 -24.63 -15.66 14.99
C ARG B 97 -23.31 -14.93 15.26
N ASN B 98 -22.50 -14.74 14.23
CA ASN B 98 -21.20 -14.09 14.40
C ASN B 98 -21.23 -12.58 14.71
N MSE B 99 -22.12 -11.82 14.12
CA MSE B 99 -22.23 -10.40 14.49
C MSE B 99 -22.60 -10.26 15.97
O MSE B 99 -22.18 -9.32 16.64
CB MSE B 99 -23.21 -9.63 13.62
CG MSE B 99 -22.82 -9.52 12.14
SE MSE B 99 -20.96 -9.07 11.66
CE MSE B 99 -20.11 -10.83 11.70
N ARG B 100 -23.38 -11.19 16.48
CA ARG B 100 -23.71 -11.19 17.89
C ARG B 100 -22.48 -11.54 18.70
N GLN B 101 -21.71 -12.54 18.27
CA GLN B 101 -20.53 -12.98 19.01
C GLN B 101 -19.57 -11.81 19.10
N LEU B 102 -19.55 -11.03 18.03
CA LEU B 102 -18.64 -9.93 17.87
C LEU B 102 -18.79 -8.90 18.98
N LYS B 103 -19.99 -8.75 19.52
CA LYS B 103 -20.17 -7.81 20.63
C LYS B 103 -19.29 -8.15 21.84
N GLU B 104 -18.91 -9.40 21.96
CA GLU B 104 -18.05 -9.86 23.04
C GLU B 104 -16.56 -9.55 22.80
N PHE B 105 -16.29 -8.85 21.70
CA PHE B 105 -14.91 -8.57 21.30
C PHE B 105 -14.63 -7.08 21.09
N THR B 106 -15.63 -6.22 21.30
CA THR B 106 -15.47 -4.81 21.01
C THR B 106 -14.36 -4.21 21.86
N SER B 107 -14.19 -4.74 23.06
CA SER B 107 -13.21 -4.20 23.97
C SER B 107 -11.80 -4.27 23.36
N TYR B 108 -11.50 -5.32 22.60
CA TYR B 108 -10.19 -5.43 22.00
C TYR B 108 -10.02 -4.40 20.91
N PHE B 109 -11.01 -4.27 20.04
CA PHE B 109 -10.92 -3.31 18.94
C PHE B 109 -10.73 -1.91 19.49
N GLN B 110 -11.44 -1.58 20.56
CA GLN B 110 -11.35 -0.25 21.14
C GLN B 110 -9.94 0.10 21.57
N ARG B 111 -9.11 -0.89 21.84
CA ARG B 111 -7.76 -0.61 22.32
C ARG B 111 -6.75 -0.43 21.17
N HIS B 112 -7.19 -0.61 19.93
CA HIS B 112 -6.25 -0.54 18.80
C HIS B 112 -5.67 0.83 18.54
N ASP B 113 -6.45 1.88 18.70
CA ASP B 113 -5.88 3.22 18.50
C ASP B 113 -4.79 3.46 19.53
N GLU B 114 -5.01 2.93 20.74
CA GLU B 114 -4.04 2.99 21.81
C GLU B 114 -2.80 2.11 21.51
N VAL B 115 -3.01 0.91 20.96
CA VAL B 115 -1.91 0.04 20.60
C VAL B 115 -0.99 0.74 19.61
N LEU B 116 -1.60 1.36 18.62
CA LEU B 116 -0.89 2.04 17.57
C LEU B 116 -0.04 3.15 18.14
N THR B 117 -0.66 3.97 18.97
CA THR B 117 -0.01 5.10 19.58
C THR B 117 1.25 4.67 20.31
N GLU B 118 1.12 3.61 21.08
CA GLU B 118 2.19 3.14 21.95
C GLU B 118 3.34 2.55 21.17
N LEU B 119 3.03 1.94 20.02
CA LEU B 119 4.06 1.40 19.16
C LEU B 119 4.91 2.51 18.56
N GLU B 120 4.26 3.54 18.02
CA GLU B 120 5.00 4.62 17.40
C GLU B 120 5.84 5.27 18.48
N LYS B 121 5.22 5.53 19.62
CA LYS B 121 5.90 6.14 20.75
C LYS B 121 7.13 5.33 21.14
N ALA B 122 6.99 4.01 21.20
CA ALA B 122 8.11 3.13 21.53
C ALA B 122 9.18 3.10 20.45
N THR B 123 8.78 2.96 19.19
CA THR B 123 9.71 2.92 18.08
C THR B 123 10.57 4.20 17.98
N LYS B 124 9.93 5.37 18.09
CA LYS B 124 10.63 6.65 18.06
C LYS B 124 11.68 6.74 19.17
N HIS B 125 11.40 6.13 20.32
CA HIS B 125 12.24 6.23 21.51
C HIS B 125 13.14 5.00 21.71
N CYS B 126 13.37 4.23 20.67
CA CYS B 126 14.21 3.03 20.76
C CYS B 126 14.78 2.60 19.41
N LYS B 127 16.09 2.79 19.25
CA LYS B 127 16.77 2.51 18.00
C LYS B 127 16.62 1.04 17.58
N LYS B 128 16.73 0.13 18.54
CA LYS B 128 16.70 -1.30 18.23
C LYS B 128 15.34 -1.79 17.74
N LEU B 129 14.26 -1.38 18.42
CA LEU B 129 12.92 -1.76 17.98
C LEU B 129 12.67 -1.21 16.60
N GLU B 130 13.14 0.01 16.38
CA GLU B 130 12.96 0.66 15.09
C GLU B 130 13.67 -0.13 14.00
N ALA B 131 14.87 -0.59 14.31
CA ALA B 131 15.69 -1.35 13.35
C ALA B 131 14.99 -2.64 12.95
N VAL B 132 14.32 -3.26 13.92
CA VAL B 132 13.57 -4.49 13.68
C VAL B 132 12.37 -4.27 12.77
N TYR B 133 11.68 -3.14 12.97
CA TYR B 133 10.60 -2.72 12.07
C TYR B 133 11.12 -2.58 10.66
N LYS B 134 12.19 -1.81 10.50
CA LYS B 134 12.76 -1.55 9.19
C LYS B 134 13.07 -2.86 8.46
N GLU B 135 13.70 -3.79 9.18
CA GLU B 135 14.13 -5.06 8.59
C GLU B 135 12.97 -5.95 8.28
N PHE B 136 11.96 -5.93 9.15
CA PHE B 136 10.79 -6.74 8.91
C PHE B 136 10.05 -6.21 7.69
N GLU B 137 10.02 -4.89 7.54
CA GLU B 137 9.23 -4.31 6.46
C GLU B 137 9.84 -4.57 5.08
N LEU B 138 11.11 -4.98 5.06
CA LEU B 138 11.75 -5.40 3.81
C LEU B 138 11.41 -6.81 3.36
N GLN B 139 10.72 -7.57 4.21
CA GLN B 139 10.44 -8.95 3.89
C GLN B 139 9.23 -9.02 2.98
N LYS B 140 9.18 -10.00 2.08
CA LYS B 140 8.09 -10.06 1.13
C LYS B 140 6.73 -10.16 1.84
N VAL B 141 6.73 -10.71 3.05
CA VAL B 141 5.48 -10.98 3.78
C VAL B 141 4.81 -9.73 4.24
N CYS B 142 5.63 -8.78 4.63
CA CYS B 142 5.19 -7.51 5.14
C CYS B 142 5.14 -6.58 3.95
N TYR B 143 4.04 -6.64 3.19
CA TYR B 143 3.97 -5.93 1.92
C TYR B 143 3.42 -4.52 2.11
N LEU B 144 2.98 -4.21 3.32
CA LEU B 144 2.63 -2.85 3.68
C LEU B 144 3.45 -2.51 4.88
N PRO B 145 3.58 -1.24 5.19
CA PRO B 145 4.29 -0.94 6.42
C PRO B 145 3.50 -1.56 7.55
N LEU B 146 4.19 -2.30 8.41
CA LEU B 146 3.58 -3.10 9.46
C LEU B 146 2.40 -2.44 10.17
N ASN B 147 2.63 -1.27 10.75
CA ASN B 147 1.58 -0.60 11.49
C ASN B 147 0.28 -0.38 10.70
N THR B 148 0.31 -0.38 9.37
CA THR B 148 -0.95 -0.13 8.66
C THR B 148 -1.85 -1.36 8.69
N PHE B 149 -1.25 -2.51 8.99
CA PHE B 149 -2.03 -3.72 9.21
C PHE B 149 -2.94 -3.58 10.42
N LEU B 150 -2.54 -2.76 11.40
CA LEU B 150 -3.33 -2.58 12.62
C LEU B 150 -4.62 -1.81 12.38
N LEU B 151 -4.67 -1.06 11.29
CA LEU B 151 -5.92 -0.42 10.90
C LEU B 151 -6.87 -1.40 10.23
N LYS B 152 -6.39 -2.60 9.89
CA LYS B 152 -7.25 -3.55 9.17
C LYS B 152 -8.45 -4.12 9.96
N PRO B 153 -8.26 -4.54 11.22
CA PRO B 153 -9.40 -5.09 11.97
C PRO B 153 -10.63 -4.18 12.04
N VAL B 154 -10.49 -2.95 12.50
CA VAL B 154 -11.67 -2.10 12.59
C VAL B 154 -12.25 -1.79 11.22
N GLN B 155 -11.38 -1.63 10.23
CA GLN B 155 -11.85 -1.48 8.87
C GLN B 155 -12.68 -2.69 8.41
N ARG B 156 -12.28 -3.89 8.81
CA ARG B 156 -13.05 -5.09 8.48
C ARG B 156 -14.48 -5.00 8.99
N LEU B 157 -14.65 -4.41 10.17
CA LEU B 157 -15.99 -4.32 10.75
C LEU B 157 -16.87 -3.41 9.92
N VAL B 158 -16.32 -2.28 9.51
CA VAL B 158 -17.02 -1.36 8.63
C VAL B 158 -17.43 -2.06 7.35
N HIS B 159 -16.51 -2.84 6.80
CA HIS B 159 -16.77 -3.64 5.62
C HIS B 159 -17.97 -4.56 5.83
N TYR B 160 -18.02 -5.26 6.98
CA TYR B 160 -19.17 -6.08 7.34
C TYR B 160 -20.49 -5.29 7.26
N ARG B 161 -20.48 -4.05 7.75
CA ARG B 161 -21.71 -3.28 7.80
C ARG B 161 -22.17 -3.04 6.36
N LEU B 162 -21.23 -2.87 5.45
CA LEU B 162 -21.56 -2.61 4.08
C LEU B 162 -22.18 -3.83 3.44
N LEU B 163 -21.47 -4.94 3.61
CA LEU B 163 -21.89 -6.22 3.07
C LEU B 163 -23.29 -6.59 3.57
N LEU B 164 -23.50 -6.48 4.88
CA LEU B 164 -24.84 -6.73 5.41
C LEU B 164 -25.88 -5.75 4.86
N SER B 165 -25.46 -4.53 4.55
CA SER B 165 -26.39 -3.57 3.99
C SER B 165 -26.92 -4.01 2.64
N ARG B 166 -26.02 -4.56 1.85
CA ARG B 166 -26.35 -4.97 0.50
C ARG B 166 -27.31 -6.14 0.54
N LEU B 167 -26.98 -7.13 1.39
CA LEU B 167 -27.87 -8.26 1.58
C LEU B 167 -29.25 -7.76 1.98
N CYS B 168 -29.30 -6.85 2.96
CA CYS B 168 -30.57 -6.37 3.42
C CYS B 168 -31.33 -5.65 2.31
N ALA B 169 -30.61 -4.88 1.51
CA ALA B 169 -31.22 -4.20 0.37
C ALA B 169 -31.67 -5.17 -0.71
N HIS B 170 -30.97 -6.28 -0.86
CA HIS B 170 -31.29 -7.24 -1.92
C HIS B 170 -32.56 -8.01 -1.61
N TYR B 171 -32.58 -8.68 -0.46
CA TYR B 171 -33.68 -9.54 -0.05
C TYR B 171 -35.02 -8.81 0.09
N SER B 172 -36.10 -9.46 -0.32
CA SER B 172 -37.44 -8.94 -0.03
C SER B 172 -37.93 -9.59 1.25
N PRO B 173 -38.80 -8.91 1.98
CA PRO B 173 -39.33 -9.43 3.25
C PRO B 173 -39.93 -10.84 3.19
N GLY B 174 -40.27 -11.34 2.00
CA GLY B 174 -40.70 -12.72 1.88
C GLY B 174 -39.62 -13.75 2.23
N HIS B 175 -38.37 -13.36 2.03
CA HIS B 175 -37.27 -14.30 1.93
C HIS B 175 -36.83 -14.98 3.24
N ARG B 176 -36.39 -16.24 3.13
CA ARG B 176 -35.94 -17.03 4.29
C ARG B 176 -34.79 -16.34 4.99
N ASP B 177 -34.02 -15.58 4.23
CA ASP B 177 -32.83 -14.96 4.77
C ASP B 177 -33.03 -13.51 5.21
N TYR B 178 -34.19 -12.93 4.89
CA TYR B 178 -34.42 -11.52 5.14
C TYR B 178 -34.28 -11.18 6.61
N ALA B 179 -34.97 -11.95 7.45
CA ALA B 179 -35.02 -11.68 8.89
C ALA B 179 -33.65 -11.77 9.56
N ASP B 180 -32.92 -12.85 9.29
CA ASP B 180 -31.66 -13.04 9.96
C ASP B 180 -30.67 -11.96 9.51
N CYS B 181 -30.78 -11.52 8.27
CA CYS B 181 -29.83 -10.53 7.77
C CYS B 181 -30.10 -9.20 8.38
N HIS B 182 -31.38 -8.89 8.59
CA HIS B 182 -31.73 -7.61 9.20
C HIS B 182 -31.27 -7.55 10.65
N GLU B 183 -31.45 -8.66 11.37
CA GLU B 183 -30.94 -8.74 12.72
C GLU B 183 -29.42 -8.61 12.75
N ALA B 184 -28.75 -9.27 11.82
CA ALA B 184 -27.30 -9.19 11.73
C ALA B 184 -26.81 -7.76 11.45
N LEU B 185 -27.49 -7.03 10.58
CA LEU B 185 -27.09 -5.66 10.27
C LEU B 185 -27.23 -4.79 11.50
N LYS B 186 -28.31 -5.01 12.23
CA LYS B 186 -28.56 -4.29 13.46
C LYS B 186 -27.39 -4.53 14.40
N ALA B 187 -26.92 -5.76 14.48
CA ALA B 187 -25.86 -6.10 15.42
C ALA B 187 -24.51 -5.45 15.04
N ILE B 188 -24.15 -5.53 13.77
CA ILE B 188 -22.87 -4.99 13.34
C ILE B 188 -22.90 -3.46 13.43
N THR B 189 -24.07 -2.90 13.16
CA THR B 189 -24.21 -1.46 13.22
C THR B 189 -24.02 -1.02 14.65
N GLU B 190 -24.60 -1.79 15.56
CA GLU B 190 -24.43 -1.59 17.00
C GLU B 190 -22.95 -1.50 17.33
N VAL B 191 -22.19 -2.47 16.83
CA VAL B 191 -20.76 -2.56 17.11
C VAL B 191 -19.99 -1.39 16.50
N THR B 192 -20.18 -1.13 15.21
CA THR B 192 -19.46 -0.01 14.59
C THR B 192 -19.84 1.32 15.22
N THR B 193 -21.08 1.45 15.70
CA THR B 193 -21.42 2.66 16.43
C THR B 193 -20.60 2.83 17.71
N GLU B 194 -20.49 1.77 18.50
CA GLU B 194 -19.69 1.80 19.72
C GLU B 194 -18.23 2.10 19.41
N LEU B 195 -17.75 1.59 18.30
CA LEU B 195 -16.36 1.81 17.92
C LEU B 195 -16.12 3.10 17.12
N GLN B 196 -17.16 3.92 16.94
CA GLN B 196 -17.01 5.12 16.11
C GLN B 196 -15.83 5.97 16.55
N GLN B 197 -15.74 6.26 17.85
CA GLN B 197 -14.64 7.04 18.40
C GLN B 197 -13.31 6.46 17.98
N SER B 198 -13.12 5.17 18.24
CA SER B 198 -11.85 4.51 17.97
C SER B 198 -11.57 4.53 16.48
N LEU B 199 -12.64 4.41 15.70
CA LEU B 199 -12.53 4.45 14.25
C LEU B 199 -11.91 5.78 13.76
N THR B 200 -12.57 6.92 14.01
CA THR B 200 -12.02 8.19 13.55
C THR B 200 -10.67 8.49 14.20
N ARG B 201 -10.46 8.00 15.41
CA ARG B 201 -9.16 8.14 16.04
C ARG B 201 -8.08 7.43 15.23
N LEU B 202 -8.43 6.26 14.69
CA LEU B 202 -7.53 5.45 13.87
C LEU B 202 -7.32 6.07 12.48
N GLU B 203 -8.40 6.47 11.82
CA GLU B 203 -8.33 7.31 10.62
C GLU B 203 -7.34 8.47 10.78
N ASN B 204 -7.55 9.29 11.81
CA ASN B 204 -6.67 10.45 12.06
C ASN B 204 -5.23 10.04 12.29
N LEU B 205 -5.03 8.96 13.04
CA LEU B 205 -3.69 8.44 13.23
C LEU B 205 -3.01 8.09 11.92
N GLN B 206 -3.80 7.51 11.02
CA GLN B 206 -3.33 7.10 9.71
C GLN B 206 -2.91 8.31 8.89
N LYS B 207 -3.88 9.17 8.60
CA LYS B 207 -3.61 10.41 7.88
C LYS B 207 -2.36 11.11 8.40
N LEU B 208 -2.21 11.20 9.72
CA LEU B 208 -1.09 11.95 10.29
C LEU B 208 0.23 11.27 9.95
N THR B 209 0.23 9.95 9.93
CA THR B 209 1.50 9.28 9.70
C THR B 209 1.86 9.30 8.22
N GLU B 210 0.86 9.06 7.37
CA GLU B 210 0.97 9.25 5.92
C GLU B 210 1.60 10.62 5.62
N LEU B 211 0.97 11.67 6.16
CA LEU B 211 1.37 13.04 5.87
C LEU B 211 2.75 13.38 6.40
N GLN B 212 3.14 12.76 7.52
CA GLN B 212 4.43 13.09 8.15
C GLN B 212 5.56 12.43 7.39
N ARG B 213 5.26 11.25 6.85
CA ARG B 213 6.22 10.41 6.15
C ARG B 213 6.47 10.99 4.77
N ASP B 214 5.66 11.96 4.38
CA ASP B 214 5.69 12.54 3.04
C ASP B 214 5.66 14.09 3.05
N LEU B 215 6.72 14.71 3.55
CA LEU B 215 6.80 16.18 3.52
C LEU B 215 7.49 16.65 2.26
N VAL B 216 7.35 17.94 1.96
CA VAL B 216 7.85 18.48 0.72
C VAL B 216 9.36 18.52 0.72
N GLY C 1 -2.38 4.64 2.75
CA GLY C 1 -3.43 3.65 2.53
C GLY C 1 -4.78 4.20 2.11
N PRO C 2 -5.82 3.34 2.08
CA PRO C 2 -7.18 3.76 1.73
C PRO C 2 -7.84 4.42 2.90
N HIS C 3 -8.90 5.18 2.65
CA HIS C 3 -9.65 5.74 3.77
C HIS C 3 -10.51 4.61 4.25
N MSE C 4 -10.74 4.56 5.56
CA MSE C 4 -11.36 3.38 6.13
C MSE C 4 -12.81 3.13 5.78
O MSE C 4 -13.26 1.99 5.86
CB MSE C 4 -11.15 3.35 7.63
CG MSE C 4 -9.71 3.07 7.97
SE MSE C 4 -9.33 3.18 9.88
CE MSE C 4 -10.23 1.53 10.48
N GLU C 5 -13.55 4.15 5.36
CA GLU C 5 -14.95 3.96 5.02
C GLU C 5 -15.21 4.07 3.51
N ASP C 6 -14.12 4.03 2.75
CA ASP C 6 -14.10 4.23 1.30
C ASP C 6 -14.71 3.06 0.52
N GLU C 7 -15.90 3.26 -0.03
CA GLU C 7 -16.60 2.17 -0.69
C GLU C 7 -15.88 1.73 -1.95
N ALA C 8 -15.28 2.67 -2.65
CA ALA C 8 -14.53 2.30 -3.85
C ALA C 8 -13.41 1.32 -3.49
N TYR C 9 -12.64 1.64 -2.45
CA TYR C 9 -11.60 0.72 -2.00
C TYR C 9 -12.15 -0.71 -1.76
N PHE C 10 -13.25 -0.83 -1.02
CA PHE C 10 -13.85 -2.14 -0.75
C PHE C 10 -14.24 -2.90 -2.01
N ILE C 11 -14.84 -2.23 -2.97
CA ILE C 11 -15.22 -2.89 -4.20
C ILE C 11 -13.97 -3.45 -4.87
N ALA C 12 -12.92 -2.64 -4.99
CA ALA C 12 -11.66 -3.08 -5.57
C ALA C 12 -11.11 -4.28 -4.82
N LYS C 13 -11.11 -4.22 -3.49
CA LYS C 13 -10.61 -5.34 -2.71
C LYS C 13 -11.45 -6.60 -2.97
N GLU C 14 -12.76 -6.43 -3.08
CA GLU C 14 -13.70 -7.50 -3.42
C GLU C 14 -13.40 -8.12 -4.80
N ILE C 15 -13.13 -7.29 -5.80
CA ILE C 15 -12.72 -7.74 -7.11
C ILE C 15 -11.46 -8.60 -7.02
N LEU C 16 -10.47 -8.10 -6.28
CA LEU C 16 -9.21 -8.80 -6.15
C LEU C 16 -9.37 -10.14 -5.46
N ALA C 17 -10.01 -10.14 -4.29
CA ALA C 17 -10.09 -11.38 -3.51
C ALA C 17 -10.89 -12.44 -4.25
N THR C 18 -11.99 -12.04 -4.87
CA THR C 18 -12.77 -12.98 -5.65
C THR C 18 -12.06 -13.41 -6.93
N GLU C 19 -11.25 -12.55 -7.53
CA GLU C 19 -10.43 -12.97 -8.66
C GLU C 19 -9.45 -14.12 -8.32
N ARG C 20 -8.71 -13.99 -7.21
CA ARG C 20 -7.80 -15.05 -6.78
C ARG C 20 -8.50 -16.39 -6.56
N THR C 21 -9.62 -16.41 -5.82
CA THR C 21 -10.30 -17.69 -5.59
C THR C 21 -10.82 -18.26 -6.92
N TYR C 22 -11.29 -17.39 -7.82
CA TYR C 22 -11.88 -17.90 -9.07
C TYR C 22 -10.79 -18.58 -9.86
N LEU C 23 -9.61 -18.00 -9.85
CA LEU C 23 -8.49 -18.56 -10.59
C LEU C 23 -8.06 -19.91 -10.04
N LYS C 24 -7.99 -20.03 -8.72
CA LYS C 24 -7.69 -21.31 -8.11
C LYS C 24 -8.74 -22.35 -8.54
N ASP C 25 -9.99 -21.93 -8.68
CA ASP C 25 -11.06 -22.81 -9.20
C ASP C 25 -10.80 -23.29 -10.63
N LEU C 26 -10.45 -22.37 -11.52
CA LEU C 26 -10.02 -22.75 -12.86
C LEU C 26 -8.86 -23.77 -12.86
N GLU C 27 -7.92 -23.63 -11.93
CA GLU C 27 -6.81 -24.59 -11.87
C GLU C 27 -7.25 -26.03 -11.58
N VAL C 28 -8.47 -26.21 -11.06
CA VAL C 28 -8.98 -27.55 -10.85
C VAL C 28 -9.12 -28.23 -12.20
N ILE C 29 -9.55 -27.47 -13.19
CA ILE C 29 -9.71 -27.98 -14.53
C ILE C 29 -8.40 -27.97 -15.29
N THR C 30 -7.77 -26.80 -15.35
CA THR C 30 -6.59 -26.64 -16.20
C THR C 30 -5.39 -27.42 -15.75
N VAL C 31 -5.31 -27.71 -14.45
CA VAL C 31 -4.13 -28.40 -13.97
C VAL C 31 -4.40 -29.80 -13.41
N TRP C 32 -5.30 -29.92 -12.46
CA TRP C 32 -5.46 -31.18 -11.75
C TRP C 32 -6.29 -32.19 -12.49
N PHE C 33 -7.36 -31.70 -13.12
CA PHE C 33 -8.18 -32.57 -13.94
C PHE C 33 -7.37 -33.00 -15.15
N ARG C 34 -6.69 -32.03 -15.76
CA ARG C 34 -5.88 -32.32 -16.92
C ARG C 34 -4.82 -33.37 -16.60
N SER C 35 -4.21 -33.23 -15.43
CA SER C 35 -3.19 -34.17 -14.98
C SER C 35 -3.71 -35.61 -15.00
N VAL C 36 -4.87 -35.79 -14.37
CA VAL C 36 -5.54 -37.06 -14.28
C VAL C 36 -5.98 -37.58 -15.65
N LEU C 37 -6.58 -36.71 -16.46
CA LEU C 37 -7.11 -37.13 -17.76
C LEU C 37 -6.01 -37.66 -18.65
N ILE C 38 -4.85 -37.02 -18.56
CA ILE C 38 -3.68 -37.40 -19.31
C ILE C 38 -3.08 -38.72 -18.83
N LYS C 39 -2.95 -38.86 -17.51
CA LYS C 39 -2.38 -40.06 -16.87
C LYS C 39 -3.21 -41.31 -17.10
N GLU C 40 -4.48 -41.14 -17.51
CA GLU C 40 -5.35 -42.29 -17.78
C GLU C 40 -5.74 -42.46 -19.25
N GLU C 41 -5.25 -41.58 -20.13
CA GLU C 41 -5.68 -41.56 -21.53
C GLU C 41 -7.19 -41.66 -21.66
N ALA C 42 -7.88 -41.08 -20.70
CA ALA C 42 -9.30 -41.33 -20.51
C ALA C 42 -10.22 -40.56 -21.46
N MSE C 43 -9.69 -39.53 -22.10
CA MSE C 43 -10.50 -38.67 -22.95
C MSE C 43 -9.99 -38.64 -24.38
O MSE C 43 -8.79 -38.48 -24.61
CB MSE C 43 -10.54 -37.27 -22.39
CG MSE C 43 -11.64 -36.37 -22.92
SE MSE C 43 -11.65 -34.61 -22.00
CE MSE C 43 -12.98 -34.99 -20.62
N PRO C 44 -10.90 -38.81 -25.36
CA PRO C 44 -10.60 -38.68 -26.79
C PRO C 44 -9.98 -37.33 -27.04
N ALA C 45 -8.97 -37.27 -27.91
CA ALA C 45 -8.23 -36.04 -28.13
C ALA C 45 -9.14 -34.87 -28.51
N ALA C 46 -10.04 -35.13 -29.46
CA ALA C 46 -10.94 -34.11 -29.96
C ALA C 46 -11.75 -33.42 -28.86
N LEU C 47 -12.16 -34.20 -27.86
CA LEU C 47 -12.91 -33.66 -26.74
C LEU C 47 -11.98 -32.89 -25.83
N MSE C 48 -10.77 -33.41 -25.63
CA MSE C 48 -9.78 -32.69 -24.85
C MSE C 48 -9.53 -31.33 -25.47
O MSE C 48 -9.52 -30.33 -24.76
CB MSE C 48 -8.50 -33.49 -24.77
CG MSE C 48 -8.44 -34.38 -23.55
SE MSE C 48 -6.67 -34.33 -22.80
CE MSE C 48 -5.67 -34.70 -24.41
N ALA C 49 -9.34 -31.32 -26.78
CA ALA C 49 -9.25 -30.06 -27.52
C ALA C 49 -10.43 -29.14 -27.19
N LEU C 50 -11.65 -29.59 -27.44
CA LEU C 50 -12.85 -28.79 -27.17
C LEU C 50 -12.85 -28.17 -25.78
N LEU C 51 -12.56 -28.97 -24.78
CA LEU C 51 -12.49 -28.46 -23.42
C LEU C 51 -11.37 -27.43 -23.24
N PHE C 52 -10.13 -27.87 -23.39
CA PHE C 52 -9.05 -27.02 -22.96
C PHE C 52 -8.77 -25.82 -23.86
N SER C 53 -9.10 -25.92 -25.14
CA SER C 53 -8.89 -24.80 -26.02
C SER C 53 -9.82 -23.64 -25.70
N ASN C 54 -10.89 -23.88 -24.94
CA ASN C 54 -11.85 -22.82 -24.60
C ASN C 54 -11.81 -22.43 -23.14
N ILE C 55 -10.75 -22.87 -22.46
CA ILE C 55 -10.51 -22.58 -21.05
C ILE C 55 -9.12 -22.01 -20.83
N ASP C 56 -8.14 -22.65 -21.44
CA ASP C 56 -6.76 -22.19 -21.43
C ASP C 56 -6.61 -20.70 -21.71
N PRO C 57 -7.28 -20.20 -22.76
CA PRO C 57 -7.13 -18.75 -22.99
C PRO C 57 -7.81 -17.93 -21.92
N VAL C 58 -8.99 -18.37 -21.47
CA VAL C 58 -9.71 -17.70 -20.41
C VAL C 58 -8.84 -17.53 -19.17
N TYR C 59 -8.15 -18.60 -18.79
CA TYR C 59 -7.23 -18.53 -17.67
C TYR C 59 -6.11 -17.50 -17.89
N GLU C 60 -5.52 -17.49 -19.08
CA GLU C 60 -4.51 -16.49 -19.40
C GLU C 60 -5.05 -15.09 -19.19
N PHE C 61 -6.25 -14.82 -19.70
CA PHE C 61 -6.85 -13.51 -19.54
C PHE C 61 -6.92 -13.08 -18.09
N HIS C 62 -7.53 -13.94 -17.27
CA HIS C 62 -7.72 -13.65 -15.86
C HIS C 62 -6.41 -13.47 -15.11
N ARG C 63 -5.40 -14.24 -15.49
CA ARG C 63 -4.11 -14.05 -14.89
C ARG C 63 -3.48 -12.70 -15.17
N GLY C 64 -3.69 -12.18 -16.37
CA GLY C 64 -3.18 -10.88 -16.70
C GLY C 64 -3.92 -9.87 -15.87
N PHE C 65 -5.24 -10.04 -15.82
CA PHE C 65 -6.09 -9.15 -15.08
C PHE C 65 -5.69 -9.13 -13.61
N LEU C 66 -5.50 -10.31 -13.05
CA LEU C 66 -5.24 -10.40 -11.62
C LEU C 66 -3.93 -9.72 -11.31
N HIS C 67 -2.98 -9.87 -12.20
CA HIS C 67 -1.68 -9.27 -12.00
C HIS C 67 -1.75 -7.73 -11.92
N GLU C 68 -2.61 -7.16 -12.78
CA GLU C 68 -2.77 -5.73 -12.82
C GLU C 68 -3.51 -5.24 -11.57
N VAL C 69 -4.55 -5.98 -11.18
CA VAL C 69 -5.33 -5.61 -10.01
C VAL C 69 -4.49 -5.73 -8.73
N GLU C 70 -3.65 -6.75 -8.66
CA GLU C 70 -2.85 -6.98 -7.47
C GLU C 70 -1.84 -5.87 -7.25
N GLN C 71 -1.23 -5.42 -8.34
CA GLN C 71 -0.23 -4.38 -8.31
C GLN C 71 -0.85 -3.09 -7.77
N ARG C 72 -2.07 -2.84 -8.22
CA ARG C 72 -2.71 -1.56 -7.99
C ARG C 72 -3.18 -1.47 -6.56
N LEU C 73 -3.79 -2.55 -6.07
CA LEU C 73 -4.34 -2.56 -4.73
C LEU C 73 -3.23 -2.39 -3.70
N ALA C 74 -2.06 -2.93 -4.02
CA ALA C 74 -0.92 -2.80 -3.12
C ALA C 74 -0.46 -1.34 -3.05
N LEU C 75 -0.48 -0.68 -4.22
CA LEU C 75 -0.17 0.73 -4.30
C LEU C 75 -1.21 1.57 -3.57
N TRP C 76 -2.46 1.15 -3.68
CA TRP C 76 -3.58 1.82 -3.06
C TRP C 76 -3.49 1.74 -1.55
N GLU C 77 -3.26 0.53 -1.04
CA GLU C 77 -3.23 0.29 0.40
C GLU C 77 -1.87 0.56 1.05
N GLY C 78 -0.88 0.92 0.23
CA GLY C 78 0.42 1.35 0.73
C GLY C 78 0.61 2.86 0.68
N PRO C 79 1.67 3.35 1.34
CA PRO C 79 1.85 4.80 1.44
C PRO C 79 2.29 5.37 0.10
N SER C 80 1.58 6.38 -0.38
CA SER C 80 1.89 6.93 -1.68
C SER C 80 2.35 8.36 -1.48
N SER C 81 3.28 8.81 -2.33
CA SER C 81 3.60 10.22 -2.43
C SER C 81 2.35 10.98 -2.83
N ALA C 82 2.24 12.22 -2.38
CA ALA C 82 1.06 13.02 -2.65
C ALA C 82 0.66 13.05 -4.13
N HIS C 83 1.64 13.20 -5.02
CA HIS C 83 1.35 13.37 -6.44
C HIS C 83 0.90 12.10 -7.15
N LEU C 84 1.01 10.97 -6.47
CA LEU C 84 0.60 9.68 -7.05
C LEU C 84 -0.64 9.14 -6.35
N LYS C 85 -1.00 9.78 -5.24
CA LYS C 85 -2.09 9.33 -4.39
C LYS C 85 -3.33 9.16 -5.23
N GLY C 86 -3.60 10.11 -6.11
CA GLY C 86 -4.80 10.05 -6.91
C GLY C 86 -4.84 8.94 -7.92
N ASP C 87 -3.67 8.60 -8.47
CA ASP C 87 -3.52 7.56 -9.48
C ASP C 87 -3.46 6.18 -8.89
N HIS C 88 -2.88 6.08 -7.70
CA HIS C 88 -2.84 4.81 -6.96
C HIS C 88 -4.20 4.48 -6.36
N GLN C 89 -5.05 5.48 -6.15
CA GLN C 89 -6.27 5.20 -5.39
C GLN C 89 -7.50 5.09 -6.26
N ARG C 90 -7.35 4.23 -7.26
CA ARG C 90 -8.40 4.03 -8.23
C ARG C 90 -8.18 2.74 -9.00
N ILE C 91 -9.20 2.33 -9.73
CA ILE C 91 -9.22 0.98 -10.28
C ILE C 91 -9.75 0.98 -11.70
N GLY C 92 -10.43 2.05 -12.08
CA GLY C 92 -11.24 2.08 -13.29
C GLY C 92 -10.48 1.98 -14.59
N ASP C 93 -9.27 2.55 -14.62
CA ASP C 93 -8.45 2.45 -15.82
C ASP C 93 -8.09 1.01 -16.14
N ILE C 94 -7.75 0.24 -15.11
CA ILE C 94 -7.43 -1.16 -15.22
C ILE C 94 -8.67 -1.96 -15.62
N LEU C 95 -9.75 -1.76 -14.87
CA LEU C 95 -11.03 -2.33 -15.26
C LEU C 95 -11.32 -2.09 -16.74
N LEU C 96 -11.20 -0.86 -17.18
CA LEU C 96 -11.56 -0.55 -18.55
C LEU C 96 -10.66 -1.25 -19.54
N ARG C 97 -9.35 -1.22 -19.31
CA ARG C 97 -8.43 -1.89 -20.22
C ARG C 97 -8.78 -3.38 -20.35
N ASN C 98 -9.03 -4.03 -19.23
CA ASN C 98 -9.37 -5.46 -19.26
C ASN C 98 -10.77 -5.81 -19.80
N MSE C 99 -11.79 -5.00 -19.53
CA MSE C 99 -13.10 -5.32 -20.08
C MSE C 99 -13.10 -5.19 -21.59
O MSE C 99 -13.73 -5.95 -22.29
CB MSE C 99 -14.19 -4.45 -19.47
CG MSE C 99 -14.37 -4.61 -17.97
SE MSE C 99 -14.62 -6.41 -17.23
CE MSE C 99 -12.75 -6.93 -16.94
N ARG C 100 -12.36 -4.20 -22.09
CA ARG C 100 -12.12 -4.09 -23.52
C ARG C 100 -11.45 -5.37 -24.02
N GLN C 101 -10.44 -5.84 -23.29
CA GLN C 101 -9.61 -6.96 -23.71
C GLN C 101 -10.49 -8.19 -23.81
N LEU C 102 -11.41 -8.28 -22.86
CA LEU C 102 -12.30 -9.40 -22.73
C LEU C 102 -13.10 -9.67 -24.01
N LYS C 103 -13.35 -8.60 -24.77
CA LYS C 103 -14.13 -8.74 -25.99
C LYS C 103 -13.45 -9.69 -26.97
N GLU C 104 -12.13 -9.81 -26.87
CA GLU C 104 -11.39 -10.67 -27.78
C GLU C 104 -11.37 -12.13 -27.29
N PHE C 105 -12.26 -12.43 -26.34
CA PHE C 105 -12.29 -13.73 -25.67
C PHE C 105 -13.70 -14.30 -25.60
N THR C 106 -14.70 -13.54 -26.01
CA THR C 106 -16.08 -13.99 -25.94
C THR C 106 -16.30 -15.30 -26.70
N SER C 107 -15.55 -15.50 -27.78
CA SER C 107 -15.70 -16.71 -28.59
C SER C 107 -15.50 -17.97 -27.72
N TYR C 108 -14.60 -17.90 -26.75
CA TYR C 108 -14.34 -19.07 -25.94
C TYR C 108 -15.50 -19.31 -24.97
N PHE C 109 -15.97 -18.24 -24.34
CA PHE C 109 -17.05 -18.38 -23.37
C PHE C 109 -18.28 -18.92 -24.07
N GLN C 110 -18.51 -18.45 -25.29
CA GLN C 110 -19.64 -18.92 -26.09
C GLN C 110 -19.67 -20.44 -26.26
N ARG C 111 -18.51 -21.08 -26.29
CA ARG C 111 -18.46 -22.52 -26.52
C ARG C 111 -18.62 -23.38 -25.24
N HIS C 112 -18.77 -22.75 -24.08
CA HIS C 112 -18.83 -23.49 -22.82
C HIS C 112 -20.06 -24.35 -22.66
N ASP C 113 -21.18 -23.93 -23.22
CA ASP C 113 -22.36 -24.78 -23.16
C ASP C 113 -22.21 -26.00 -24.09
N GLU C 114 -21.46 -25.86 -25.20
CA GLU C 114 -21.11 -27.02 -26.02
C GLU C 114 -20.21 -27.95 -25.24
N VAL C 115 -19.18 -27.37 -24.62
CA VAL C 115 -18.18 -28.15 -23.91
C VAL C 115 -18.85 -29.05 -22.89
N LEU C 116 -19.76 -28.46 -22.12
CA LEU C 116 -20.48 -29.16 -21.08
C LEU C 116 -21.35 -30.28 -21.64
N THR C 117 -22.09 -29.96 -22.70
CA THR C 117 -22.96 -30.91 -23.36
C THR C 117 -22.17 -32.14 -23.81
N GLU C 118 -21.04 -31.88 -24.45
CA GLU C 118 -20.23 -32.93 -25.01
C GLU C 118 -19.61 -33.79 -23.95
N LEU C 119 -19.22 -33.17 -22.84
CA LEU C 119 -18.65 -33.91 -21.73
C LEU C 119 -19.67 -34.90 -21.18
N GLU C 120 -20.86 -34.41 -20.85
CA GLU C 120 -21.90 -35.26 -20.32
C GLU C 120 -22.17 -36.39 -21.30
N LYS C 121 -22.32 -36.03 -22.57
CA LYS C 121 -22.54 -37.03 -23.62
C LYS C 121 -21.48 -38.13 -23.54
N ALA C 122 -20.22 -37.75 -23.50
CA ALA C 122 -19.12 -38.71 -23.47
C ALA C 122 -19.11 -39.54 -22.20
N THR C 123 -19.35 -38.90 -21.05
CA THR C 123 -19.40 -39.63 -19.80
C THR C 123 -20.51 -40.69 -19.79
N LYS C 124 -21.69 -40.35 -20.31
CA LYS C 124 -22.79 -41.31 -20.43
C LYS C 124 -22.38 -42.52 -21.26
N HIS C 125 -21.69 -42.25 -22.37
CA HIS C 125 -21.40 -43.28 -23.37
C HIS C 125 -20.00 -43.87 -23.24
N CYS C 126 -19.43 -43.79 -22.04
CA CYS C 126 -18.09 -44.34 -21.78
C CYS C 126 -17.83 -44.69 -20.32
N LYS C 127 -17.79 -45.99 -20.03
CA LYS C 127 -17.62 -46.48 -18.67
C LYS C 127 -16.33 -45.95 -18.00
N LYS C 128 -15.24 -45.88 -18.76
CA LYS C 128 -13.94 -45.49 -18.20
C LYS C 128 -13.82 -44.01 -17.85
N LEU C 129 -14.20 -43.13 -18.78
CA LEU C 129 -14.18 -41.71 -18.51
C LEU C 129 -15.03 -41.41 -17.28
N GLU C 130 -16.19 -42.08 -17.20
CA GLU C 130 -17.09 -41.86 -16.06
C GLU C 130 -16.38 -42.18 -14.76
N ALA C 131 -15.58 -43.24 -14.79
CA ALA C 131 -14.85 -43.70 -13.60
C ALA C 131 -13.78 -42.70 -13.17
N VAL C 132 -13.14 -42.07 -14.15
CA VAL C 132 -12.12 -41.07 -13.89
C VAL C 132 -12.72 -39.82 -13.24
N TYR C 133 -13.90 -39.41 -13.71
CA TYR C 133 -14.69 -38.36 -13.06
C TYR C 133 -14.95 -38.71 -11.60
N LYS C 134 -15.53 -39.89 -11.36
CA LYS C 134 -15.88 -40.32 -10.01
C LYS C 134 -14.68 -40.25 -9.06
N GLU C 135 -13.52 -40.71 -9.52
CA GLU C 135 -12.35 -40.78 -8.66
C GLU C 135 -11.77 -39.41 -8.41
N PHE C 136 -11.83 -38.57 -9.44
CA PHE C 136 -11.35 -37.23 -9.31
C PHE C 136 -12.22 -36.47 -8.33
N GLU C 137 -13.54 -36.67 -8.43
CA GLU C 137 -14.46 -35.89 -7.60
C GLU C 137 -14.33 -36.25 -6.11
N LEU C 138 -13.67 -37.35 -5.85
CA LEU C 138 -13.33 -37.75 -4.49
C LEU C 138 -12.08 -37.08 -3.93
N GLN C 139 -11.32 -36.38 -4.78
CA GLN C 139 -10.09 -35.73 -4.33
C GLN C 139 -10.42 -34.43 -3.65
N LYS C 140 -9.65 -34.06 -2.61
CA LYS C 140 -9.95 -32.84 -1.87
C LYS C 140 -9.98 -31.61 -2.77
N VAL C 141 -9.19 -31.64 -3.83
CA VAL C 141 -9.05 -30.50 -4.76
C VAL C 141 -10.33 -30.19 -5.48
N CYS C 142 -11.01 -31.26 -5.88
CA CYS C 142 -12.26 -31.18 -6.59
C CYS C 142 -13.38 -31.14 -5.56
N TYR C 143 -13.64 -29.96 -5.01
CA TYR C 143 -14.56 -29.85 -3.87
C TYR C 143 -15.99 -29.64 -4.31
N LEU C 144 -16.19 -29.44 -5.62
CA LEU C 144 -17.51 -29.45 -6.21
C LEU C 144 -17.46 -30.46 -7.32
N PRO C 145 -18.63 -30.89 -7.82
CA PRO C 145 -18.65 -31.75 -9.00
C PRO C 145 -17.89 -31.05 -10.11
N LEU C 146 -17.02 -31.76 -10.83
CA LEU C 146 -16.14 -31.12 -11.80
C LEU C 146 -16.86 -30.22 -12.80
N ASN C 147 -17.86 -30.76 -13.51
CA ASN C 147 -18.61 -29.96 -14.47
C ASN C 147 -19.21 -28.65 -13.91
N THR C 148 -19.33 -28.53 -12.59
CA THR C 148 -19.86 -27.32 -11.97
C THR C 148 -18.90 -26.15 -12.15
N PHE C 149 -17.61 -26.47 -12.12
CA PHE C 149 -16.54 -25.49 -12.35
C PHE C 149 -16.66 -24.89 -13.72
N LEU C 150 -17.19 -25.66 -14.66
CA LEU C 150 -17.34 -25.18 -16.02
C LEU C 150 -18.32 -24.02 -16.14
N LEU C 151 -19.25 -23.92 -15.21
CA LEU C 151 -20.17 -22.78 -15.16
C LEU C 151 -19.55 -21.52 -14.56
N LYS C 152 -18.34 -21.60 -14.02
CA LYS C 152 -17.78 -20.47 -13.29
C LYS C 152 -17.35 -19.28 -14.17
N PRO C 153 -16.67 -19.54 -15.30
CA PRO C 153 -16.25 -18.43 -16.16
C PRO C 153 -17.36 -17.45 -16.56
N VAL C 154 -18.46 -17.93 -17.12
CA VAL C 154 -19.49 -17.00 -17.52
C VAL C 154 -20.10 -16.33 -16.30
N GLN C 155 -20.22 -17.08 -15.22
CA GLN C 155 -20.67 -16.49 -13.98
C GLN C 155 -19.78 -15.34 -13.53
N ARG C 156 -18.46 -15.48 -13.71
CA ARG C 156 -17.51 -14.43 -13.34
C ARG C 156 -17.78 -13.15 -14.10
N LEU C 157 -18.18 -13.30 -15.37
CA LEU C 157 -18.42 -12.14 -16.21
C LEU C 157 -19.61 -11.38 -15.69
N VAL C 158 -20.61 -12.12 -15.24
CA VAL C 158 -21.79 -11.50 -14.68
C VAL C 158 -21.41 -10.73 -13.43
N HIS C 159 -20.58 -11.35 -12.62
CA HIS C 159 -20.10 -10.76 -11.39
C HIS C 159 -19.39 -9.43 -11.68
N TYR C 160 -18.57 -9.41 -12.73
CA TYR C 160 -17.90 -8.19 -13.17
C TYR C 160 -18.93 -7.08 -13.44
N ARG C 161 -20.02 -7.41 -14.14
CA ARG C 161 -21.02 -6.41 -14.49
C ARG C 161 -21.61 -5.84 -13.20
N LEU C 162 -21.79 -6.70 -12.21
CA LEU C 162 -22.34 -6.32 -10.93
C LEU C 162 -21.42 -5.37 -10.22
N LEU C 163 -20.15 -5.75 -10.15
CA LEU C 163 -19.12 -4.99 -9.48
C LEU C 163 -18.96 -3.62 -10.12
N LEU C 164 -18.80 -3.58 -11.43
CA LEU C 164 -18.72 -2.30 -12.12
C LEU C 164 -19.98 -1.44 -11.89
N SER C 165 -21.14 -2.08 -11.82
CA SER C 165 -22.36 -1.33 -11.55
C SER C 165 -22.25 -0.58 -10.24
N ARG C 166 -21.72 -1.27 -9.24
CA ARG C 166 -21.61 -0.71 -7.92
C ARG C 166 -20.67 0.48 -7.92
N LEU C 167 -19.53 0.32 -8.59
CA LEU C 167 -18.57 1.41 -8.73
C LEU C 167 -19.19 2.62 -9.41
N CYS C 168 -19.93 2.38 -10.49
CA CYS C 168 -20.53 3.47 -11.22
C CYS C 168 -21.56 4.17 -10.36
N ALA C 169 -22.27 3.39 -9.56
CA ALA C 169 -23.23 3.97 -8.63
C ALA C 169 -22.55 4.79 -7.53
N HIS C 170 -21.39 4.33 -7.08
CA HIS C 170 -20.65 5.01 -6.02
C HIS C 170 -20.10 6.38 -6.46
N TYR C 171 -19.35 6.38 -7.55
CA TYR C 171 -18.62 7.55 -8.00
C TYR C 171 -19.56 8.64 -8.50
N SER C 172 -19.18 9.89 -8.23
CA SER C 172 -19.89 11.00 -8.80
C SER C 172 -19.12 11.53 -9.99
N PRO C 173 -19.84 12.08 -10.99
CA PRO C 173 -19.27 12.67 -12.21
C PRO C 173 -17.98 13.47 -12.03
N GLY C 174 -17.81 14.15 -10.90
CA GLY C 174 -16.56 14.84 -10.62
C GLY C 174 -15.29 13.98 -10.67
N HIS C 175 -15.43 12.73 -10.21
CA HIS C 175 -14.32 11.87 -9.81
C HIS C 175 -13.40 11.37 -10.92
N ARG C 176 -12.13 11.13 -10.57
CA ARG C 176 -11.12 10.67 -11.52
C ARG C 176 -11.50 9.32 -12.12
N ASP C 177 -12.12 8.49 -11.29
CA ASP C 177 -12.44 7.15 -11.72
C ASP C 177 -13.80 7.00 -12.42
N TYR C 178 -14.60 8.07 -12.43
CA TYR C 178 -15.94 8.00 -12.99
C TYR C 178 -15.95 7.56 -14.45
N ALA C 179 -15.27 8.34 -15.30
CA ALA C 179 -15.24 8.10 -16.73
C ALA C 179 -14.76 6.71 -17.11
N ASP C 180 -13.62 6.29 -16.56
CA ASP C 180 -13.11 4.97 -16.90
C ASP C 180 -14.08 3.86 -16.45
N CYS C 181 -14.81 4.08 -15.38
CA CYS C 181 -15.64 3.00 -14.83
C CYS C 181 -16.90 2.84 -15.64
N HIS C 182 -17.53 3.97 -15.98
CA HIS C 182 -18.68 3.95 -16.86
C HIS C 182 -18.30 3.32 -18.19
N GLU C 183 -17.13 3.70 -18.71
CA GLU C 183 -16.67 3.11 -19.96
C GLU C 183 -16.52 1.60 -19.84
N ALA C 184 -16.02 1.16 -18.70
CA ALA C 184 -15.76 -0.26 -18.49
C ALA C 184 -17.05 -1.01 -18.28
N LEU C 185 -18.01 -0.37 -17.61
CA LEU C 185 -19.29 -1.02 -17.41
C LEU C 185 -19.95 -1.27 -18.76
N LYS C 186 -19.78 -0.30 -19.66
CA LYS C 186 -20.34 -0.43 -21.00
C LYS C 186 -19.70 -1.62 -21.67
N ALA C 187 -18.38 -1.75 -21.53
CA ALA C 187 -17.68 -2.87 -22.13
C ALA C 187 -18.18 -4.25 -21.64
N ILE C 188 -18.18 -4.46 -20.33
CA ILE C 188 -18.62 -5.73 -19.78
C ILE C 188 -20.07 -6.01 -20.13
N THR C 189 -20.86 -4.95 -20.18
CA THR C 189 -22.27 -5.12 -20.50
C THR C 189 -22.43 -5.58 -21.94
N GLU C 190 -21.56 -5.10 -22.83
CA GLU C 190 -21.60 -5.57 -24.21
C GLU C 190 -21.31 -7.05 -24.24
N VAL C 191 -20.30 -7.45 -23.46
CA VAL C 191 -19.88 -8.82 -23.42
C VAL C 191 -20.98 -9.72 -22.85
N THR C 192 -21.56 -9.32 -21.72
CA THR C 192 -22.59 -10.17 -21.13
C THR C 192 -23.82 -10.25 -22.01
N THR C 193 -24.25 -9.15 -22.60
CA THR C 193 -25.40 -9.29 -23.48
C THR C 193 -25.10 -10.07 -24.77
N GLU C 194 -23.83 -10.22 -25.14
CA GLU C 194 -23.49 -11.09 -26.26
C GLU C 194 -23.51 -12.56 -25.84
N LEU C 195 -23.19 -12.82 -24.59
CA LEU C 195 -23.19 -14.18 -24.09
C LEU C 195 -24.54 -14.55 -23.44
N GLN C 196 -25.53 -13.66 -23.55
CA GLN C 196 -26.84 -13.89 -22.94
C GLN C 196 -27.39 -15.30 -23.18
N GLN C 197 -27.42 -15.71 -24.44
CA GLN C 197 -27.93 -17.03 -24.79
C GLN C 197 -27.13 -18.17 -24.16
N SER C 198 -25.81 -18.11 -24.28
CA SER C 198 -24.94 -19.13 -23.70
C SER C 198 -25.15 -19.14 -22.20
N LEU C 199 -25.32 -17.96 -21.64
CA LEU C 199 -25.63 -17.83 -20.22
C LEU C 199 -26.87 -18.67 -19.88
N THR C 200 -28.04 -18.33 -20.42
CA THR C 200 -29.24 -19.07 -20.06
C THR C 200 -29.17 -20.54 -20.47
N ARG C 201 -28.38 -20.89 -21.48
CA ARG C 201 -28.21 -22.32 -21.80
C ARG C 201 -27.51 -23.04 -20.70
N LEU C 202 -26.50 -22.38 -20.11
CA LEU C 202 -25.72 -22.93 -19.01
C LEU C 202 -26.55 -22.99 -17.71
N GLU C 203 -27.24 -21.91 -17.36
CA GLU C 203 -28.23 -21.96 -16.30
C GLU C 203 -29.10 -23.20 -16.48
N ASN C 204 -29.78 -23.30 -17.63
CA ASN C 204 -30.63 -24.46 -17.94
C ASN C 204 -29.95 -25.83 -17.82
N LEU C 205 -28.73 -25.95 -18.33
CA LEU C 205 -28.00 -27.22 -18.18
C LEU C 205 -27.74 -27.58 -16.72
N GLN C 206 -27.43 -26.57 -15.93
CA GLN C 206 -27.17 -26.75 -14.51
C GLN C 206 -28.43 -27.27 -13.83
N LYS C 207 -29.46 -26.43 -13.82
CA LYS C 207 -30.76 -26.80 -13.29
C LYS C 207 -31.19 -28.23 -13.70
N LEU C 208 -30.99 -28.62 -14.95
CA LEU C 208 -31.41 -29.95 -15.36
C LEU C 208 -30.60 -31.04 -14.67
N THR C 209 -29.30 -30.82 -14.53
CA THR C 209 -28.50 -31.90 -13.95
C THR C 209 -28.67 -32.01 -12.44
N GLU C 210 -28.83 -30.86 -11.77
CA GLU C 210 -29.22 -30.84 -10.36
C GLU C 210 -30.50 -31.64 -10.17
N LEU C 211 -31.52 -31.27 -10.93
CA LEU C 211 -32.84 -31.87 -10.80
C LEU C 211 -32.82 -33.34 -11.13
N GLN C 212 -31.91 -33.71 -12.03
CA GLN C 212 -31.89 -35.08 -12.54
C GLN C 212 -31.13 -35.99 -11.59
N ARG C 213 -30.13 -35.40 -10.92
CA ARG C 213 -29.28 -36.09 -9.95
C ARG C 213 -30.02 -36.30 -8.63
N ASP C 214 -31.23 -35.76 -8.54
CA ASP C 214 -31.98 -35.72 -7.29
C ASP C 214 -33.50 -35.99 -7.52
N LEU C 215 -33.84 -37.15 -8.05
CA LEU C 215 -35.26 -37.48 -8.19
C LEU C 215 -35.76 -38.01 -6.86
N VAL C 216 -37.05 -38.26 -6.74
CA VAL C 216 -37.60 -38.71 -5.48
C VAL C 216 -37.26 -40.16 -5.23
N GLY D 1 16.50 -12.60 -61.97
CA GLY D 1 15.95 -13.93 -61.85
C GLY D 1 14.44 -13.93 -61.62
N PRO D 2 14.02 -13.55 -60.39
CA PRO D 2 12.60 -13.52 -60.02
C PRO D 2 11.99 -12.12 -60.13
N HIS D 3 10.68 -12.06 -60.41
CA HIS D 3 9.95 -10.80 -60.40
C HIS D 3 9.34 -10.53 -59.02
N MSE D 4 9.24 -9.25 -58.65
CA MSE D 4 8.93 -8.83 -57.28
C MSE D 4 7.43 -8.73 -56.90
O MSE D 4 7.11 -8.39 -55.76
CB MSE D 4 9.60 -7.49 -56.97
CG MSE D 4 11.05 -7.34 -57.45
SE MSE D 4 12.37 -8.48 -56.55
CE MSE D 4 11.67 -8.32 -54.77
N GLU D 5 6.54 -9.00 -57.85
CA GLU D 5 5.09 -9.07 -57.56
C GLU D 5 4.66 -10.55 -57.50
N ASP D 6 5.65 -11.44 -57.62
CA ASP D 6 5.49 -12.88 -57.61
C ASP D 6 5.43 -13.38 -56.18
N GLU D 7 4.23 -13.54 -55.64
CA GLU D 7 4.08 -14.04 -54.27
C GLU D 7 4.56 -15.49 -54.16
N ALA D 8 4.58 -16.21 -55.29
CA ALA D 8 5.02 -17.59 -55.29
C ALA D 8 6.50 -17.68 -54.93
N TYR D 9 7.33 -16.87 -55.58
CA TYR D 9 8.74 -16.81 -55.23
C TYR D 9 8.96 -16.59 -53.73
N PHE D 10 8.28 -15.60 -53.15
CA PHE D 10 8.48 -15.35 -51.72
C PHE D 10 8.00 -16.47 -50.81
N ILE D 11 6.93 -17.16 -51.21
CA ILE D 11 6.48 -18.30 -50.43
C ILE D 11 7.56 -19.39 -50.46
N ALA D 12 8.12 -19.62 -51.65
CA ALA D 12 9.22 -20.57 -51.75
C ALA D 12 10.38 -20.15 -50.88
N LYS D 13 10.74 -18.86 -50.92
CA LYS D 13 11.81 -18.34 -50.09
C LYS D 13 11.51 -18.68 -48.65
N GLU D 14 10.23 -18.56 -48.28
CA GLU D 14 9.80 -18.79 -46.91
C GLU D 14 9.83 -20.26 -46.49
N ILE D 15 9.35 -21.14 -47.36
CA ILE D 15 9.49 -22.58 -47.14
C ILE D 15 10.96 -22.98 -46.94
N LEU D 16 11.82 -22.55 -47.86
CA LEU D 16 13.24 -22.84 -47.77
C LEU D 16 13.82 -22.35 -46.45
N ALA D 17 13.59 -21.09 -46.13
CA ALA D 17 14.19 -20.52 -44.93
C ALA D 17 13.67 -21.16 -43.65
N THR D 18 12.36 -21.39 -43.58
CA THR D 18 11.77 -22.01 -42.39
C THR D 18 12.15 -23.46 -42.23
N GLU D 19 12.45 -24.12 -43.35
CA GLU D 19 12.95 -25.49 -43.28
C GLU D 19 14.34 -25.55 -42.69
N ARG D 20 15.21 -24.61 -43.08
CA ARG D 20 16.57 -24.59 -42.53
C ARG D 20 16.49 -24.41 -41.03
N THR D 21 15.66 -23.48 -40.55
CA THR D 21 15.57 -23.28 -39.11
C THR D 21 14.92 -24.46 -38.40
N TYR D 22 13.92 -25.08 -39.04
CA TYR D 22 13.35 -26.33 -38.50
C TYR D 22 14.40 -27.40 -38.30
N LEU D 23 15.24 -27.58 -39.30
CA LEU D 23 16.27 -28.60 -39.22
C LEU D 23 17.30 -28.25 -38.17
N LYS D 24 17.65 -26.97 -38.07
CA LYS D 24 18.58 -26.53 -37.03
C LYS D 24 18.00 -26.86 -35.64
N ASP D 25 16.66 -26.77 -35.51
CA ASP D 25 15.98 -27.10 -34.25
C ASP D 25 16.06 -28.59 -33.92
N LEU D 26 15.81 -29.42 -34.93
CA LEU D 26 15.90 -30.87 -34.75
C LEU D 26 17.30 -31.27 -34.32
N GLU D 27 18.31 -30.51 -34.73
CA GLU D 27 19.67 -30.89 -34.38
C GLU D 27 19.87 -30.69 -32.90
N VAL D 28 19.03 -29.83 -32.30
CA VAL D 28 19.13 -29.61 -30.86
C VAL D 28 18.87 -30.92 -30.15
N ILE D 29 17.95 -31.73 -30.69
CA ILE D 29 17.79 -33.09 -30.17
C ILE D 29 18.79 -34.09 -30.77
N THR D 30 18.76 -34.23 -32.09
CA THR D 30 19.48 -35.33 -32.74
C THR D 30 21.00 -35.27 -32.63
N VAL D 31 21.53 -34.06 -32.44
CA VAL D 31 22.98 -33.91 -32.34
C VAL D 31 23.44 -33.53 -30.94
N TRP D 32 22.96 -32.41 -30.45
CA TRP D 32 23.53 -31.82 -29.23
C TRP D 32 23.10 -32.48 -27.94
N PHE D 33 21.81 -32.74 -27.81
CA PHE D 33 21.31 -33.45 -26.68
C PHE D 33 21.87 -34.87 -26.67
N ARG D 34 21.94 -35.47 -27.85
CA ARG D 34 22.49 -36.80 -28.00
C ARG D 34 23.96 -36.82 -27.53
N SER D 35 24.73 -35.83 -27.98
CA SER D 35 26.15 -35.74 -27.64
C SER D 35 26.32 -35.84 -26.14
N VAL D 36 25.36 -35.25 -25.46
CA VAL D 36 25.36 -35.19 -24.02
C VAL D 36 24.86 -36.51 -23.40
N LEU D 37 23.78 -37.08 -23.91
CA LEU D 37 23.29 -38.37 -23.40
C LEU D 37 24.30 -39.50 -23.56
N ILE D 38 25.07 -39.45 -24.66
CA ILE D 38 26.11 -40.43 -24.92
C ILE D 38 27.25 -40.23 -23.95
N LYS D 39 27.65 -38.97 -23.76
CA LYS D 39 28.68 -38.62 -22.80
C LYS D 39 28.31 -39.02 -21.36
N GLU D 40 27.04 -38.87 -21.00
CA GLU D 40 26.60 -39.13 -19.63
C GLU D 40 26.05 -40.53 -19.38
N GLU D 41 25.45 -41.13 -20.40
CA GLU D 41 24.73 -42.40 -20.24
C GLU D 41 23.70 -42.33 -19.11
N ALA D 42 22.96 -41.22 -19.09
CA ALA D 42 21.98 -40.96 -18.05
C ALA D 42 20.65 -41.55 -18.43
N MSE D 43 20.46 -41.74 -19.74
CA MSE D 43 19.22 -42.26 -20.24
C MSE D 43 19.39 -43.71 -20.65
O MSE D 43 20.30 -44.02 -21.43
CB MSE D 43 18.79 -41.44 -21.43
CG MSE D 43 17.43 -41.81 -21.95
SE MSE D 43 16.93 -40.69 -23.47
CE MSE D 43 16.48 -39.03 -22.51
N PRO D 44 18.51 -44.59 -20.13
CA PRO D 44 18.53 -46.04 -20.43
C PRO D 44 18.56 -46.22 -21.95
N ALA D 45 19.34 -47.16 -22.47
CA ALA D 45 19.49 -47.24 -23.93
C ALA D 45 18.16 -47.53 -24.67
N ALA D 46 17.23 -48.15 -23.95
CA ALA D 46 15.94 -48.52 -24.53
C ALA D 46 15.08 -47.29 -24.81
N LEU D 47 15.17 -46.30 -23.92
CA LEU D 47 14.45 -45.04 -24.07
C LEU D 47 15.11 -44.12 -25.09
N MSE D 48 16.44 -44.15 -25.16
CA MSE D 48 17.16 -43.41 -26.18
C MSE D 48 16.72 -43.89 -27.54
O MSE D 48 16.41 -43.09 -28.43
CB MSE D 48 18.67 -43.62 -26.08
CG MSE D 48 19.37 -42.92 -24.94
SE MSE D 48 21.30 -43.24 -24.95
CE MSE D 48 21.85 -42.21 -26.52
N ALA D 49 16.69 -45.21 -27.70
CA ALA D 49 16.18 -45.82 -28.91
C ALA D 49 14.81 -45.24 -29.25
N LEU D 50 13.90 -45.25 -28.30
CA LEU D 50 12.55 -44.73 -28.54
C LEU D 50 12.56 -43.29 -29.08
N LEU D 51 13.28 -42.40 -28.40
CA LEU D 51 13.45 -41.04 -28.85
C LEU D 51 14.06 -40.97 -30.24
N PHE D 52 15.29 -41.46 -30.38
CA PHE D 52 16.03 -41.19 -31.59
C PHE D 52 15.52 -41.95 -32.80
N SER D 53 14.93 -43.11 -32.57
CA SER D 53 14.36 -43.90 -33.64
C SER D 53 13.18 -43.21 -34.29
N ASN D 54 12.50 -42.34 -33.57
CA ASN D 54 11.36 -41.65 -34.13
C ASN D 54 11.64 -40.20 -34.48
N ILE D 55 12.90 -39.81 -34.46
CA ILE D 55 13.29 -38.47 -34.87
C ILE D 55 14.24 -38.54 -36.04
N ASP D 56 15.15 -39.50 -35.99
CA ASP D 56 16.19 -39.54 -36.99
C ASP D 56 15.66 -39.70 -38.42
N PRO D 57 14.73 -40.63 -38.64
CA PRO D 57 14.23 -40.72 -40.02
C PRO D 57 13.46 -39.48 -40.43
N VAL D 58 12.83 -38.82 -39.46
CA VAL D 58 12.16 -37.58 -39.74
C VAL D 58 13.19 -36.55 -40.23
N TYR D 59 14.28 -36.39 -39.48
CA TYR D 59 15.34 -35.44 -39.86
C TYR D 59 15.88 -35.75 -41.23
N GLU D 60 16.13 -37.01 -41.49
CA GLU D 60 16.65 -37.44 -42.77
C GLU D 60 15.68 -37.09 -43.88
N PHE D 61 14.38 -37.25 -43.63
CA PHE D 61 13.45 -36.93 -44.70
C PHE D 61 13.51 -35.44 -45.09
N HIS D 62 13.34 -34.57 -44.11
CA HIS D 62 13.38 -33.15 -44.32
C HIS D 62 14.66 -32.70 -45.01
N ARG D 63 15.78 -33.32 -44.67
CA ARG D 63 17.06 -32.92 -45.24
C ARG D 63 17.05 -33.03 -46.75
N GLY D 64 16.35 -34.05 -47.24
CA GLY D 64 16.26 -34.30 -48.66
C GLY D 64 15.24 -33.40 -49.30
N PHE D 65 14.20 -33.08 -48.55
CA PHE D 65 13.21 -32.12 -48.99
C PHE D 65 13.87 -30.76 -49.14
N LEU D 66 14.63 -30.38 -48.12
CA LEU D 66 15.37 -29.12 -48.15
C LEU D 66 16.27 -29.04 -49.38
N HIS D 67 16.94 -30.14 -49.68
CA HIS D 67 17.90 -30.16 -50.77
C HIS D 67 17.23 -29.90 -52.10
N GLU D 68 16.06 -30.51 -52.32
CA GLU D 68 15.35 -30.31 -53.57
C GLU D 68 14.90 -28.86 -53.68
N VAL D 69 14.46 -28.28 -52.56
CA VAL D 69 13.95 -26.91 -52.58
C VAL D 69 15.06 -25.92 -52.82
N GLU D 70 16.18 -26.15 -52.13
CA GLU D 70 17.36 -25.31 -52.27
C GLU D 70 17.83 -25.27 -53.71
N GLN D 71 17.87 -26.42 -54.36
CA GLN D 71 18.33 -26.52 -55.74
C GLN D 71 17.41 -25.73 -56.65
N ARG D 72 16.11 -25.89 -56.43
CA ARG D 72 15.10 -25.20 -57.22
C ARG D 72 15.22 -23.68 -57.10
N LEU D 73 15.25 -23.20 -55.86
CA LEU D 73 15.40 -21.79 -55.59
C LEU D 73 16.64 -21.19 -56.23
N ALA D 74 17.71 -21.97 -56.33
CA ALA D 74 18.94 -21.43 -56.88
C ALA D 74 18.87 -21.30 -58.40
N LEU D 75 18.01 -22.08 -59.03
CA LEU D 75 17.77 -21.91 -60.45
C LEU D 75 16.85 -20.72 -60.66
N TRP D 76 15.89 -20.61 -59.75
CA TRP D 76 14.86 -19.60 -59.85
C TRP D 76 15.47 -18.22 -59.89
N GLU D 77 16.36 -17.91 -58.95
CA GLU D 77 16.90 -16.56 -58.85
C GLU D 77 18.20 -16.41 -59.64
N GLY D 78 18.71 -17.53 -60.14
CA GLY D 78 19.82 -17.49 -61.05
C GLY D 78 19.34 -17.22 -62.46
N PRO D 79 20.28 -17.15 -63.42
CA PRO D 79 19.93 -16.89 -64.82
C PRO D 79 19.34 -18.13 -65.48
N SER D 80 18.20 -17.96 -66.16
CA SER D 80 17.55 -19.08 -66.84
C SER D 80 17.12 -18.66 -68.23
N SER D 81 17.25 -19.60 -69.18
CA SER D 81 16.81 -19.39 -70.56
C SER D 81 15.35 -19.84 -70.73
N ALA D 82 14.68 -19.34 -71.77
CA ALA D 82 13.24 -19.60 -71.99
C ALA D 82 12.94 -21.09 -72.17
N HIS D 83 13.96 -21.83 -72.64
CA HIS D 83 13.91 -23.28 -72.81
C HIS D 83 13.36 -23.97 -71.56
N LEU D 84 13.79 -23.51 -70.38
CA LEU D 84 13.33 -24.10 -69.13
C LEU D 84 13.00 -23.04 -68.06
N LYS D 85 12.74 -21.80 -68.48
CA LYS D 85 12.43 -20.69 -67.56
C LYS D 85 11.07 -20.83 -66.87
N GLY D 86 10.31 -21.85 -67.26
CA GLY D 86 9.02 -22.12 -66.66
C GLY D 86 9.09 -23.22 -65.62
N ASP D 87 9.97 -24.20 -65.86
CA ASP D 87 10.18 -25.27 -64.89
C ASP D 87 11.02 -24.79 -63.72
N HIS D 88 11.65 -23.62 -63.86
CA HIS D 88 12.52 -23.08 -62.82
C HIS D 88 11.77 -22.19 -61.85
N GLN D 89 10.76 -21.48 -62.34
CA GLN D 89 10.02 -20.55 -61.53
C GLN D 89 8.71 -21.16 -61.03
N ARG D 90 8.79 -22.41 -60.56
CA ARG D 90 7.68 -23.12 -59.93
C ARG D 90 8.20 -23.91 -58.74
N ILE D 91 7.32 -24.31 -57.83
CA ILE D 91 7.76 -25.05 -56.66
C ILE D 91 6.87 -26.28 -56.38
N GLY D 92 5.71 -26.33 -57.01
CA GLY D 92 4.69 -27.32 -56.69
C GLY D 92 5.05 -28.76 -56.98
N ASP D 93 5.83 -28.99 -58.02
CA ASP D 93 6.21 -30.36 -58.34
C ASP D 93 7.02 -30.96 -57.18
N ILE D 94 7.92 -30.18 -56.62
CA ILE D 94 8.68 -30.61 -55.44
C ILE D 94 7.80 -30.79 -54.19
N LEU D 95 6.92 -29.83 -53.92
CA LEU D 95 6.08 -29.90 -52.75
C LEU D 95 5.19 -31.13 -52.79
N LEU D 96 4.60 -31.40 -53.95
CA LEU D 96 3.72 -32.55 -54.10
C LEU D 96 4.46 -33.86 -53.85
N ARG D 97 5.65 -33.99 -54.41
CA ARG D 97 6.42 -35.22 -54.31
C ARG D 97 6.74 -35.47 -52.84
N ASN D 98 7.26 -34.45 -52.18
CA ASN D 98 7.60 -34.56 -50.77
C ASN D 98 6.41 -34.62 -49.81
N MSE D 99 5.26 -34.02 -50.18
CA MSE D 99 4.08 -34.20 -49.36
C MSE D 99 3.48 -35.61 -49.46
O MSE D 99 2.84 -36.09 -48.52
CB MSE D 99 2.99 -33.17 -49.63
CG MSE D 99 3.36 -31.72 -49.32
SE MSE D 99 4.17 -31.25 -47.59
CE MSE D 99 3.43 -32.70 -46.56
N ARG D 100 3.66 -36.27 -50.59
CA ARG D 100 3.21 -37.64 -50.68
C ARG D 100 4.17 -38.56 -49.92
N GLN D 101 5.46 -38.24 -49.95
CA GLN D 101 6.47 -39.07 -49.27
C GLN D 101 6.17 -39.03 -47.80
N LEU D 102 5.76 -37.86 -47.33
CA LEU D 102 5.46 -37.65 -45.93
C LEU D 102 4.49 -38.70 -45.37
N LYS D 103 3.52 -39.13 -46.17
CA LYS D 103 2.54 -40.10 -45.70
C LYS D 103 3.18 -41.37 -45.13
N GLU D 104 4.41 -41.64 -45.54
CA GLU D 104 5.14 -42.81 -45.07
C GLU D 104 5.69 -42.62 -43.67
N PHE D 105 5.97 -41.37 -43.33
CA PHE D 105 6.54 -41.05 -42.02
C PHE D 105 5.55 -40.76 -40.91
N THR D 106 4.24 -40.78 -41.21
CA THR D 106 3.24 -40.47 -40.19
C THR D 106 3.42 -41.41 -39.00
N SER D 107 3.75 -42.66 -39.32
CA SER D 107 4.13 -43.67 -38.35
C SER D 107 4.98 -43.12 -37.19
N TYR D 108 6.06 -42.41 -37.50
CA TYR D 108 6.96 -41.88 -36.47
C TYR D 108 6.37 -40.70 -35.70
N PHE D 109 5.84 -39.73 -36.44
CA PHE D 109 5.18 -38.57 -35.86
C PHE D 109 4.13 -38.99 -34.82
N GLN D 110 3.34 -40.00 -35.17
CA GLN D 110 2.28 -40.50 -34.30
C GLN D 110 2.81 -40.91 -32.92
N ARG D 111 4.08 -41.28 -32.87
CA ARG D 111 4.71 -41.79 -31.64
C ARG D 111 5.32 -40.70 -30.75
N HIS D 112 5.26 -39.45 -31.19
CA HIS D 112 5.95 -38.37 -30.48
C HIS D 112 5.34 -38.06 -29.11
N ASP D 113 4.01 -38.14 -29.01
CA ASP D 113 3.39 -37.97 -27.70
C ASP D 113 3.79 -39.09 -26.74
N GLU D 114 4.02 -40.29 -27.29
CA GLU D 114 4.51 -41.42 -26.50
C GLU D 114 5.95 -41.20 -26.07
N VAL D 115 6.75 -40.59 -26.94
CA VAL D 115 8.12 -40.32 -26.60
C VAL D 115 8.17 -39.32 -25.46
N LEU D 116 7.52 -38.18 -25.65
CA LEU D 116 7.41 -37.17 -24.62
C LEU D 116 6.94 -37.75 -23.27
N THR D 117 5.90 -38.58 -23.32
CA THR D 117 5.38 -39.26 -22.14
C THR D 117 6.46 -40.05 -21.42
N GLU D 118 7.19 -40.88 -22.15
CA GLU D 118 8.22 -41.72 -21.56
C GLU D 118 9.41 -40.91 -21.04
N LEU D 119 9.70 -39.81 -21.71
CA LEU D 119 10.77 -38.92 -21.26
C LEU D 119 10.41 -38.29 -19.92
N GLU D 120 9.20 -37.76 -19.83
CA GLU D 120 8.75 -37.16 -18.59
C GLU D 120 8.68 -38.23 -17.47
N LYS D 121 8.19 -39.42 -17.78
CA LYS D 121 8.13 -40.51 -16.80
C LYS D 121 9.53 -40.86 -16.32
N ALA D 122 10.48 -40.89 -17.25
CA ALA D 122 11.83 -41.31 -16.94
C ALA D 122 12.60 -40.28 -16.12
N THR D 123 12.44 -39.01 -16.47
CA THR D 123 13.21 -37.97 -15.76
C THR D 123 12.71 -37.83 -14.33
N LYS D 124 11.42 -38.09 -14.11
CA LYS D 124 10.85 -37.97 -12.77
C LYS D 124 11.42 -39.01 -11.81
N HIS D 125 11.67 -40.22 -12.32
CA HIS D 125 12.11 -41.35 -11.50
C HIS D 125 13.62 -41.52 -11.51
N CYS D 126 14.33 -40.63 -12.20
CA CYS D 126 15.78 -40.74 -12.31
C CYS D 126 16.53 -39.41 -12.14
N LYS D 127 17.08 -39.22 -10.94
CA LYS D 127 17.72 -37.95 -10.57
C LYS D 127 18.92 -37.61 -11.47
N LYS D 128 19.66 -38.61 -11.91
CA LYS D 128 20.84 -38.37 -12.74
C LYS D 128 20.47 -37.84 -14.12
N LEU D 129 19.29 -38.23 -14.61
CA LEU D 129 18.84 -37.85 -15.95
C LEU D 129 18.27 -36.46 -15.91
N GLU D 130 17.60 -36.15 -14.82
CA GLU D 130 17.07 -34.82 -14.60
C GLU D 130 18.21 -33.83 -14.52
N ALA D 131 19.28 -34.26 -13.88
CA ALA D 131 20.49 -33.47 -13.77
C ALA D 131 20.97 -33.03 -15.15
N VAL D 132 21.12 -34.02 -16.02
CA VAL D 132 21.56 -33.77 -17.39
C VAL D 132 20.66 -32.78 -18.11
N TYR D 133 19.35 -33.01 -18.03
CA TYR D 133 18.36 -32.05 -18.58
C TYR D 133 18.56 -30.62 -18.06
N LYS D 134 18.65 -30.43 -16.75
CA LYS D 134 18.80 -29.07 -16.22
C LYS D 134 20.07 -28.42 -16.77
N GLU D 135 21.12 -29.21 -16.89
CA GLU D 135 22.40 -28.69 -17.32
C GLU D 135 22.38 -28.32 -18.79
N PHE D 136 21.74 -29.17 -19.59
CA PHE D 136 21.68 -28.95 -21.04
C PHE D 136 20.81 -27.77 -21.39
N GLU D 137 19.74 -27.56 -20.62
CA GLU D 137 18.84 -26.44 -20.88
C GLU D 137 19.49 -25.10 -20.57
N LEU D 138 20.68 -25.14 -19.97
CA LEU D 138 21.47 -23.94 -19.77
C LEU D 138 22.28 -23.55 -21.01
N GLN D 139 22.56 -24.51 -21.88
CA GLN D 139 23.37 -24.24 -23.06
C GLN D 139 22.64 -23.34 -24.04
N LYS D 140 23.38 -22.47 -24.72
CA LYS D 140 22.79 -21.51 -25.67
C LYS D 140 22.03 -22.20 -26.80
N VAL D 141 22.36 -23.45 -27.08
CA VAL D 141 21.78 -24.20 -28.18
C VAL D 141 20.33 -24.50 -27.91
N CYS D 142 20.04 -24.61 -26.61
CA CYS D 142 18.78 -25.11 -26.11
C CYS D 142 17.93 -23.95 -25.67
N TYR D 143 17.49 -23.17 -26.65
CA TYR D 143 16.77 -21.95 -26.36
C TYR D 143 15.37 -22.20 -25.76
N LEU D 144 14.85 -23.41 -25.93
CA LEU D 144 13.61 -23.80 -25.25
C LEU D 144 13.89 -25.00 -24.34
N PRO D 145 12.96 -25.28 -23.43
CA PRO D 145 13.04 -26.54 -22.69
C PRO D 145 13.11 -27.69 -23.67
N LEU D 146 13.99 -28.64 -23.44
CA LEU D 146 14.27 -29.64 -24.46
C LEU D 146 13.00 -30.36 -24.94
N ASN D 147 12.14 -30.71 -24.00
CA ASN D 147 10.98 -31.50 -24.37
C ASN D 147 9.99 -30.70 -25.20
N THR D 148 10.16 -29.39 -25.31
CA THR D 148 9.23 -28.68 -26.15
C THR D 148 9.67 -28.78 -27.62
N PHE D 149 10.94 -29.11 -27.86
CA PHE D 149 11.38 -29.40 -29.23
C PHE D 149 10.67 -30.60 -29.84
N LEU D 150 10.10 -31.46 -29.01
CA LEU D 150 9.37 -32.61 -29.53
C LEU D 150 8.06 -32.23 -30.18
N LEU D 151 7.65 -30.97 -30.01
CA LEU D 151 6.44 -30.52 -30.68
C LEU D 151 6.78 -29.96 -32.03
N LYS D 152 8.05 -29.61 -32.20
CA LYS D 152 8.45 -28.93 -33.43
C LYS D 152 8.14 -29.70 -34.73
N PRO D 153 8.35 -31.04 -34.74
CA PRO D 153 8.04 -31.78 -35.96
C PRO D 153 6.59 -31.71 -36.37
N VAL D 154 5.67 -31.99 -35.45
CA VAL D 154 4.27 -31.95 -35.83
C VAL D 154 3.82 -30.55 -36.21
N GLN D 155 4.41 -29.54 -35.57
CA GLN D 155 4.05 -28.16 -35.88
C GLN D 155 4.49 -27.74 -37.27
N ARG D 156 5.61 -28.30 -37.71
CA ARG D 156 6.16 -28.02 -39.03
C ARG D 156 5.20 -28.44 -40.13
N LEU D 157 4.52 -29.57 -39.91
CA LEU D 157 3.58 -30.07 -40.89
C LEU D 157 2.38 -29.16 -40.95
N VAL D 158 2.12 -28.46 -39.85
CA VAL D 158 1.01 -27.52 -39.91
C VAL D 158 1.46 -26.34 -40.75
N HIS D 159 2.67 -25.88 -40.48
CA HIS D 159 3.22 -24.79 -41.27
C HIS D 159 3.15 -25.09 -42.76
N TYR D 160 3.45 -26.34 -43.14
CA TYR D 160 3.32 -26.77 -44.52
C TYR D 160 1.91 -26.51 -45.01
N ARG D 161 0.91 -26.95 -44.24
CA ARG D 161 -0.48 -26.77 -44.63
C ARG D 161 -0.76 -25.30 -44.84
N LEU D 162 -0.32 -24.47 -43.90
CA LEU D 162 -0.46 -23.03 -44.02
C LEU D 162 0.20 -22.50 -45.29
N LEU D 163 1.46 -22.86 -45.48
CA LEU D 163 2.22 -22.37 -46.63
C LEU D 163 1.60 -22.79 -47.96
N LEU D 164 1.17 -24.04 -48.05
CA LEU D 164 0.65 -24.53 -49.30
C LEU D 164 -0.68 -23.88 -49.63
N SER D 165 -1.51 -23.67 -48.62
CA SER D 165 -2.81 -23.08 -48.89
C SER D 165 -2.69 -21.63 -49.35
N ARG D 166 -1.65 -20.95 -48.89
CA ARG D 166 -1.34 -19.63 -49.42
C ARG D 166 -0.95 -19.69 -50.89
N LEU D 167 -0.17 -20.71 -51.24
CA LEU D 167 0.21 -20.91 -52.63
C LEU D 167 -1.00 -21.17 -53.50
N CYS D 168 -1.91 -22.03 -53.04
CA CYS D 168 -3.14 -22.31 -53.81
C CYS D 168 -4.01 -21.07 -53.98
N ALA D 169 -4.03 -20.21 -52.97
CA ALA D 169 -4.72 -18.92 -53.04
C ALA D 169 -4.15 -18.05 -54.15
N HIS D 170 -2.83 -17.95 -54.17
CA HIS D 170 -2.13 -17.09 -55.13
C HIS D 170 -2.35 -17.53 -56.59
N TYR D 171 -2.13 -18.81 -56.87
CA TYR D 171 -2.20 -19.30 -58.25
C TYR D 171 -3.62 -19.32 -58.79
N SER D 172 -3.77 -18.99 -60.06
CA SER D 172 -5.05 -19.18 -60.73
C SER D 172 -5.04 -20.51 -61.47
N PRO D 173 -6.21 -21.17 -61.56
CA PRO D 173 -6.46 -22.43 -62.27
C PRO D 173 -5.72 -22.62 -63.62
N GLY D 174 -5.45 -21.55 -64.35
CA GLY D 174 -4.71 -21.67 -65.59
C GLY D 174 -3.26 -22.08 -65.40
N HIS D 175 -2.66 -21.62 -64.31
CA HIS D 175 -1.23 -21.79 -64.03
C HIS D 175 -0.76 -23.26 -64.01
N ARG D 176 0.40 -23.50 -64.59
CA ARG D 176 1.00 -24.85 -64.60
C ARG D 176 1.31 -25.36 -63.20
N ASP D 177 1.56 -24.45 -62.26
CA ASP D 177 1.87 -24.87 -60.90
C ASP D 177 0.63 -25.10 -60.01
N TYR D 178 -0.57 -24.80 -60.54
CA TYR D 178 -1.80 -24.90 -59.76
C TYR D 178 -2.14 -26.35 -59.42
N ALA D 179 -2.18 -27.18 -60.46
CA ALA D 179 -2.42 -28.62 -60.35
C ALA D 179 -1.60 -29.23 -59.22
N ASP D 180 -0.28 -29.17 -59.34
CA ASP D 180 0.62 -29.76 -58.35
C ASP D 180 0.34 -29.26 -56.92
N CYS D 181 0.19 -27.95 -56.76
CA CYS D 181 -0.03 -27.36 -55.44
C CYS D 181 -1.30 -27.84 -54.77
N HIS D 182 -2.38 -27.95 -55.54
CA HIS D 182 -3.65 -28.41 -55.00
C HIS D 182 -3.54 -29.82 -54.43
N GLU D 183 -2.92 -30.73 -55.18
CA GLU D 183 -2.71 -32.10 -54.71
C GLU D 183 -1.76 -32.13 -53.52
N ALA D 184 -0.75 -31.25 -53.56
CA ALA D 184 0.21 -31.13 -52.50
C ALA D 184 -0.50 -30.78 -51.20
N LEU D 185 -1.42 -29.82 -51.30
CA LEU D 185 -2.18 -29.40 -50.14
C LEU D 185 -3.08 -30.51 -49.65
N LYS D 186 -3.71 -31.22 -50.57
CA LYS D 186 -4.61 -32.32 -50.21
C LYS D 186 -3.81 -33.34 -49.39
N ALA D 187 -2.58 -33.58 -49.82
CA ALA D 187 -1.71 -34.54 -49.16
C ALA D 187 -1.30 -34.12 -47.74
N ILE D 188 -0.83 -32.89 -47.60
CA ILE D 188 -0.40 -32.44 -46.28
C ILE D 188 -1.61 -32.37 -45.35
N THR D 189 -2.77 -32.12 -45.94
CA THR D 189 -3.96 -32.06 -45.12
C THR D 189 -4.36 -33.43 -44.56
N GLU D 190 -4.27 -34.48 -45.37
CA GLU D 190 -4.52 -35.83 -44.88
C GLU D 190 -3.60 -36.13 -43.70
N VAL D 191 -2.34 -35.73 -43.83
CA VAL D 191 -1.35 -36.02 -42.81
C VAL D 191 -1.61 -35.24 -41.52
N THR D 192 -1.78 -33.92 -41.62
CA THR D 192 -2.10 -33.12 -40.45
C THR D 192 -3.32 -33.67 -39.70
N THR D 193 -4.33 -34.06 -40.48
CA THR D 193 -5.53 -34.67 -39.94
C THR D 193 -5.26 -35.97 -39.18
N GLU D 194 -4.45 -36.84 -39.75
CA GLU D 194 -4.14 -38.10 -39.11
C GLU D 194 -3.39 -37.85 -37.81
N LEU D 195 -2.59 -36.79 -37.77
CA LEU D 195 -1.80 -36.52 -36.59
C LEU D 195 -2.48 -35.59 -35.59
N GLN D 196 -3.72 -35.20 -35.85
CA GLN D 196 -4.45 -34.34 -34.91
C GLN D 196 -4.43 -34.90 -33.49
N GLN D 197 -4.89 -36.14 -33.32
CA GLN D 197 -4.85 -36.83 -32.03
C GLN D 197 -3.50 -36.63 -31.32
N SER D 198 -2.41 -36.75 -32.06
CA SER D 198 -1.08 -36.70 -31.45
C SER D 198 -0.61 -35.27 -31.20
N LEU D 199 -0.96 -34.37 -32.10
CA LEU D 199 -0.66 -32.96 -31.88
C LEU D 199 -1.37 -32.47 -30.63
N THR D 200 -2.67 -32.77 -30.49
CA THR D 200 -3.43 -32.35 -29.32
C THR D 200 -2.81 -32.88 -28.03
N ARG D 201 -2.56 -34.19 -28.01
CA ARG D 201 -1.94 -34.82 -26.85
C ARG D 201 -0.61 -34.14 -26.47
N LEU D 202 0.20 -33.84 -27.48
CA LEU D 202 1.48 -33.17 -27.25
C LEU D 202 1.28 -31.79 -26.67
N GLU D 203 0.43 -31.01 -27.33
CA GLU D 203 0.11 -29.68 -26.88
C GLU D 203 -0.37 -29.63 -25.44
N ASN D 204 -1.15 -30.63 -25.04
CA ASN D 204 -1.68 -30.65 -23.68
C ASN D 204 -0.65 -31.06 -22.63
N LEU D 205 0.25 -31.97 -23.00
CA LEU D 205 1.38 -32.34 -22.14
C LEU D 205 2.26 -31.12 -21.84
N GLN D 206 2.60 -30.38 -22.89
CA GLN D 206 3.36 -29.15 -22.73
C GLN D 206 2.65 -28.08 -21.88
N LYS D 207 1.35 -27.89 -22.09
CA LYS D 207 0.60 -26.88 -21.34
C LYS D 207 0.62 -27.28 -19.88
N LEU D 208 0.38 -28.56 -19.63
CA LEU D 208 0.35 -29.02 -18.25
C LEU D 208 1.67 -28.76 -17.51
N THR D 209 2.80 -29.17 -18.06
CA THR D 209 4.08 -28.95 -17.36
C THR D 209 4.38 -27.46 -17.14
N GLU D 210 4.03 -26.62 -18.12
CA GLU D 210 4.19 -25.16 -18.01
C GLU D 210 3.31 -24.59 -16.89
N LEU D 211 2.05 -24.95 -16.93
CA LEU D 211 1.08 -24.49 -15.97
C LEU D 211 1.31 -24.93 -14.53
N GLN D 212 1.84 -26.14 -14.36
CA GLN D 212 2.00 -26.72 -13.02
C GLN D 212 3.11 -26.01 -12.25
N ARG D 213 4.03 -25.42 -13.00
CA ARG D 213 5.13 -24.62 -12.49
C ARG D 213 4.69 -23.18 -12.17
N ASP D 214 3.46 -22.84 -12.54
CA ASP D 214 2.93 -21.48 -12.42
C ASP D 214 1.52 -21.46 -11.85
N LEU D 215 1.36 -21.79 -10.59
CA LEU D 215 0.04 -21.71 -9.98
C LEU D 215 -0.14 -20.34 -9.35
N VAL D 216 -1.37 -19.90 -9.16
CA VAL D 216 -1.55 -18.61 -8.53
C VAL D 216 -1.27 -18.73 -7.05
N GLY E 1 2.78 -21.78 -25.07
CA GLY E 1 3.54 -21.36 -26.24
C GLY E 1 2.70 -20.94 -27.45
N PRO E 2 3.14 -21.32 -28.67
CA PRO E 2 2.57 -20.88 -29.96
C PRO E 2 1.24 -21.53 -30.37
N HIS E 3 0.30 -20.70 -30.84
CA HIS E 3 -1.04 -21.15 -31.23
C HIS E 3 -1.17 -21.29 -32.77
N MSE E 4 -2.01 -22.21 -33.23
CA MSE E 4 -2.35 -22.36 -34.65
C MSE E 4 -3.84 -22.66 -34.83
O MSE E 4 -4.41 -23.42 -34.04
CB MSE E 4 -1.48 -23.43 -35.32
CG MSE E 4 -1.09 -24.62 -34.41
SE MSE E 4 0.73 -25.35 -34.71
CE MSE E 4 1.52 -24.86 -32.99
N GLU E 5 -4.50 -22.05 -35.83
CA GLU E 5 -3.88 -21.18 -36.81
C GLU E 5 -3.87 -19.70 -36.37
N ASP E 6 -2.98 -19.41 -35.42
CA ASP E 6 -2.53 -18.06 -35.16
C ASP E 6 -1.47 -17.79 -36.20
N GLU E 7 -1.87 -17.14 -37.27
CA GLU E 7 -0.96 -16.88 -38.37
C GLU E 7 0.20 -16.01 -37.91
N ALA E 8 -0.09 -15.05 -37.04
CA ALA E 8 0.94 -14.11 -36.59
C ALA E 8 2.20 -14.82 -36.13
N TYR E 9 2.03 -15.90 -35.36
CA TYR E 9 3.18 -16.66 -34.89
C TYR E 9 3.98 -17.12 -36.09
N PHE E 10 3.28 -17.58 -37.12
CA PHE E 10 3.96 -18.09 -38.30
C PHE E 10 4.61 -17.01 -39.15
N ILE E 11 3.97 -15.84 -39.27
CA ILE E 11 4.58 -14.74 -40.00
C ILE E 11 5.87 -14.35 -39.28
N ALA E 12 5.78 -14.23 -37.96
CA ALA E 12 6.95 -13.87 -37.17
C ALA E 12 8.05 -14.90 -37.39
N LYS E 13 7.67 -16.18 -37.34
CA LYS E 13 8.60 -17.26 -37.59
C LYS E 13 9.23 -17.08 -38.98
N GLU E 14 8.40 -16.81 -39.98
CA GLU E 14 8.86 -16.57 -41.35
C GLU E 14 9.79 -15.36 -41.49
N ILE E 15 9.47 -14.26 -40.82
CA ILE E 15 10.36 -13.10 -40.80
C ILE E 15 11.72 -13.48 -40.23
N LEU E 16 11.72 -14.16 -39.10
CA LEU E 16 12.96 -14.60 -38.47
C LEU E 16 13.79 -15.55 -39.36
N ALA E 17 13.16 -16.58 -39.91
CA ALA E 17 13.89 -17.52 -40.74
C ALA E 17 14.47 -16.85 -41.98
N THR E 18 13.65 -16.09 -42.69
CA THR E 18 14.12 -15.43 -43.91
C THR E 18 15.18 -14.38 -43.61
N GLU E 19 15.22 -13.90 -42.37
CA GLU E 19 16.26 -12.98 -41.97
C GLU E 19 17.60 -13.65 -41.83
N ARG E 20 17.61 -14.81 -41.17
CA ARG E 20 18.83 -15.62 -41.05
C ARG E 20 19.44 -15.90 -42.43
N THR E 21 18.60 -16.40 -43.34
CA THR E 21 18.96 -16.62 -44.72
C THR E 21 19.57 -15.39 -45.39
N TYR E 22 18.90 -14.24 -45.28
CA TYR E 22 19.35 -13.02 -45.93
C TYR E 22 20.72 -12.56 -45.44
N LEU E 23 20.97 -12.66 -44.13
CA LEU E 23 22.29 -12.32 -43.59
C LEU E 23 23.38 -13.24 -44.13
N LYS E 24 23.06 -14.53 -44.27
CA LYS E 24 23.99 -15.46 -44.90
C LYS E 24 24.27 -14.99 -46.30
N ASP E 25 23.24 -14.53 -46.99
CA ASP E 25 23.39 -13.99 -48.34
C ASP E 25 24.37 -12.81 -48.33
N LEU E 26 24.19 -11.87 -47.40
CA LEU E 26 25.10 -10.75 -47.27
C LEU E 26 26.55 -11.21 -47.02
N GLU E 27 26.71 -12.19 -46.13
CA GLU E 27 28.05 -12.69 -45.80
C GLU E 27 28.81 -13.23 -47.00
N VAL E 28 28.10 -13.68 -48.05
CA VAL E 28 28.74 -14.07 -49.29
C VAL E 28 29.63 -12.93 -49.75
N ILE E 29 29.17 -11.71 -49.51
CA ILE E 29 29.97 -10.52 -49.76
C ILE E 29 30.86 -10.16 -48.56
N THR E 30 30.24 -9.79 -47.44
CA THR E 30 30.93 -9.21 -46.30
C THR E 30 31.94 -10.14 -45.61
N VAL E 31 31.98 -11.39 -46.05
CA VAL E 31 32.91 -12.35 -45.45
C VAL E 31 33.77 -13.05 -46.51
N TRP E 32 33.19 -14.01 -47.23
CA TRP E 32 33.97 -14.89 -48.10
C TRP E 32 34.57 -14.17 -49.30
N PHE E 33 33.86 -13.17 -49.81
CA PHE E 33 34.39 -12.38 -50.91
C PHE E 33 35.50 -11.47 -50.39
N ARG E 34 35.21 -10.75 -49.32
CA ARG E 34 36.19 -9.87 -48.69
C ARG E 34 37.52 -10.57 -48.42
N SER E 35 37.49 -11.71 -47.73
CA SER E 35 38.73 -12.42 -47.36
C SER E 35 39.53 -12.82 -48.59
N VAL E 36 38.82 -13.23 -49.64
CA VAL E 36 39.43 -13.55 -50.92
C VAL E 36 40.02 -12.30 -51.60
N LEU E 37 39.36 -11.16 -51.42
CA LEU E 37 39.84 -9.90 -51.98
C LEU E 37 41.10 -9.36 -51.31
N ILE E 38 41.36 -9.77 -50.07
CA ILE E 38 42.58 -9.34 -49.39
C ILE E 38 43.74 -10.30 -49.66
N LYS E 39 43.44 -11.60 -49.68
CA LYS E 39 44.43 -12.63 -49.95
C LYS E 39 44.78 -12.68 -51.44
N GLU E 40 44.17 -11.77 -52.21
CA GLU E 40 44.50 -11.61 -53.62
C GLU E 40 44.88 -10.18 -53.96
N GLU E 41 44.43 -9.23 -53.15
CA GLU E 41 44.71 -7.80 -53.32
C GLU E 41 44.44 -7.35 -54.74
N ALA E 42 43.44 -7.96 -55.36
CA ALA E 42 43.13 -7.68 -56.76
C ALA E 42 42.13 -6.55 -56.87
N MSE E 43 41.77 -5.96 -55.73
CA MSE E 43 40.84 -4.84 -55.67
C MSE E 43 41.58 -3.54 -55.30
O MSE E 43 42.18 -3.48 -54.24
CB MSE E 43 39.74 -5.10 -54.65
CG MSE E 43 38.47 -5.80 -55.18
SE MSE E 43 37.03 -4.56 -55.68
CE MSE E 43 35.80 -4.85 -54.21
N PRO E 44 41.50 -2.53 -56.18
CA PRO E 44 42.06 -1.20 -55.90
C PRO E 44 41.67 -0.65 -54.52
N ALA E 45 42.44 0.32 -54.04
CA ALA E 45 42.17 0.94 -52.75
C ALA E 45 40.76 1.53 -52.73
N ALA E 46 40.40 2.17 -53.84
CA ALA E 46 39.15 2.91 -53.98
C ALA E 46 37.97 1.98 -54.10
N LEU E 47 38.04 1.08 -55.08
CA LEU E 47 36.94 0.16 -55.38
C LEU E 47 36.45 -0.64 -54.18
N MSE E 48 37.39 -1.28 -53.49
CA MSE E 48 37.08 -2.08 -52.30
C MSE E 48 36.40 -1.21 -51.26
O MSE E 48 35.38 -1.60 -50.68
CB MSE E 48 38.37 -2.67 -51.71
CG MSE E 48 38.32 -4.17 -51.52
SE MSE E 48 39.99 -4.91 -50.86
CE MSE E 48 39.99 -4.09 -49.09
N ALA E 49 36.96 -0.02 -51.03
CA ALA E 49 36.39 0.93 -50.11
C ALA E 49 34.93 1.26 -50.45
N LEU E 50 34.64 1.46 -51.73
CA LEU E 50 33.31 1.90 -52.16
C LEU E 50 32.23 0.83 -51.99
N LEU E 51 32.63 -0.43 -52.07
CA LEU E 51 31.71 -1.54 -51.90
C LEU E 51 31.29 -1.68 -50.45
N PHE E 52 32.24 -2.14 -49.62
CA PHE E 52 32.00 -2.40 -48.21
C PHE E 52 31.65 -1.13 -47.42
N SER E 53 31.48 -0.01 -48.11
CA SER E 53 31.09 1.24 -47.49
C SER E 53 29.59 1.41 -47.47
N ASN E 54 28.92 0.90 -48.51
CA ASN E 54 27.47 0.96 -48.56
C ASN E 54 26.87 -0.42 -48.30
N ILE E 55 27.67 -1.32 -47.74
CA ILE E 55 27.23 -2.68 -47.43
C ILE E 55 27.39 -3.02 -45.95
N ASP E 56 28.61 -2.87 -45.43
CA ASP E 56 28.88 -3.14 -44.03
C ASP E 56 27.86 -2.49 -43.07
N PRO E 57 27.48 -1.23 -43.31
CA PRO E 57 26.44 -0.63 -42.46
C PRO E 57 25.07 -1.29 -42.61
N VAL E 58 24.78 -1.87 -43.78
CA VAL E 58 23.50 -2.55 -43.94
C VAL E 58 23.54 -3.87 -43.19
N TYR E 59 24.63 -4.60 -43.37
CA TYR E 59 24.86 -5.82 -42.61
C TYR E 59 24.72 -5.54 -41.11
N GLU E 60 25.15 -4.37 -40.67
CA GLU E 60 25.10 -4.07 -39.24
C GLU E 60 23.68 -3.79 -38.72
N PHE E 61 22.84 -3.19 -39.54
CA PHE E 61 21.46 -2.94 -39.11
C PHE E 61 20.69 -4.23 -39.05
N HIS E 62 20.86 -5.07 -40.08
CA HIS E 62 20.18 -6.36 -40.13
C HIS E 62 20.65 -7.30 -39.04
N ARG E 63 21.94 -7.29 -38.71
CA ARG E 63 22.42 -8.20 -37.69
C ARG E 63 21.81 -7.85 -36.34
N GLY E 64 21.58 -6.55 -36.14
CA GLY E 64 20.92 -6.06 -34.95
C GLY E 64 19.46 -6.43 -34.95
N PHE E 65 18.81 -6.24 -36.09
CA PHE E 65 17.39 -6.56 -36.25
C PHE E 65 17.11 -8.02 -35.96
N LEU E 66 17.98 -8.88 -36.46
CA LEU E 66 17.80 -10.32 -36.29
C LEU E 66 17.89 -10.67 -34.81
N HIS E 67 18.79 -10.01 -34.10
CA HIS E 67 18.96 -10.31 -32.68
C HIS E 67 17.65 -10.05 -31.91
N GLU E 68 17.07 -8.87 -32.11
CA GLU E 68 15.80 -8.49 -31.47
C GLU E 68 14.67 -9.44 -31.80
N VAL E 69 14.64 -9.94 -33.02
CA VAL E 69 13.55 -10.82 -33.47
C VAL E 69 13.68 -12.20 -32.89
N GLU E 70 14.90 -12.73 -32.92
CA GLU E 70 15.21 -14.05 -32.37
C GLU E 70 14.88 -14.07 -30.88
N GLN E 71 15.28 -13.02 -30.19
CA GLN E 71 15.06 -12.93 -28.76
C GLN E 71 13.59 -13.02 -28.43
N ARG E 72 12.76 -12.36 -29.25
CA ARG E 72 11.31 -12.31 -29.08
C ARG E 72 10.68 -13.65 -29.34
N LEU E 73 10.98 -14.24 -30.50
CA LEU E 73 10.41 -15.53 -30.87
C LEU E 73 10.67 -16.59 -29.81
N ALA E 74 11.82 -16.50 -29.16
CA ALA E 74 12.15 -17.48 -28.12
C ALA E 74 11.21 -17.34 -26.90
N LEU E 75 10.91 -16.10 -26.53
CA LEU E 75 9.96 -15.81 -25.47
C LEU E 75 8.57 -16.30 -25.84
N TRP E 76 8.22 -16.07 -27.11
CA TRP E 76 6.94 -16.45 -27.67
C TRP E 76 6.76 -17.96 -27.55
N GLU E 77 7.73 -18.71 -28.06
CA GLU E 77 7.57 -20.15 -28.09
C GLU E 77 7.99 -20.85 -26.80
N GLY E 78 8.36 -20.07 -25.77
CA GLY E 78 8.74 -20.65 -24.49
C GLY E 78 7.81 -20.44 -23.31
N PRO E 79 8.15 -21.07 -22.18
CA PRO E 79 7.30 -21.06 -20.98
C PRO E 79 7.21 -19.69 -20.33
N SER E 80 6.26 -18.90 -20.81
CA SER E 80 5.99 -17.61 -20.23
C SER E 80 5.15 -17.78 -18.95
N SER E 81 5.43 -16.94 -17.97
CA SER E 81 4.50 -16.74 -16.87
C SER E 81 3.19 -16.20 -17.49
N ALA E 82 2.05 -16.53 -16.88
CA ALA E 82 0.76 -16.39 -17.53
C ALA E 82 0.36 -14.95 -17.92
N HIS E 83 0.62 -14.00 -17.02
CA HIS E 83 0.30 -12.61 -17.30
C HIS E 83 1.19 -12.01 -18.40
N LEU E 84 2.27 -12.71 -18.73
CA LEU E 84 3.25 -12.17 -19.66
C LEU E 84 3.00 -12.68 -21.06
N LYS E 85 2.09 -13.64 -21.20
CA LYS E 85 1.80 -14.24 -22.51
C LYS E 85 1.39 -13.19 -23.55
N GLY E 86 0.65 -12.18 -23.10
CA GLY E 86 0.23 -11.11 -23.98
C GLY E 86 1.41 -10.39 -24.59
N ASP E 87 2.45 -10.20 -23.78
CA ASP E 87 3.58 -9.38 -24.17
C ASP E 87 4.61 -10.15 -25.00
N HIS E 88 4.62 -11.46 -24.88
CA HIS E 88 5.55 -12.25 -25.66
C HIS E 88 4.97 -12.63 -27.01
N GLN E 89 3.68 -12.92 -27.05
CA GLN E 89 3.07 -13.39 -28.29
C GLN E 89 2.64 -12.22 -29.18
N ARG E 90 3.64 -11.45 -29.62
CA ARG E 90 3.42 -10.28 -30.47
C ARG E 90 4.75 -9.88 -31.07
N ILE E 91 4.74 -9.07 -32.12
CA ILE E 91 5.99 -8.69 -32.77
C ILE E 91 5.95 -7.32 -33.41
N GLY E 92 4.77 -6.72 -33.44
CA GLY E 92 4.60 -5.41 -34.05
C GLY E 92 5.56 -4.35 -33.53
N ASP E 93 5.70 -4.27 -32.22
CA ASP E 93 6.56 -3.26 -31.60
C ASP E 93 7.98 -3.31 -32.17
N ILE E 94 8.60 -4.48 -32.15
CA ILE E 94 9.94 -4.68 -32.68
C ILE E 94 10.05 -4.30 -34.17
N LEU E 95 9.03 -4.71 -34.93
CA LEU E 95 8.94 -4.36 -36.34
C LEU E 95 8.94 -2.85 -36.58
N LEU E 96 7.98 -2.17 -35.96
CA LEU E 96 7.84 -0.72 -36.08
C LEU E 96 9.16 -0.02 -35.79
N ARG E 97 9.77 -0.38 -34.66
CA ARG E 97 11.05 0.17 -34.25
C ARG E 97 12.10 0.03 -35.35
N ASN E 98 12.23 -1.17 -35.89
CA ASN E 98 13.26 -1.42 -36.87
C ASN E 98 12.93 -0.91 -38.28
N MSE E 99 11.65 -0.74 -38.57
CA MSE E 99 11.25 -0.14 -39.83
C MSE E 99 11.49 1.37 -39.83
O MSE E 99 11.79 1.95 -40.89
CB MSE E 99 9.81 -0.49 -40.19
CG MSE E 99 9.56 -1.99 -40.43
SE MSE E 99 10.59 -2.84 -41.88
CE MSE E 99 12.11 -3.51 -40.85
N ARG E 100 11.38 2.01 -38.66
CA ARG E 100 11.77 3.42 -38.57
C ARG E 100 13.27 3.52 -38.78
N GLN E 101 14.06 2.80 -37.98
CA GLN E 101 15.53 2.82 -38.07
C GLN E 101 16.03 2.61 -39.49
N LEU E 102 15.23 1.90 -40.29
CA LEU E 102 15.55 1.57 -41.67
C LEU E 102 15.56 2.83 -42.56
N LYS E 103 14.62 3.74 -42.34
CA LYS E 103 14.60 5.03 -43.05
C LYS E 103 15.96 5.76 -42.99
N GLU E 104 16.67 5.66 -41.87
CA GLU E 104 17.98 6.31 -41.71
C GLU E 104 19.13 5.57 -42.42
N PHE E 105 18.77 4.70 -43.36
CA PHE E 105 19.72 3.88 -44.14
C PHE E 105 19.42 3.93 -45.64
N THR E 106 18.23 4.43 -45.99
CA THR E 106 17.83 4.68 -47.39
C THR E 106 18.98 5.16 -48.26
N SER E 107 19.74 6.12 -47.74
CA SER E 107 20.96 6.62 -48.39
C SER E 107 21.84 5.51 -48.96
N TYR E 108 22.25 4.59 -48.08
CA TYR E 108 23.24 3.58 -48.46
C TYR E 108 22.71 2.70 -49.58
N PHE E 109 21.40 2.50 -49.61
CA PHE E 109 20.77 1.62 -50.61
C PHE E 109 20.78 2.23 -52.00
N GLN E 110 20.29 3.46 -52.12
CA GLN E 110 20.29 4.18 -53.39
C GLN E 110 21.66 4.10 -54.08
N ARG E 111 22.73 4.20 -53.28
CA ARG E 111 24.10 4.14 -53.78
C ARG E 111 24.51 2.75 -54.30
N HIS E 112 23.60 1.77 -54.24
CA HIS E 112 23.93 0.40 -54.66
C HIS E 112 23.96 0.22 -56.17
N ASP E 113 22.94 0.80 -56.82
CA ASP E 113 22.85 0.78 -58.27
C ASP E 113 24.16 1.27 -58.87
N GLU E 114 24.75 2.28 -58.24
CA GLU E 114 26.02 2.84 -58.63
C GLU E 114 27.17 1.88 -58.33
N VAL E 115 27.09 1.18 -57.20
CA VAL E 115 28.15 0.25 -56.81
C VAL E 115 28.30 -0.82 -57.88
N LEU E 116 27.16 -1.35 -58.33
CA LEU E 116 27.17 -2.37 -59.38
C LEU E 116 27.74 -1.80 -60.68
N THR E 117 27.28 -0.61 -61.04
CA THR E 117 27.74 0.10 -62.24
C THR E 117 29.26 0.13 -62.33
N GLU E 118 29.90 0.63 -61.27
CA GLU E 118 31.35 0.82 -61.26
C GLU E 118 32.07 -0.48 -60.92
N LEU E 119 31.31 -1.54 -60.68
CA LEU E 119 31.88 -2.85 -60.36
C LEU E 119 32.14 -3.63 -61.62
N GLU E 120 31.14 -3.63 -62.49
CA GLU E 120 31.23 -4.28 -63.79
C GLU E 120 32.26 -3.56 -64.64
N LYS E 121 32.22 -2.23 -64.61
CA LYS E 121 33.17 -1.41 -65.32
C LYS E 121 34.61 -1.75 -64.93
N ALA E 122 34.80 -2.20 -63.70
CA ALA E 122 36.13 -2.57 -63.20
C ALA E 122 36.54 -3.97 -63.66
N THR E 123 35.68 -4.96 -63.41
CA THR E 123 35.98 -6.37 -63.73
C THR E 123 36.25 -6.61 -65.22
N LYS E 124 35.73 -5.70 -66.06
CA LYS E 124 35.85 -5.79 -67.51
C LYS E 124 37.20 -5.29 -68.03
N HIS E 125 37.45 -3.99 -67.88
CA HIS E 125 38.73 -3.41 -68.29
C HIS E 125 39.84 -3.70 -67.27
N CYS E 126 39.82 -4.90 -66.69
CA CYS E 126 40.86 -5.35 -65.75
C CYS E 126 41.13 -6.87 -65.74
N LYS E 127 42.40 -7.21 -65.60
CA LYS E 127 42.89 -8.59 -65.65
C LYS E 127 42.53 -9.43 -64.41
N LYS E 128 43.12 -9.08 -63.27
CA LYS E 128 43.05 -9.90 -62.06
C LYS E 128 41.66 -10.00 -61.42
N LEU E 129 40.74 -9.12 -61.80
CA LEU E 129 39.38 -9.16 -61.27
C LEU E 129 38.57 -10.28 -61.87
N GLU E 130 38.31 -10.17 -63.18
CA GLU E 130 37.59 -11.21 -63.93
C GLU E 130 38.26 -12.57 -63.77
N ALA E 131 39.51 -12.57 -63.34
CA ALA E 131 40.23 -13.79 -63.01
C ALA E 131 39.68 -14.43 -61.73
N VAL E 132 39.66 -13.64 -60.65
CA VAL E 132 39.26 -14.14 -59.33
C VAL E 132 37.77 -14.39 -59.25
N TYR E 133 36.99 -13.55 -59.92
CA TYR E 133 35.56 -13.76 -60.05
C TYR E 133 35.23 -15.19 -60.49
N LYS E 134 35.64 -15.56 -61.71
CA LYS E 134 35.35 -16.87 -62.26
C LYS E 134 35.63 -17.99 -61.26
N GLU E 135 36.73 -17.87 -60.52
CA GLU E 135 37.07 -18.87 -59.50
C GLU E 135 36.24 -18.76 -58.23
N PHE E 136 36.01 -17.54 -57.74
CA PHE E 136 35.15 -17.35 -56.57
C PHE E 136 33.78 -17.94 -56.86
N GLU E 137 33.21 -17.54 -57.99
CA GLU E 137 31.89 -18.01 -58.41
C GLU E 137 31.79 -19.54 -58.51
N LEU E 138 32.90 -20.23 -58.31
CA LEU E 138 32.87 -21.69 -58.36
C LEU E 138 32.74 -22.33 -56.98
N GLN E 139 33.16 -21.61 -55.94
CA GLN E 139 33.02 -22.14 -54.57
C GLN E 139 31.55 -22.35 -54.17
N LYS E 140 31.32 -23.22 -53.18
CA LYS E 140 29.98 -23.59 -52.73
C LYS E 140 29.17 -22.38 -52.30
N VAL E 141 29.85 -21.49 -51.56
CA VAL E 141 29.22 -20.34 -50.92
C VAL E 141 28.54 -19.37 -51.89
N CYS E 142 29.01 -19.37 -53.13
CA CYS E 142 28.52 -18.46 -54.15
C CYS E 142 27.56 -19.20 -55.09
N TYR E 143 26.29 -19.26 -54.72
CA TYR E 143 25.32 -20.04 -55.49
C TYR E 143 24.70 -19.28 -56.68
N LEU E 144 24.81 -17.96 -56.63
CA LEU E 144 24.43 -17.12 -57.76
C LEU E 144 25.69 -16.38 -58.16
N PRO E 145 25.80 -15.97 -59.43
CA PRO E 145 26.83 -15.03 -59.87
C PRO E 145 27.00 -13.92 -58.83
N LEU E 146 28.23 -13.65 -58.41
CA LEU E 146 28.49 -12.83 -57.24
C LEU E 146 27.82 -11.47 -57.27
N ASN E 147 27.87 -10.85 -58.44
CA ASN E 147 27.27 -9.54 -58.63
C ASN E 147 25.76 -9.51 -58.31
N THR E 148 25.10 -10.65 -58.49
CA THR E 148 23.65 -10.73 -58.28
C THR E 148 23.25 -10.58 -56.82
N PHE E 149 24.22 -10.72 -55.91
CA PHE E 149 23.92 -10.55 -54.49
C PHE E 149 23.70 -9.10 -54.09
N LEU E 150 23.84 -8.17 -55.04
CA LEU E 150 23.65 -6.75 -54.72
C LEU E 150 22.20 -6.32 -54.86
N LEU E 151 21.41 -7.17 -55.50
CA LEU E 151 19.98 -6.95 -55.58
C LEU E 151 19.38 -7.40 -54.26
N LYS E 152 20.00 -8.42 -53.66
CA LYS E 152 19.53 -9.00 -52.40
C LYS E 152 19.08 -7.98 -51.33
N PRO E 153 19.91 -6.97 -51.01
CA PRO E 153 19.48 -6.01 -49.97
C PRO E 153 18.17 -5.29 -50.26
N VAL E 154 18.04 -4.80 -51.48
CA VAL E 154 16.83 -4.08 -51.86
C VAL E 154 15.65 -5.03 -51.94
N GLN E 155 15.89 -6.24 -52.46
CA GLN E 155 14.88 -7.29 -52.53
C GLN E 155 14.30 -7.59 -51.14
N ARG E 156 15.18 -7.59 -50.14
CA ARG E 156 14.79 -7.92 -48.77
C ARG E 156 13.71 -6.98 -48.25
N LEU E 157 13.85 -5.69 -48.57
CA LEU E 157 12.90 -4.69 -48.11
C LEU E 157 11.52 -4.95 -48.68
N VAL E 158 11.50 -5.40 -49.93
CA VAL E 158 10.25 -5.75 -50.58
C VAL E 158 9.56 -6.83 -49.77
N HIS E 159 10.34 -7.84 -49.37
CA HIS E 159 9.81 -8.97 -48.64
C HIS E 159 9.21 -8.51 -47.31
N TYR E 160 9.89 -7.57 -46.68
CA TYR E 160 9.39 -6.97 -45.45
C TYR E 160 7.98 -6.44 -45.66
N ARG E 161 7.75 -5.80 -46.81
CA ARG E 161 6.46 -5.18 -47.06
C ARG E 161 5.36 -6.22 -47.12
N LEU E 162 5.59 -7.31 -47.86
CA LEU E 162 4.59 -8.35 -48.01
C LEU E 162 4.34 -9.00 -46.66
N LEU E 163 5.41 -9.36 -45.96
CA LEU E 163 5.29 -9.93 -44.62
C LEU E 163 4.48 -9.02 -43.71
N LEU E 164 4.88 -7.75 -43.64
CA LEU E 164 4.22 -6.84 -42.73
C LEU E 164 2.77 -6.63 -43.10
N SER E 165 2.49 -6.63 -44.39
CA SER E 165 1.13 -6.38 -44.83
C SER E 165 0.24 -7.59 -44.53
N ARG E 166 0.81 -8.78 -44.57
CA ARG E 166 0.04 -9.97 -44.20
C ARG E 166 -0.33 -9.94 -42.72
N LEU E 167 0.62 -9.49 -41.90
CA LEU E 167 0.38 -9.30 -40.47
C LEU E 167 -0.81 -8.39 -40.22
N CYS E 168 -0.76 -7.20 -40.81
CA CYS E 168 -1.82 -6.20 -40.68
C CYS E 168 -3.18 -6.79 -41.05
N ALA E 169 -3.18 -7.63 -42.07
CA ALA E 169 -4.41 -8.20 -42.58
C ALA E 169 -4.90 -9.37 -41.71
N HIS E 170 -4.04 -9.89 -40.85
CA HIS E 170 -4.43 -10.98 -39.94
C HIS E 170 -5.05 -10.47 -38.66
N TYR E 171 -4.54 -9.33 -38.20
CA TYR E 171 -4.85 -8.81 -36.88
C TYR E 171 -6.21 -8.09 -36.83
N SER E 172 -7.07 -8.54 -35.93
CA SER E 172 -8.32 -7.82 -35.65
C SER E 172 -8.00 -6.48 -34.99
N PRO E 173 -8.72 -5.42 -35.37
CA PRO E 173 -8.50 -4.03 -34.92
C PRO E 173 -8.33 -3.85 -33.41
N GLY E 174 -8.84 -4.79 -32.62
CA GLY E 174 -8.83 -4.71 -31.17
C GLY E 174 -7.73 -5.53 -30.52
N HIS E 175 -6.90 -6.15 -31.36
CA HIS E 175 -5.71 -6.85 -30.90
C HIS E 175 -4.60 -5.84 -30.54
N ARG E 176 -3.77 -6.23 -29.59
CA ARG E 176 -2.68 -5.38 -29.08
C ARG E 176 -1.73 -4.94 -30.20
N ASP E 177 -1.30 -5.91 -31.00
CA ASP E 177 -0.28 -5.71 -32.03
C ASP E 177 -0.76 -4.93 -33.27
N TYR E 178 -2.08 -4.85 -33.46
CA TYR E 178 -2.65 -4.21 -34.64
C TYR E 178 -2.06 -2.82 -34.90
N ALA E 179 -2.06 -2.00 -33.86
CA ALA E 179 -1.56 -0.63 -33.96
C ALA E 179 -0.14 -0.55 -34.53
N ASP E 180 0.80 -1.23 -33.87
CA ASP E 180 2.21 -1.13 -34.21
C ASP E 180 2.52 -1.70 -35.59
N CYS E 181 1.85 -2.78 -35.95
CA CYS E 181 2.07 -3.41 -37.25
C CYS E 181 1.65 -2.50 -38.38
N HIS E 182 0.55 -1.77 -38.17
CA HIS E 182 0.04 -0.84 -39.18
C HIS E 182 1.01 0.30 -39.42
N GLU E 183 1.63 0.76 -38.34
CA GLU E 183 2.62 1.82 -38.42
C GLU E 183 3.89 1.30 -39.08
N ALA E 184 4.30 0.11 -38.68
CA ALA E 184 5.47 -0.54 -39.26
C ALA E 184 5.30 -0.69 -40.76
N LEU E 185 4.08 -1.03 -41.17
CA LEU E 185 3.80 -1.22 -42.57
C LEU E 185 3.91 0.11 -43.31
N LYS E 186 3.19 1.12 -42.81
CA LYS E 186 3.28 2.48 -43.36
C LYS E 186 4.74 2.89 -43.51
N ALA E 187 5.57 2.56 -42.51
CA ALA E 187 7.00 2.87 -42.54
C ALA E 187 7.73 2.30 -43.76
N ILE E 188 7.78 0.97 -43.83
CA ILE E 188 8.49 0.30 -44.93
C ILE E 188 7.90 0.61 -46.30
N THR E 189 6.60 0.80 -46.36
CA THR E 189 5.93 1.09 -47.62
C THR E 189 6.47 2.40 -48.17
N GLU E 190 6.71 3.34 -47.26
CA GLU E 190 7.34 4.59 -47.63
C GLU E 190 8.76 4.32 -48.10
N VAL E 191 9.48 3.53 -47.32
CA VAL E 191 10.85 3.21 -47.65
C VAL E 191 10.97 2.58 -49.04
N THR E 192 10.17 1.56 -49.32
CA THR E 192 10.25 0.84 -50.59
C THR E 192 10.00 1.77 -51.78
N THR E 193 9.01 2.63 -51.65
CA THR E 193 8.67 3.61 -52.67
C THR E 193 9.85 4.53 -53.05
N GLU E 194 10.48 5.14 -52.04
CA GLU E 194 11.68 5.95 -52.25
C GLU E 194 12.78 5.15 -52.98
N LEU E 195 12.78 3.85 -52.77
CA LEU E 195 13.81 2.96 -53.30
C LEU E 195 13.41 2.23 -54.57
N GLN E 196 12.14 2.36 -54.94
CA GLN E 196 11.57 1.75 -56.14
C GLN E 196 12.44 1.95 -57.39
N GLN E 197 12.89 3.19 -57.57
CA GLN E 197 13.70 3.57 -58.72
C GLN E 197 15.03 2.87 -58.72
N SER E 198 15.65 2.77 -57.55
CA SER E 198 16.96 2.13 -57.40
C SER E 198 16.86 0.64 -57.68
N LEU E 199 15.70 0.07 -57.34
CA LEU E 199 15.45 -1.35 -57.56
C LEU E 199 15.45 -1.68 -59.03
N THR E 200 14.52 -1.05 -59.76
CA THR E 200 14.31 -1.34 -61.18
C THR E 200 15.55 -1.03 -62.01
N ARG E 201 16.37 -0.09 -61.55
CA ARG E 201 17.68 0.11 -62.18
C ARG E 201 18.49 -1.18 -62.05
N LEU E 202 18.67 -1.62 -60.81
CA LEU E 202 19.39 -2.86 -60.50
C LEU E 202 18.88 -4.06 -61.29
N GLU E 203 17.57 -4.28 -61.26
CA GLU E 203 16.95 -5.40 -61.95
C GLU E 203 17.34 -5.37 -63.42
N ASN E 204 17.36 -4.17 -63.97
CA ASN E 204 17.76 -3.98 -65.35
C ASN E 204 19.27 -4.15 -65.57
N LEU E 205 20.08 -3.67 -64.63
CA LEU E 205 21.52 -3.90 -64.72
C LEU E 205 21.87 -5.38 -64.69
N GLN E 206 21.04 -6.17 -64.03
CA GLN E 206 21.25 -7.62 -63.93
C GLN E 206 20.78 -8.34 -65.17
N LYS E 207 19.53 -8.05 -65.58
CA LYS E 207 18.95 -8.63 -66.78
C LYS E 207 19.76 -8.22 -68.00
N LEU E 208 20.52 -7.14 -67.86
CA LEU E 208 21.39 -6.65 -68.92
C LEU E 208 22.55 -7.62 -69.16
N THR E 209 23.19 -8.05 -68.09
CA THR E 209 24.39 -8.87 -68.19
C THR E 209 24.06 -10.36 -68.31
N GLU E 210 22.86 -10.71 -67.87
CA GLU E 210 22.33 -12.05 -68.04
C GLU E 210 22.14 -12.34 -69.53
N LEU E 211 22.13 -11.28 -70.34
CA LEU E 211 21.94 -11.39 -71.77
C LEU E 211 23.25 -11.19 -72.55
N GLN E 212 24.22 -10.53 -71.92
CA GLN E 212 25.56 -10.44 -72.49
C GLN E 212 26.16 -11.84 -72.48
N ARG E 213 25.92 -12.56 -71.39
CA ARG E 213 26.42 -13.93 -71.22
C ARG E 213 25.47 -14.97 -71.84
N ASP E 214 24.70 -14.58 -72.85
CA ASP E 214 23.75 -15.49 -73.49
C ASP E 214 24.00 -15.54 -75.01
N LEU E 215 24.92 -14.70 -75.48
CA LEU E 215 25.25 -14.65 -76.90
C LEU E 215 26.10 -15.84 -77.33
N GLY F 1 21.11 23.70 -20.65
CA GLY F 1 21.28 24.83 -19.76
C GLY F 1 20.47 26.04 -20.15
N PRO F 2 20.08 26.87 -19.15
CA PRO F 2 19.28 28.07 -19.40
C PRO F 2 20.11 29.29 -19.83
N HIS F 3 19.47 30.17 -20.60
CA HIS F 3 20.09 31.42 -21.04
C HIS F 3 19.71 32.53 -20.04
N MSE F 4 20.69 33.38 -19.69
CA MSE F 4 20.56 34.31 -18.56
C MSE F 4 19.78 35.63 -18.82
O MSE F 4 19.77 36.53 -17.97
CB MSE F 4 21.95 34.66 -17.99
CG MSE F 4 22.84 33.44 -17.69
SE MSE F 4 22.16 32.27 -16.28
CE MSE F 4 21.53 33.64 -15.09
N GLU F 5 19.15 35.73 -19.99
CA GLU F 5 18.31 36.90 -20.32
C GLU F 5 16.87 36.44 -20.51
N ASP F 6 16.66 35.14 -20.28
CA ASP F 6 15.38 34.47 -20.40
C ASP F 6 14.58 34.74 -19.14
N GLU F 7 13.74 35.76 -19.15
CA GLU F 7 12.93 36.07 -17.96
C GLU F 7 11.97 34.92 -17.65
N ALA F 8 11.60 34.16 -18.68
CA ALA F 8 10.72 33.01 -18.49
C ALA F 8 11.33 31.98 -17.55
N TYR F 9 12.57 31.59 -17.81
CA TYR F 9 13.31 30.73 -16.91
C TYR F 9 13.20 31.19 -15.45
N PHE F 10 13.46 32.47 -15.19
CA PHE F 10 13.40 32.97 -13.83
C PHE F 10 12.00 32.98 -13.22
N ILE F 11 10.99 33.31 -14.02
CA ILE F 11 9.62 33.24 -13.55
C ILE F 11 9.28 31.79 -13.14
N ALA F 12 9.72 30.82 -13.95
CA ALA F 12 9.50 29.42 -13.62
C ALA F 12 10.22 29.07 -12.34
N LYS F 13 11.47 29.50 -12.23
CA LYS F 13 12.26 29.32 -11.04
C LYS F 13 11.49 29.86 -9.86
N GLU F 14 10.87 31.04 -10.05
CA GLU F 14 10.11 31.70 -9.00
C GLU F 14 8.82 30.94 -8.63
N ILE F 15 8.04 30.53 -9.63
CA ILE F 15 6.87 29.69 -9.41
C ILE F 15 7.21 28.45 -8.56
N LEU F 16 8.24 27.72 -8.99
CA LEU F 16 8.68 26.54 -8.29
C LEU F 16 9.02 26.88 -6.85
N ALA F 17 9.93 27.83 -6.65
CA ALA F 17 10.42 28.10 -5.31
C ALA F 17 9.35 28.59 -4.36
N THR F 18 8.42 29.40 -4.87
CA THR F 18 7.33 29.91 -4.05
C THR F 18 6.25 28.89 -3.82
N GLU F 19 6.23 27.85 -4.65
CA GLU F 19 5.34 26.71 -4.40
C GLU F 19 5.86 25.86 -3.25
N ARG F 20 7.16 25.62 -3.22
CA ARG F 20 7.73 24.82 -2.15
C ARG F 20 7.40 25.49 -0.81
N THR F 21 7.60 26.81 -0.72
CA THR F 21 7.36 27.48 0.56
C THR F 21 5.86 27.53 0.88
N TYR F 22 5.02 27.68 -0.13
CA TYR F 22 3.56 27.58 0.10
C TYR F 22 3.19 26.27 0.77
N LEU F 23 3.69 25.17 0.22
CA LEU F 23 3.43 23.85 0.75
C LEU F 23 3.99 23.66 2.16
N LYS F 24 5.18 24.18 2.43
CA LYS F 24 5.72 24.10 3.79
C LYS F 24 4.76 24.84 4.74
N ASP F 25 4.16 25.93 4.25
CA ASP F 25 3.21 26.68 5.06
C ASP F 25 1.95 25.89 5.36
N LEU F 26 1.40 25.24 4.34
CA LEU F 26 0.23 24.40 4.54
C LEU F 26 0.51 23.28 5.56
N GLU F 27 1.75 22.83 5.61
CA GLU F 27 2.10 21.78 6.54
C GLU F 27 2.01 22.26 7.97
N VAL F 28 2.17 23.56 8.17
CA VAL F 28 1.96 24.14 9.49
C VAL F 28 0.57 23.78 9.97
N ILE F 29 -0.40 23.74 9.06
CA ILE F 29 -1.75 23.28 9.41
C ILE F 29 -1.93 21.78 9.31
N THR F 30 -1.66 21.23 8.13
CA THR F 30 -2.04 19.85 7.85
C THR F 30 -1.20 18.80 8.55
N VAL F 31 0.03 19.14 8.88
CA VAL F 31 0.85 18.20 9.65
C VAL F 31 1.01 18.60 11.11
N TRP F 32 1.59 19.77 11.36
CA TRP F 32 2.02 20.11 12.71
C TRP F 32 0.90 20.46 13.68
N PHE F 33 -0.02 21.28 13.23
CA PHE F 33 -1.17 21.61 14.03
C PHE F 33 -2.02 20.35 14.27
N ARG F 34 -2.19 19.54 13.23
CA ARG F 34 -2.99 18.34 13.36
C ARG F 34 -2.35 17.42 14.40
N SER F 35 -1.02 17.30 14.36
CA SER F 35 -0.29 16.45 15.29
C SER F 35 -0.67 16.77 16.71
N VAL F 36 -0.90 18.06 16.92
CA VAL F 36 -1.19 18.60 18.23
C VAL F 36 -2.68 18.47 18.58
N LEU F 37 -3.57 18.59 17.61
CA LEU F 37 -5.02 18.44 17.87
C LEU F 37 -5.36 16.99 18.17
N ILE F 38 -4.54 16.09 17.64
CA ILE F 38 -4.69 14.67 17.84
C ILE F 38 -4.16 14.25 19.19
N LYS F 39 -3.01 14.79 19.61
CA LYS F 39 -2.50 14.50 20.94
C LYS F 39 -3.42 15.02 22.05
N GLU F 40 -4.12 16.13 21.79
CA GLU F 40 -4.92 16.81 22.81
C GLU F 40 -6.42 16.54 22.78
N GLU F 41 -6.94 16.24 21.60
CA GLU F 41 -8.39 16.08 21.40
C GLU F 41 -9.17 17.31 21.89
N ALA F 42 -8.61 18.48 21.62
CA ALA F 42 -9.20 19.73 22.09
C ALA F 42 -10.24 20.23 21.12
N MSE F 43 -10.12 19.80 19.87
CA MSE F 43 -11.04 20.23 18.84
C MSE F 43 -12.07 19.14 18.54
O MSE F 43 -11.67 18.02 18.21
CB MSE F 43 -10.29 20.61 17.58
CG MSE F 43 -11.11 21.46 16.64
SE MSE F 43 -10.16 21.83 14.97
CE MSE F 43 -9.08 23.34 15.53
N PRO F 44 -13.37 19.48 18.63
CA PRO F 44 -14.49 18.56 18.34
C PRO F 44 -14.20 17.87 17.01
N ALA F 45 -14.60 16.61 16.85
CA ALA F 45 -14.22 15.91 15.62
C ALA F 45 -14.85 16.53 14.37
N ALA F 46 -16.02 17.14 14.56
CA ALA F 46 -16.77 17.74 13.46
C ALA F 46 -16.04 18.95 12.89
N LEU F 47 -15.57 19.82 13.77
CA LEU F 47 -14.86 21.02 13.39
C LEU F 47 -13.49 20.68 12.80
N MSE F 48 -12.84 19.68 13.38
CA MSE F 48 -11.60 19.14 12.82
C MSE F 48 -11.80 18.70 11.37
O MSE F 48 -10.99 19.01 10.49
CB MSE F 48 -11.16 17.93 13.64
CG MSE F 48 -9.93 18.16 14.48
SE MSE F 48 -9.45 16.59 15.53
CE MSE F 48 -7.95 15.94 14.43
N ALA F 49 -12.88 17.96 11.14
CA ALA F 49 -13.24 17.53 9.80
C ALA F 49 -13.39 18.75 8.89
N LEU F 50 -14.00 19.81 9.41
CA LEU F 50 -14.31 20.97 8.61
C LEU F 50 -13.03 21.62 8.11
N LEU F 51 -12.09 21.83 9.02
CA LEU F 51 -10.77 22.32 8.70
C LEU F 51 -10.07 21.39 7.72
N PHE F 52 -9.73 20.19 8.16
CA PHE F 52 -8.84 19.36 7.35
C PHE F 52 -9.41 18.90 6.02
N SER F 53 -10.72 18.70 5.97
CA SER F 53 -11.39 18.34 4.73
C SER F 53 -11.33 19.40 3.63
N ASN F 54 -11.11 20.67 3.99
CA ASN F 54 -10.98 21.70 2.97
C ASN F 54 -9.56 22.20 2.80
N ILE F 55 -8.60 21.48 3.35
CA ILE F 55 -7.21 21.83 3.13
C ILE F 55 -6.50 20.67 2.47
N ASP F 56 -6.80 19.48 2.95
CA ASP F 56 -6.06 18.32 2.53
C ASP F 56 -6.07 18.11 1.02
N PRO F 57 -7.25 18.18 0.40
CA PRO F 57 -7.20 18.01 -1.07
C PRO F 57 -6.53 19.18 -1.74
N VAL F 58 -6.63 20.37 -1.16
CA VAL F 58 -5.92 21.50 -1.72
C VAL F 58 -4.42 21.17 -1.72
N TYR F 59 -3.92 20.69 -0.59
CA TYR F 59 -2.51 20.38 -0.47
C TYR F 59 -2.11 19.30 -1.45
N GLU F 60 -2.90 18.25 -1.51
CA GLU F 60 -2.62 17.18 -2.47
C GLU F 60 -2.51 17.73 -3.89
N PHE F 61 -3.36 18.69 -4.22
CA PHE F 61 -3.35 19.18 -5.58
C PHE F 61 -2.02 19.86 -5.92
N HIS F 62 -1.64 20.80 -5.07
CA HIS F 62 -0.41 21.54 -5.23
C HIS F 62 0.81 20.62 -5.31
N ARG F 63 0.81 19.57 -4.51
CA ARG F 63 1.95 18.68 -4.47
C ARG F 63 2.22 18.08 -5.84
N GLY F 64 1.15 17.93 -6.60
CA GLY F 64 1.21 17.34 -7.91
C GLY F 64 1.61 18.40 -8.90
N PHE F 65 1.11 19.60 -8.69
CA PHE F 65 1.50 20.74 -9.50
C PHE F 65 2.98 20.99 -9.32
N LEU F 66 3.45 20.95 -8.08
CA LEU F 66 4.87 21.12 -7.79
C LEU F 66 5.71 20.07 -8.51
N HIS F 67 5.26 18.83 -8.49
CA HIS F 67 6.04 17.75 -9.06
C HIS F 67 6.27 17.96 -10.55
N GLU F 68 5.24 18.42 -11.26
CA GLU F 68 5.35 18.59 -12.68
C GLU F 68 6.30 19.73 -12.97
N VAL F 69 6.24 20.77 -12.15
CA VAL F 69 7.10 21.92 -12.35
C VAL F 69 8.55 21.56 -12.07
N GLU F 70 8.79 20.97 -10.90
CA GLU F 70 10.11 20.45 -10.52
C GLU F 70 10.76 19.62 -11.63
N GLN F 71 9.98 18.75 -12.26
CA GLN F 71 10.48 17.89 -13.31
C GLN F 71 10.86 18.68 -14.53
N ARG F 72 10.01 19.63 -14.90
CA ARG F 72 10.26 20.43 -16.07
C ARG F 72 11.52 21.27 -15.88
N LEU F 73 11.56 22.00 -14.77
CA LEU F 73 12.72 22.82 -14.43
C LEU F 73 14.04 22.07 -14.45
N ALA F 74 14.03 20.81 -14.05
CA ALA F 74 15.29 20.07 -14.02
C ALA F 74 15.71 19.59 -15.40
N LEU F 75 14.79 19.62 -16.36
CA LEU F 75 15.13 19.33 -17.75
C LEU F 75 15.58 20.60 -18.40
N TRP F 76 15.02 21.70 -17.91
CA TRP F 76 15.32 23.01 -18.44
C TRP F 76 16.80 23.33 -18.21
N GLU F 77 17.26 23.20 -16.97
CA GLU F 77 18.64 23.54 -16.65
C GLU F 77 19.59 22.37 -16.91
N GLY F 78 19.00 21.21 -17.14
CA GLY F 78 19.78 20.04 -17.47
C GLY F 78 20.23 20.10 -18.91
N PRO F 79 21.15 19.19 -19.29
CA PRO F 79 21.62 19.08 -20.67
C PRO F 79 20.51 18.54 -21.56
N SER F 80 19.96 19.40 -22.42
CA SER F 80 18.89 18.98 -23.34
C SER F 80 19.48 18.57 -24.69
N SER F 81 18.60 18.06 -25.56
CA SER F 81 19.00 17.68 -26.92
C SER F 81 18.64 18.79 -27.91
N ALA F 82 18.40 18.41 -29.16
CA ALA F 82 18.01 19.35 -30.21
C ALA F 82 16.49 19.54 -30.27
N HIS F 83 15.79 18.44 -30.57
CA HIS F 83 14.33 18.40 -30.66
C HIS F 83 13.66 18.63 -29.30
N LEU F 84 14.39 18.37 -28.23
CA LEU F 84 13.85 18.43 -26.88
C LEU F 84 14.01 19.82 -26.23
N LYS F 85 15.02 20.57 -26.64
CA LYS F 85 15.32 21.89 -26.04
C LYS F 85 14.19 22.91 -26.23
N GLY F 86 13.23 22.58 -27.07
CA GLY F 86 12.07 23.43 -27.27
C GLY F 86 10.95 23.12 -26.31
N ASP F 87 10.66 21.83 -26.11
CA ASP F 87 9.65 21.39 -25.16
C ASP F 87 10.14 21.55 -23.72
N HIS F 88 11.46 21.43 -23.52
CA HIS F 88 12.06 21.53 -22.19
C HIS F 88 12.12 22.94 -21.64
N GLN F 89 12.35 23.92 -22.51
CA GLN F 89 12.51 25.29 -22.05
C GLN F 89 11.22 26.10 -22.13
N ARG F 90 10.14 25.53 -21.63
CA ARG F 90 8.85 26.22 -21.56
C ARG F 90 8.11 25.76 -20.33
N ILE F 91 7.01 26.41 -19.99
CA ILE F 91 6.26 26.01 -18.82
C ILE F 91 4.74 26.22 -18.93
N GLY F 92 4.30 26.89 -19.99
CA GLY F 92 2.90 27.20 -20.15
C GLY F 92 1.99 25.98 -20.25
N ASP F 93 2.51 24.89 -20.78
CA ASP F 93 1.68 23.70 -20.92
C ASP F 93 1.30 23.20 -19.53
N ILE F 94 2.28 23.11 -18.64
CA ILE F 94 2.03 22.69 -17.28
C ILE F 94 1.12 23.67 -16.53
N LEU F 95 1.38 24.97 -16.67
CA LEU F 95 0.59 25.96 -15.97
C LEU F 95 -0.85 25.90 -16.45
N LEU F 96 -1.05 25.68 -17.74
CA LEU F 96 -2.40 25.66 -18.28
C LEU F 96 -3.17 24.47 -17.73
N ARG F 97 -2.49 23.33 -17.63
CA ARG F 97 -3.15 22.13 -17.17
C ARG F 97 -3.60 22.28 -15.72
N ASN F 98 -2.71 22.77 -14.86
CA ASN F 98 -3.04 22.87 -13.44
C ASN F 98 -3.99 24.03 -13.09
N MSE F 99 -3.96 25.11 -13.86
CA MSE F 99 -4.91 26.19 -13.62
C MSE F 99 -6.30 25.75 -14.02
O MSE F 99 -7.29 26.28 -13.52
CB MSE F 99 -4.55 27.44 -14.41
CG MSE F 99 -3.23 28.10 -14.03
SE MSE F 99 -2.95 28.44 -12.12
CE MSE F 99 -1.64 27.01 -11.77
N ARG F 100 -6.38 24.79 -14.93
CA ARG F 100 -7.67 24.31 -15.38
C ARG F 100 -8.20 23.37 -14.30
N GLN F 101 -7.32 22.48 -13.83
CA GLN F 101 -7.63 21.53 -12.77
C GLN F 101 -8.15 22.27 -11.56
N LEU F 102 -7.50 23.39 -11.28
CA LEU F 102 -7.83 24.23 -10.15
C LEU F 102 -9.31 24.59 -10.08
N LYS F 103 -9.94 24.79 -11.24
CA LYS F 103 -11.36 25.16 -11.33
C LYS F 103 -12.24 24.17 -10.57
N GLU F 104 -11.75 22.94 -10.41
CA GLU F 104 -12.46 21.89 -9.67
C GLU F 104 -12.35 22.05 -8.17
N PHE F 105 -11.26 22.64 -7.73
CA PHE F 105 -11.01 22.82 -6.31
C PHE F 105 -11.59 24.10 -5.70
N THR F 106 -12.25 24.94 -6.50
CA THR F 106 -12.77 26.20 -5.97
C THR F 106 -13.76 25.95 -4.84
N SER F 107 -14.43 24.81 -4.93
CA SER F 107 -15.35 24.32 -3.92
C SER F 107 -14.76 24.45 -2.50
N TYR F 108 -13.50 24.03 -2.34
CA TYR F 108 -12.85 24.02 -1.03
C TYR F 108 -12.41 25.41 -0.58
N PHE F 109 -11.74 26.13 -1.47
CA PHE F 109 -11.28 27.49 -1.17
C PHE F 109 -12.44 28.37 -0.71
N GLN F 110 -13.58 28.19 -1.34
CA GLN F 110 -14.76 28.99 -1.06
C GLN F 110 -15.19 28.86 0.40
N ARG F 111 -14.83 27.73 1.02
CA ARG F 111 -15.25 27.41 2.38
C ARG F 111 -14.31 27.95 3.47
N HIS F 112 -13.11 28.38 3.07
CA HIS F 112 -12.09 28.81 4.02
C HIS F 112 -12.52 29.95 4.95
N ASP F 113 -13.41 30.82 4.47
CA ASP F 113 -13.93 31.86 5.33
C ASP F 113 -14.89 31.30 6.40
N GLU F 114 -15.61 30.22 6.08
CA GLU F 114 -16.41 29.53 7.09
C GLU F 114 -15.52 28.77 8.07
N VAL F 115 -14.44 28.19 7.56
CA VAL F 115 -13.57 27.42 8.42
C VAL F 115 -13.01 28.33 9.47
N LEU F 116 -12.40 29.43 9.05
CA LEU F 116 -11.93 30.46 9.96
C LEU F 116 -12.99 30.92 10.95
N THR F 117 -14.17 31.28 10.44
CA THR F 117 -15.30 31.67 11.26
C THR F 117 -15.58 30.65 12.36
N GLU F 118 -15.67 29.37 11.98
CA GLU F 118 -16.00 28.35 12.96
C GLU F 118 -14.87 28.10 13.94
N LEU F 119 -13.63 28.30 13.47
CA LEU F 119 -12.47 28.14 14.33
C LEU F 119 -12.50 29.18 15.42
N GLU F 120 -12.79 30.41 15.03
CA GLU F 120 -12.83 31.50 15.98
C GLU F 120 -14.03 31.33 16.92
N LYS F 121 -15.17 30.86 16.40
CA LYS F 121 -16.33 30.62 17.26
C LYS F 121 -15.99 29.62 18.34
N ALA F 122 -15.48 28.46 17.95
CA ALA F 122 -15.18 27.39 18.89
C ALA F 122 -14.04 27.81 19.82
N THR F 123 -13.07 28.50 19.26
CA THR F 123 -11.89 28.81 20.04
C THR F 123 -12.23 29.77 21.20
N LYS F 124 -13.29 30.57 21.04
CA LYS F 124 -13.72 31.52 22.08
C LYS F 124 -14.38 30.77 23.23
N HIS F 125 -15.28 29.85 22.89
CA HIS F 125 -16.12 29.16 23.88
C HIS F 125 -15.46 27.96 24.54
N CYS F 126 -14.20 27.70 24.20
CA CYS F 126 -13.50 26.52 24.69
C CYS F 126 -12.07 26.79 25.16
N LYS F 127 -11.91 27.00 26.47
CA LYS F 127 -10.61 27.35 27.05
C LYS F 127 -9.55 26.30 26.74
N LYS F 128 -9.95 25.03 26.65
CA LYS F 128 -8.99 23.96 26.38
C LYS F 128 -8.38 24.11 24.98
N LEU F 129 -9.20 24.55 24.03
CA LEU F 129 -8.76 24.69 22.64
C LEU F 129 -7.89 25.94 22.49
N GLU F 130 -8.28 26.98 23.21
CA GLU F 130 -7.56 28.25 23.21
C GLU F 130 -6.15 28.01 23.73
N ALA F 131 -6.07 27.23 24.80
CA ALA F 131 -4.81 26.85 25.41
C ALA F 131 -3.87 26.26 24.36
N VAL F 132 -4.38 25.26 23.64
CA VAL F 132 -3.62 24.57 22.61
C VAL F 132 -3.13 25.51 21.52
N TYR F 133 -4.00 26.41 21.10
CA TYR F 133 -3.64 27.48 20.17
C TYR F 133 -2.47 28.33 20.67
N LYS F 134 -2.59 28.92 21.88
CA LYS F 134 -1.49 29.71 22.44
C LYS F 134 -0.21 28.90 22.41
N GLU F 135 -0.31 27.65 22.85
CA GLU F 135 0.85 26.80 23.00
C GLU F 135 1.53 26.52 21.66
N PHE F 136 0.73 26.19 20.66
CA PHE F 136 1.24 25.90 19.33
C PHE F 136 1.84 27.14 18.69
N GLU F 137 1.23 28.30 18.94
CA GLU F 137 1.71 29.53 18.35
C GLU F 137 3.08 29.97 18.92
N LEU F 138 3.58 29.22 19.89
CA LEU F 138 4.94 29.45 20.37
C LEU F 138 5.99 28.62 19.64
N GLN F 139 5.56 27.59 18.93
CA GLN F 139 6.51 26.73 18.23
C GLN F 139 7.12 27.44 17.03
N LYS F 140 8.41 27.20 16.80
CA LYS F 140 9.15 27.87 15.72
C LYS F 140 8.51 27.64 14.34
N VAL F 141 7.75 26.55 14.23
CA VAL F 141 7.08 26.19 12.99
C VAL F 141 5.96 27.16 12.65
N CYS F 142 5.33 27.68 13.72
CA CYS F 142 4.14 28.50 13.61
C CYS F 142 4.57 29.93 13.69
N TYR F 143 5.16 30.41 12.60
CA TYR F 143 5.80 31.71 12.60
C TYR F 143 4.79 32.87 12.52
N LEU F 144 3.58 32.55 12.09
CA LEU F 144 2.46 33.49 12.15
C LEU F 144 1.41 32.90 13.07
N PRO F 145 0.42 33.71 13.47
CA PRO F 145 -0.69 33.13 14.21
C PRO F 145 -1.42 32.09 13.36
N LEU F 146 -1.82 30.97 13.96
CA LEU F 146 -2.28 29.85 13.13
C LEU F 146 -3.39 30.23 12.14
N ASN F 147 -4.40 30.96 12.61
CA ASN F 147 -5.54 31.25 11.74
C ASN F 147 -5.16 32.16 10.59
N THR F 148 -3.93 32.65 10.60
CA THR F 148 -3.48 33.49 9.51
C THR F 148 -3.08 32.62 8.33
N PHE F 149 -2.57 31.42 8.61
CA PHE F 149 -2.28 30.46 7.55
C PHE F 149 -3.51 30.11 6.71
N LEU F 150 -4.71 30.28 7.26
CA LEU F 150 -5.91 29.98 6.49
C LEU F 150 -6.14 30.92 5.32
N LEU F 151 -5.32 31.96 5.22
CA LEU F 151 -5.43 32.89 4.10
C LEU F 151 -4.41 32.55 3.03
N LYS F 152 -3.40 31.79 3.40
CA LYS F 152 -2.33 31.44 2.48
C LYS F 152 -2.78 30.77 1.16
N PRO F 153 -3.77 29.84 1.22
CA PRO F 153 -4.27 29.24 -0.02
C PRO F 153 -4.82 30.24 -1.01
N VAL F 154 -5.88 30.95 -0.65
CA VAL F 154 -6.45 31.95 -1.54
C VAL F 154 -5.44 33.00 -2.02
N GLN F 155 -4.53 33.40 -1.15
CA GLN F 155 -3.44 34.28 -1.56
C GLN F 155 -2.51 33.68 -2.60
N ARG F 156 -2.30 32.38 -2.51
CA ARG F 156 -1.40 31.68 -3.44
C ARG F 156 -1.96 31.77 -4.86
N LEU F 157 -3.28 31.68 -4.96
CA LEU F 157 -3.94 31.77 -6.24
C LEU F 157 -3.75 33.16 -6.82
N VAL F 158 -3.65 34.17 -5.95
CA VAL F 158 -3.45 35.51 -6.47
C VAL F 158 -2.06 35.60 -7.04
N HIS F 159 -1.11 35.05 -6.31
CA HIS F 159 0.26 35.03 -6.76
C HIS F 159 0.36 34.41 -8.15
N TYR F 160 -0.39 33.34 -8.38
CA TYR F 160 -0.40 32.69 -9.69
C TYR F 160 -0.78 33.70 -10.78
N ARG F 161 -1.86 34.45 -10.54
CA ARG F 161 -2.32 35.46 -11.50
C ARG F 161 -1.18 36.40 -11.83
N LEU F 162 -0.53 36.91 -10.78
CA LEU F 162 0.65 37.74 -10.93
C LEU F 162 1.71 37.11 -11.81
N LEU F 163 2.11 35.91 -11.44
CA LEU F 163 3.19 35.22 -12.14
C LEU F 163 2.84 34.96 -13.60
N LEU F 164 1.61 34.53 -13.86
CA LEU F 164 1.21 34.30 -15.23
C LEU F 164 1.20 35.60 -16.02
N SER F 165 0.70 36.67 -15.40
CA SER F 165 0.71 37.99 -16.03
C SER F 165 2.08 38.36 -16.55
N ARG F 166 3.10 38.24 -15.70
CA ARG F 166 4.46 38.56 -16.10
C ARG F 166 4.92 37.67 -17.24
N LEU F 167 4.51 36.41 -17.21
CA LEU F 167 4.83 35.52 -18.31
C LEU F 167 4.23 36.01 -19.62
N CYS F 168 2.95 36.38 -19.60
CA CYS F 168 2.29 36.85 -20.82
C CYS F 168 2.81 38.19 -21.32
N ALA F 169 3.47 38.93 -20.45
CA ALA F 169 4.10 40.18 -20.82
C ALA F 169 5.43 39.90 -21.51
N HIS F 170 6.15 38.90 -21.01
CA HIS F 170 7.47 38.60 -21.52
C HIS F 170 7.42 37.92 -22.88
N TYR F 171 6.45 37.04 -23.06
CA TYR F 171 6.38 36.29 -24.30
C TYR F 171 5.74 37.15 -25.38
N SER F 172 6.25 37.04 -26.59
CA SER F 172 5.60 37.69 -27.71
C SER F 172 4.73 36.65 -28.43
N PRO F 173 3.59 37.09 -28.98
CA PRO F 173 2.61 36.28 -29.71
C PRO F 173 3.20 35.23 -30.67
N GLY F 174 4.40 35.46 -31.18
CA GLY F 174 5.04 34.45 -32.01
C GLY F 174 5.47 33.20 -31.26
N HIS F 175 5.74 33.33 -29.96
CA HIS F 175 6.40 32.28 -29.19
C HIS F 175 5.64 30.94 -29.05
N ARG F 176 6.39 29.85 -29.02
CA ARG F 176 5.85 28.51 -28.81
C ARG F 176 5.17 28.31 -27.46
N ASP F 177 5.22 29.31 -26.60
CA ASP F 177 4.63 29.21 -25.28
C ASP F 177 3.57 30.28 -24.98
N TYR F 178 3.28 31.15 -25.94
CA TYR F 178 2.36 32.27 -25.71
C TYR F 178 0.94 31.80 -25.46
N ALA F 179 0.40 31.08 -26.44
CA ALA F 179 -0.97 30.54 -26.38
C ALA F 179 -1.30 29.86 -25.06
N ASP F 180 -0.50 28.87 -24.66
CA ASP F 180 -0.73 28.17 -23.40
C ASP F 180 -0.79 29.11 -22.19
N CYS F 181 0.17 30.02 -22.07
CA CYS F 181 0.25 30.94 -20.95
C CYS F 181 -0.94 31.90 -20.88
N HIS F 182 -1.42 32.31 -22.04
CA HIS F 182 -2.54 33.23 -22.10
C HIS F 182 -3.83 32.57 -21.63
N GLU F 183 -4.05 31.32 -22.02
CA GLU F 183 -5.21 30.57 -21.55
C GLU F 183 -5.08 30.28 -20.05
N ALA F 184 -3.85 29.99 -19.62
CA ALA F 184 -3.56 29.73 -18.23
C ALA F 184 -3.98 30.94 -17.40
N LEU F 185 -3.62 32.12 -17.90
CA LEU F 185 -3.94 33.37 -17.22
C LEU F 185 -5.45 33.48 -17.12
N LYS F 186 -6.14 33.15 -18.21
CA LYS F 186 -7.60 33.29 -18.25
C LYS F 186 -8.22 32.41 -17.17
N ALA F 187 -7.68 31.20 -17.01
CA ALA F 187 -8.23 30.24 -16.07
C ALA F 187 -8.00 30.66 -14.62
N ILE F 188 -6.76 31.04 -14.28
CA ILE F 188 -6.49 31.45 -12.91
C ILE F 188 -7.32 32.69 -12.59
N THR F 189 -7.52 33.54 -13.58
CA THR F 189 -8.31 34.75 -13.36
C THR F 189 -9.77 34.43 -13.02
N GLU F 190 -10.41 33.59 -13.84
CA GLU F 190 -11.76 33.12 -13.57
C GLU F 190 -11.88 32.62 -12.13
N VAL F 191 -10.88 31.88 -11.67
CA VAL F 191 -10.85 31.34 -10.31
C VAL F 191 -10.63 32.42 -9.24
N THR F 192 -9.62 33.28 -9.41
CA THR F 192 -9.43 34.41 -8.49
C THR F 192 -10.70 35.28 -8.35
N THR F 193 -11.31 35.60 -9.47
CA THR F 193 -12.59 36.30 -9.50
C THR F 193 -13.67 35.57 -8.70
N GLU F 194 -13.76 34.26 -8.89
CA GLU F 194 -14.79 33.48 -8.21
C GLU F 194 -14.58 33.45 -6.69
N LEU F 195 -13.34 33.57 -6.25
CA LEU F 195 -13.06 33.49 -4.82
C LEU F 195 -12.92 34.85 -4.18
N GLN F 196 -13.20 35.90 -4.93
CA GLN F 196 -13.05 37.24 -4.39
C GLN F 196 -13.86 37.46 -3.11
N GLN F 197 -15.16 37.17 -3.16
CA GLN F 197 -16.01 37.22 -1.97
C GLN F 197 -15.33 36.58 -0.77
N SER F 198 -14.76 35.41 -0.96
CA SER F 198 -14.15 34.66 0.14
C SER F 198 -12.82 35.28 0.58
N LEU F 199 -12.01 35.69 -0.38
CA LEU F 199 -10.77 36.39 -0.05
C LEU F 199 -11.04 37.65 0.76
N THR F 200 -11.99 38.48 0.31
CA THR F 200 -12.37 39.69 1.05
C THR F 200 -12.83 39.36 2.47
N ARG F 201 -13.74 38.39 2.58
CA ARG F 201 -14.25 37.96 3.88
C ARG F 201 -13.11 37.47 4.79
N LEU F 202 -12.19 36.68 4.24
CA LEU F 202 -11.01 36.22 5.00
C LEU F 202 -10.14 37.38 5.41
N GLU F 203 -9.82 38.24 4.46
CA GLU F 203 -8.99 39.39 4.72
C GLU F 203 -9.54 40.26 5.83
N ASN F 204 -10.85 40.44 5.83
CA ASN F 204 -11.50 41.30 6.80
C ASN F 204 -11.57 40.67 8.20
N LEU F 205 -11.75 39.36 8.25
CA LEU F 205 -11.70 38.61 9.50
C LEU F 205 -10.33 38.76 10.20
N GLN F 206 -9.25 38.56 9.43
CA GLN F 206 -7.90 38.77 9.94
C GLN F 206 -7.65 40.21 10.44
N LYS F 207 -8.07 41.23 9.67
CA LYS F 207 -7.89 42.62 10.09
C LYS F 207 -8.58 42.86 11.41
N LEU F 208 -9.81 42.37 11.51
CA LEU F 208 -10.58 42.62 12.71
C LEU F 208 -9.90 42.06 13.94
N THR F 209 -9.53 40.79 13.91
CA THR F 209 -8.93 40.22 15.12
C THR F 209 -7.57 40.86 15.48
N GLU F 210 -6.85 41.37 14.48
CA GLU F 210 -5.60 42.09 14.71
C GLU F 210 -5.84 43.48 15.29
N LEU F 211 -6.75 44.21 14.66
CA LEU F 211 -7.08 45.56 15.07
C LEU F 211 -7.67 45.63 16.47
N GLN F 212 -8.31 44.56 16.88
CA GLN F 212 -9.07 44.58 18.13
C GLN F 212 -8.13 44.41 19.32
N ARG F 213 -6.98 43.80 19.04
CA ARG F 213 -5.87 43.67 19.97
C ARG F 213 -5.00 44.95 20.03
N ASP F 214 -5.37 45.96 19.24
CA ASP F 214 -4.58 47.17 19.11
C ASP F 214 -5.47 48.41 19.06
N LEU F 215 -6.24 48.63 20.09
CA LEU F 215 -7.03 49.83 20.13
C LEU F 215 -6.14 50.98 20.59
N VAL F 216 -6.38 52.14 20.02
CA VAL F 216 -5.61 53.30 20.37
C VAL F 216 -6.07 53.67 21.75
N GLY G 1 -1.34 43.19 7.82
CA GLY G 1 -0.95 42.11 6.94
C GLY G 1 -0.49 42.55 5.55
N PRO G 2 -0.27 41.58 4.64
CA PRO G 2 0.27 41.78 3.29
C PRO G 2 -0.78 42.19 2.24
N HIS G 3 -0.55 43.29 1.52
CA HIS G 3 -1.53 43.77 0.53
C HIS G 3 -1.38 43.08 -0.84
N MSE G 4 -2.51 42.82 -1.49
CA MSE G 4 -2.58 41.93 -2.66
C MSE G 4 -2.30 42.59 -4.02
O MSE G 4 -1.83 41.92 -4.96
CB MSE G 4 -3.96 41.25 -2.67
CG MSE G 4 -3.95 39.73 -2.91
SE MSE G 4 -2.82 38.63 -1.70
CE MSE G 4 -3.52 39.26 0.03
N GLU G 5 -2.58 43.88 -4.15
CA GLU G 5 -2.20 44.64 -5.34
C GLU G 5 -0.78 45.17 -5.15
N ASP G 6 -0.24 44.95 -3.96
CA ASP G 6 1.13 45.31 -3.60
C ASP G 6 2.10 44.29 -4.14
N GLU G 7 2.71 44.61 -5.27
CA GLU G 7 3.66 43.72 -5.90
C GLU G 7 4.88 43.50 -5.02
N ALA G 8 5.31 44.55 -4.33
CA ALA G 8 6.55 44.48 -3.57
C ALA G 8 6.57 43.31 -2.61
N TYR G 9 5.44 43.09 -1.95
CA TYR G 9 5.30 41.96 -1.05
C TYR G 9 5.63 40.65 -1.74
N PHE G 10 5.15 40.51 -2.97
CA PHE G 10 5.40 39.28 -3.72
C PHE G 10 6.85 39.13 -4.17
N ILE G 11 7.46 40.23 -4.61
CA ILE G 11 8.85 40.20 -5.01
C ILE G 11 9.68 39.81 -3.80
N ALA G 12 9.31 40.33 -2.65
CA ALA G 12 10.00 39.97 -1.42
C ALA G 12 9.80 38.45 -1.14
N LYS G 13 8.58 37.96 -1.31
CA LYS G 13 8.35 36.52 -1.14
C LYS G 13 9.20 35.76 -2.11
N GLU G 14 9.22 36.22 -3.36
CA GLU G 14 9.98 35.57 -4.42
C GLU G 14 11.47 35.54 -4.07
N ILE G 15 11.99 36.66 -3.59
CA ILE G 15 13.36 36.73 -3.14
C ILE G 15 13.64 35.68 -2.07
N LEU G 16 12.80 35.66 -1.04
CA LEU G 16 12.94 34.70 0.05
C LEU G 16 12.90 33.24 -0.44
N ALA G 17 11.86 32.88 -1.18
CA ALA G 17 11.70 31.49 -1.61
C ALA G 17 12.85 30.98 -2.47
N THR G 18 13.26 31.79 -3.45
CA THR G 18 14.32 31.38 -4.38
C THR G 18 15.65 31.36 -3.66
N GLU G 19 15.71 32.03 -2.51
CA GLU G 19 16.90 32.02 -1.71
C GLU G 19 17.01 30.69 -1.02
N ARG G 20 15.88 30.21 -0.53
CA ARG G 20 15.83 28.90 0.12
C ARG G 20 16.28 27.81 -0.85
N THR G 21 15.70 27.78 -2.07
CA THR G 21 16.08 26.74 -3.01
C THR G 21 17.54 26.87 -3.43
N TYR G 22 18.05 28.10 -3.53
CA TYR G 22 19.44 28.29 -3.92
C TYR G 22 20.41 27.70 -2.91
N LEU G 23 20.18 27.94 -1.62
CA LEU G 23 21.01 27.32 -0.59
C LEU G 23 20.95 25.80 -0.62
N LYS G 24 19.77 25.23 -0.91
CA LYS G 24 19.66 23.80 -1.07
C LYS G 24 20.61 23.37 -2.17
N ASP G 25 20.49 23.98 -3.34
CA ASP G 25 21.45 23.79 -4.43
C ASP G 25 22.91 23.79 -3.94
N LEU G 26 23.30 24.80 -3.16
CA LEU G 26 24.66 24.86 -2.62
C LEU G 26 24.99 23.65 -1.74
N GLU G 27 24.06 23.28 -0.86
CA GLU G 27 24.27 22.16 0.05
C GLU G 27 24.54 20.84 -0.69
N VAL G 28 24.05 20.74 -1.93
CA VAL G 28 24.36 19.59 -2.79
C VAL G 28 25.87 19.44 -2.90
N ILE G 29 26.56 20.57 -2.84
CA ILE G 29 28.02 20.56 -2.76
C ILE G 29 28.51 20.55 -1.31
N THR G 30 28.09 21.54 -0.53
CA THR G 30 28.67 21.75 0.81
C THR G 30 28.26 20.73 1.87
N VAL G 31 27.30 19.88 1.55
CA VAL G 31 26.85 18.88 2.53
C VAL G 31 27.00 17.46 1.97
N TRP G 32 26.13 17.09 1.03
CA TRP G 32 26.03 15.71 0.56
C TRP G 32 27.27 15.28 -0.22
N PHE G 33 27.91 16.23 -0.90
CA PHE G 33 29.11 15.92 -1.65
C PHE G 33 30.32 15.82 -0.74
N ARG G 34 30.47 16.81 0.14
CA ARG G 34 31.53 16.79 1.13
C ARG G 34 31.48 15.50 1.96
N SER G 35 30.27 15.06 2.30
CA SER G 35 30.08 13.81 3.03
C SER G 35 30.70 12.64 2.28
N VAL G 36 30.28 12.46 1.03
CA VAL G 36 30.78 11.41 0.16
C VAL G 36 32.28 11.52 -0.09
N LEU G 37 32.79 12.75 -0.14
CA LEU G 37 34.21 12.95 -0.41
C LEU G 37 35.14 12.51 0.73
N ILE G 38 34.64 12.49 1.97
CA ILE G 38 35.44 11.99 3.09
C ILE G 38 35.36 10.46 3.19
N LYS G 39 34.16 9.93 2.96
CA LYS G 39 33.88 8.48 3.02
C LYS G 39 34.67 7.73 1.95
N GLU G 40 35.20 8.46 0.97
CA GLU G 40 36.03 7.88 -0.09
C GLU G 40 37.48 8.30 -0.04
N GLU G 41 37.74 9.52 0.41
CA GLU G 41 39.06 10.15 0.37
C GLU G 41 39.61 10.04 -1.04
N ALA G 42 38.70 10.16 -2.00
CA ALA G 42 39.02 9.92 -3.39
C ALA G 42 39.41 11.21 -4.07
N MSE G 43 39.68 12.24 -3.26
CA MSE G 43 40.07 13.54 -3.78
C MSE G 43 41.28 14.04 -3.00
O MSE G 43 41.33 13.89 -1.78
CB MSE G 43 38.91 14.54 -3.62
CG MSE G 43 38.90 15.69 -4.63
SE MSE G 43 37.50 17.00 -4.23
CE MSE G 43 37.48 17.99 -5.92
N PRO G 44 42.25 14.63 -3.72
CA PRO G 44 43.40 15.28 -3.09
C PRO G 44 42.97 16.21 -1.96
N ALA G 45 43.76 16.29 -0.89
CA ALA G 45 43.43 17.17 0.23
C ALA G 45 43.60 18.63 -0.16
N ALA G 46 44.34 18.87 -1.25
CA ALA G 46 44.62 20.22 -1.74
C ALA G 46 43.69 20.59 -2.89
N LEU G 47 43.03 19.58 -3.45
CA LEU G 47 41.97 19.83 -4.42
C LEU G 47 40.62 19.98 -3.71
N MSE G 48 40.43 19.18 -2.65
CA MSE G 48 39.27 19.30 -1.76
C MSE G 48 39.26 20.68 -1.10
O MSE G 48 38.20 21.28 -0.94
CB MSE G 48 39.28 18.22 -0.67
CG MSE G 48 38.37 17.04 -0.96
SE MSE G 48 38.06 15.85 0.54
CE MSE G 48 37.37 17.16 1.84
N ALA G 49 40.44 21.13 -0.72
CA ALA G 49 40.60 22.46 -0.15
C ALA G 49 40.16 23.52 -1.16
N LEU G 50 40.63 23.39 -2.40
CA LEU G 50 40.38 24.40 -3.42
C LEU G 50 38.90 24.55 -3.76
N LEU G 51 38.11 23.50 -3.53
CA LEU G 51 36.68 23.56 -3.78
C LEU G 51 36.00 24.29 -2.61
N PHE G 52 35.90 23.59 -1.47
CA PHE G 52 35.20 24.12 -0.30
C PHE G 52 35.78 25.42 0.25
N SER G 53 36.84 25.94 -0.36
CA SER G 53 37.43 27.21 0.05
C SER G 53 36.80 28.39 -0.65
N ASN G 54 36.42 28.20 -1.91
CA ASN G 54 35.81 29.28 -2.67
C ASN G 54 34.29 29.12 -2.71
N ILE G 55 33.78 28.25 -1.84
CA ILE G 55 32.36 27.93 -1.79
C ILE G 55 31.78 28.15 -0.41
N ASP G 56 32.37 27.49 0.59
CA ASP G 56 31.89 27.61 1.97
C ASP G 56 31.66 29.04 2.46
N PRO G 57 32.60 29.98 2.17
CA PRO G 57 32.32 31.36 2.58
C PRO G 57 31.08 31.92 1.92
N VAL G 58 30.89 31.64 0.63
CA VAL G 58 29.69 32.06 -0.09
C VAL G 58 28.41 31.50 0.53
N TYR G 59 28.42 30.21 0.82
CA TYR G 59 27.33 29.59 1.56
C TYR G 59 27.09 30.36 2.86
N GLU G 60 28.15 30.76 3.53
CA GLU G 60 27.99 31.46 4.80
C GLU G 60 27.35 32.85 4.65
N PHE G 61 27.63 33.52 3.54
CA PHE G 61 27.04 34.84 3.31
C PHE G 61 25.57 34.70 3.05
N HIS G 62 25.22 33.71 2.23
CA HIS G 62 23.82 33.45 1.90
C HIS G 62 23.01 32.95 3.08
N ARG G 63 23.60 32.09 3.91
CA ARG G 63 22.91 31.62 5.12
C ARG G 63 22.50 32.83 5.96
N GLY G 64 23.42 33.80 6.05
CA GLY G 64 23.20 35.04 6.78
C GLY G 64 22.13 35.91 6.13
N PHE G 65 22.25 36.10 4.83
CA PHE G 65 21.29 36.88 4.05
C PHE G 65 19.89 36.30 4.16
N LEU G 66 19.81 34.97 4.14
CA LEU G 66 18.53 34.29 4.19
C LEU G 66 17.86 34.55 5.53
N HIS G 67 18.63 34.53 6.61
CA HIS G 67 18.06 34.73 7.92
C HIS G 67 17.36 36.08 8.01
N GLU G 68 18.08 37.14 7.63
CA GLU G 68 17.57 38.52 7.64
C GLU G 68 16.25 38.69 6.87
N VAL G 69 16.19 38.10 5.68
CA VAL G 69 15.00 38.21 4.85
C VAL G 69 13.81 37.46 5.43
N GLU G 70 14.06 36.25 5.90
CA GLU G 70 13.03 35.42 6.48
C GLU G 70 12.45 36.12 7.70
N GLN G 71 13.34 36.69 8.51
CA GLN G 71 12.94 37.37 9.73
C GLN G 71 11.98 38.51 9.41
N ARG G 72 12.24 39.18 8.28
CA ARG G 72 11.46 40.35 7.87
C ARG G 72 10.12 40.01 7.25
N LEU G 73 10.11 39.05 6.31
CA LEU G 73 8.87 38.63 5.68
C LEU G 73 7.88 38.16 6.74
N ALA G 74 8.40 37.63 7.84
CA ALA G 74 7.53 37.19 8.91
C ALA G 74 6.88 38.37 9.66
N LEU G 75 7.58 39.50 9.74
CA LEU G 75 7.02 40.68 10.36
C LEU G 75 5.98 41.29 9.46
N TRP G 76 6.28 41.23 8.16
CA TRP G 76 5.44 41.75 7.10
C TRP G 76 4.12 40.99 7.07
N GLU G 77 4.21 39.67 7.12
CA GLU G 77 3.04 38.81 6.98
C GLU G 77 2.23 38.76 8.26
N GLY G 78 2.89 39.06 9.38
CA GLY G 78 2.29 38.91 10.69
C GLY G 78 1.75 40.17 11.32
N PRO G 79 1.04 40.02 12.43
CA PRO G 79 0.34 41.17 13.02
C PRO G 79 1.33 42.10 13.68
N SER G 80 1.00 43.38 13.74
CA SER G 80 1.91 44.38 14.25
C SER G 80 1.11 45.57 14.70
N SER G 81 1.71 46.37 15.57
CA SER G 81 1.13 47.64 15.91
C SER G 81 1.07 48.49 14.65
N ALA G 82 0.04 49.34 14.59
CA ALA G 82 -0.26 50.07 13.37
C ALA G 82 0.86 51.05 13.02
N HIS G 83 1.41 51.69 14.05
CA HIS G 83 2.51 52.61 13.84
C HIS G 83 3.78 51.92 13.35
N LEU G 84 3.75 50.59 13.24
CA LEU G 84 4.92 49.84 12.84
C LEU G 84 4.78 49.24 11.47
N LYS G 85 3.58 49.31 10.89
CA LYS G 85 3.31 48.63 9.62
C LYS G 85 4.23 49.14 8.50
N GLY G 86 4.60 50.41 8.58
CA GLY G 86 5.46 51.00 7.58
C GLY G 86 6.85 50.43 7.61
N ASP G 87 7.32 50.10 8.81
CA ASP G 87 8.67 49.59 8.99
C ASP G 87 8.79 48.11 8.64
N HIS G 88 7.69 47.38 8.73
CA HIS G 88 7.73 45.96 8.40
C HIS G 88 7.44 45.68 6.94
N GLN G 89 6.47 46.40 6.36
CA GLN G 89 6.08 46.16 4.96
C GLN G 89 7.05 46.88 4.00
N ARG G 90 8.31 46.47 4.09
CA ARG G 90 9.39 47.02 3.26
C ARG G 90 10.60 46.09 3.35
N ILE G 91 11.51 46.19 2.38
CA ILE G 91 12.62 45.24 2.35
C ILE G 91 13.92 45.83 1.82
N GLY G 92 13.83 47.00 1.20
CA GLY G 92 14.98 47.65 0.59
C GLY G 92 16.19 47.79 1.49
N ASP G 93 15.95 48.14 2.76
CA ASP G 93 17.06 48.34 3.69
C ASP G 93 17.93 47.09 3.78
N ILE G 94 17.31 45.93 3.92
CA ILE G 94 18.03 44.67 4.06
C ILE G 94 18.77 44.28 2.79
N LEU G 95 18.09 44.43 1.67
CA LEU G 95 18.69 44.21 0.35
C LEU G 95 19.97 45.01 0.16
N LEU G 96 19.84 46.32 0.32
CA LEU G 96 20.99 47.22 0.20
C LEU G 96 22.16 46.81 1.09
N ARG G 97 21.91 46.47 2.35
CA ARG G 97 23.00 46.04 3.23
C ARG G 97 23.70 44.80 2.67
N ASN G 98 22.92 43.77 2.34
CA ASN G 98 23.49 42.54 1.84
C ASN G 98 24.04 42.62 0.41
N MSE G 99 23.56 43.60 -0.35
CA MSE G 99 24.10 43.79 -1.69
C MSE G 99 25.41 44.52 -1.63
O MSE G 99 26.31 44.25 -2.44
CB MSE G 99 23.10 44.54 -2.58
CG MSE G 99 21.87 43.72 -2.93
SE MSE G 99 22.18 42.07 -3.97
CE MSE G 99 22.58 40.78 -2.59
N ARG G 100 25.55 45.44 -0.68
CA ARG G 100 26.81 46.14 -0.49
C ARG G 100 27.83 45.11 -0.03
N GLN G 101 27.54 44.38 1.04
CA GLN G 101 28.53 43.46 1.59
C GLN G 101 28.79 42.26 0.68
N LEU G 102 28.10 42.23 -0.46
CA LEU G 102 28.31 41.18 -1.43
C LEU G 102 29.59 41.42 -2.23
N LYS G 103 29.88 42.69 -2.51
CA LYS G 103 31.10 43.06 -3.24
C LYS G 103 32.36 42.53 -2.55
N GLU G 104 32.31 42.36 -1.23
CA GLU G 104 33.46 41.85 -0.47
C GLU G 104 33.62 40.35 -0.64
N PHE G 105 32.88 39.78 -1.60
CA PHE G 105 32.88 38.35 -1.90
C PHE G 105 33.18 38.04 -3.38
N THR G 106 33.11 39.06 -4.24
CA THR G 106 33.37 38.90 -5.68
C THR G 106 34.65 38.12 -6.00
N SER G 107 35.62 38.22 -5.10
CA SER G 107 36.90 37.50 -5.23
C SER G 107 36.68 36.01 -5.47
N TYR G 108 35.80 35.40 -4.66
CA TYR G 108 35.63 33.96 -4.70
C TYR G 108 34.96 33.52 -6.00
N PHE G 109 34.08 34.37 -6.53
CA PHE G 109 33.34 34.05 -7.75
C PHE G 109 34.26 34.06 -8.96
N GLN G 110 35.12 35.07 -9.04
CA GLN G 110 36.09 35.17 -10.13
C GLN G 110 36.85 33.86 -10.31
N ARG G 111 37.05 33.15 -9.21
CA ARG G 111 37.82 31.91 -9.18
C ARG G 111 36.96 30.68 -9.42
N HIS G 112 35.75 30.88 -9.90
CA HIS G 112 34.88 29.75 -10.18
C HIS G 112 35.27 29.05 -11.46
N ASP G 113 35.75 29.84 -12.44
CA ASP G 113 36.23 29.30 -13.70
C ASP G 113 37.31 28.24 -13.44
N GLU G 114 38.31 28.62 -12.63
CA GLU G 114 39.42 27.74 -12.28
C GLU G 114 38.91 26.53 -11.50
N VAL G 115 37.99 26.78 -10.56
CA VAL G 115 37.45 25.72 -9.74
C VAL G 115 36.85 24.62 -10.61
N LEU G 116 36.12 25.00 -11.65
CA LEU G 116 35.58 24.03 -12.58
C LEU G 116 36.72 23.40 -13.38
N THR G 117 37.50 24.25 -14.04
CA THR G 117 38.60 23.81 -14.92
C THR G 117 39.53 22.82 -14.24
N GLU G 118 40.07 23.19 -13.08
CA GLU G 118 41.00 22.31 -12.36
C GLU G 118 40.29 21.06 -11.83
N LEU G 119 38.98 21.15 -11.69
CA LEU G 119 38.18 20.04 -11.17
C LEU G 119 37.85 19.05 -12.27
N GLU G 120 37.58 19.59 -13.46
CA GLU G 120 37.28 18.76 -14.61
C GLU G 120 38.51 17.97 -15.00
N LYS G 121 39.65 18.66 -15.06
CA LYS G 121 40.92 18.03 -15.37
C LYS G 121 41.30 16.96 -14.32
N ALA G 122 40.63 17.01 -13.17
CA ALA G 122 40.85 16.03 -12.12
C ALA G 122 40.13 14.71 -12.41
N THR G 123 38.80 14.78 -12.55
CA THR G 123 37.97 13.60 -12.80
C THR G 123 38.31 12.90 -14.13
N LYS G 124 39.04 13.60 -15.00
CA LYS G 124 39.41 13.10 -16.31
C LYS G 124 40.61 12.15 -16.25
N HIS G 125 41.75 12.65 -15.76
CA HIS G 125 42.93 11.80 -15.60
C HIS G 125 42.95 11.06 -14.26
N CYS G 126 41.77 10.85 -13.68
CA CYS G 126 41.64 10.04 -12.46
C CYS G 126 40.54 8.99 -12.56
N LYS G 127 40.74 7.88 -11.85
CA LYS G 127 39.82 6.76 -11.88
C LYS G 127 38.86 6.75 -10.68
N LYS G 128 39.39 7.04 -9.50
CA LYS G 128 38.58 7.06 -8.27
C LYS G 128 37.54 8.17 -8.29
N LEU G 129 37.84 9.24 -9.03
CA LEU G 129 36.92 10.38 -9.13
C LEU G 129 35.77 10.08 -10.08
N GLU G 130 36.10 9.83 -11.34
CA GLU G 130 35.10 9.50 -12.36
C GLU G 130 34.14 8.43 -11.85
N ALA G 131 34.65 7.55 -11.00
CA ALA G 131 33.84 6.50 -10.38
C ALA G 131 32.88 7.06 -9.34
N VAL G 132 33.40 7.88 -8.42
CA VAL G 132 32.57 8.40 -7.32
C VAL G 132 31.55 9.39 -7.85
N TYR G 133 32.05 10.26 -8.72
CA TYR G 133 31.20 11.20 -9.44
C TYR G 133 29.99 10.50 -10.02
N LYS G 134 30.21 9.60 -10.97
CA LYS G 134 29.14 8.91 -11.68
C LYS G 134 28.05 8.38 -10.75
N GLU G 135 28.45 7.92 -9.56
CA GLU G 135 27.49 7.40 -8.58
C GLU G 135 26.75 8.47 -7.77
N PHE G 136 27.46 9.54 -7.41
CA PHE G 136 26.81 10.66 -6.74
C PHE G 136 25.71 11.18 -7.65
N GLU G 137 26.05 11.33 -8.94
CA GLU G 137 25.14 11.86 -9.94
C GLU G 137 23.90 10.97 -10.20
N LEU G 138 23.75 9.91 -9.43
CA LEU G 138 22.59 9.04 -9.55
C LEU G 138 21.69 9.18 -8.34
N GLN G 139 22.18 9.89 -7.33
CA GLN G 139 21.38 10.17 -6.13
C GLN G 139 20.31 11.25 -6.38
N LYS G 140 19.24 11.20 -5.59
CA LYS G 140 18.11 12.14 -5.73
C LYS G 140 18.56 13.58 -5.58
N VAL G 141 19.45 13.80 -4.62
CA VAL G 141 19.95 15.14 -4.27
C VAL G 141 20.62 15.84 -5.45
N CYS G 142 21.22 15.06 -6.34
CA CYS G 142 21.97 15.56 -7.48
C CYS G 142 21.13 15.47 -8.75
N TYR G 143 20.28 16.47 -8.98
CA TYR G 143 19.35 16.46 -10.12
C TYR G 143 19.98 16.98 -11.43
N LEU G 144 21.10 17.67 -11.31
CA LEU G 144 21.90 18.05 -12.47
C LEU G 144 23.28 17.45 -12.26
N PRO G 145 24.02 17.22 -13.36
CA PRO G 145 25.45 16.88 -13.23
C PRO G 145 26.08 17.83 -12.23
N LEU G 146 26.75 17.29 -11.21
CA LEU G 146 27.10 18.14 -10.08
C LEU G 146 28.13 19.18 -10.46
N ASN G 147 28.85 18.92 -11.54
CA ASN G 147 29.74 19.94 -12.10
C ASN G 147 29.01 21.27 -12.30
N THR G 148 27.77 21.19 -12.76
CA THR G 148 27.05 22.38 -13.16
C THR G 148 26.36 23.07 -11.99
N PHE G 149 26.55 22.58 -10.78
CA PHE G 149 26.07 23.32 -9.62
C PHE G 149 27.01 24.48 -9.33
N LEU G 150 28.14 24.52 -10.02
CA LEU G 150 29.12 25.59 -9.84
C LEU G 150 28.77 26.86 -10.60
N LEU G 151 27.76 26.76 -11.46
CA LEU G 151 27.30 27.92 -12.19
C LEU G 151 26.27 28.60 -11.32
N LYS G 152 25.59 27.80 -10.49
CA LYS G 152 24.52 28.28 -9.62
C LYS G 152 24.84 29.56 -8.83
N PRO G 153 26.03 29.65 -8.19
CA PRO G 153 26.34 30.88 -7.44
C PRO G 153 26.31 32.17 -8.27
N VAL G 154 26.88 32.14 -9.47
CA VAL G 154 26.88 33.35 -10.29
C VAL G 154 25.53 33.59 -10.94
N GLN G 155 24.81 32.50 -11.26
CA GLN G 155 23.45 32.59 -11.78
C GLN G 155 22.55 33.31 -10.79
N ARG G 156 22.74 33.01 -9.51
CA ARG G 156 21.95 33.62 -8.44
C ARG G 156 22.11 35.14 -8.41
N LEU G 157 23.33 35.61 -8.63
CA LEU G 157 23.61 37.04 -8.64
C LEU G 157 22.80 37.73 -9.72
N VAL G 158 22.68 37.05 -10.85
CA VAL G 158 21.91 37.60 -11.97
C VAL G 158 20.47 37.76 -11.54
N HIS G 159 19.95 36.75 -10.84
CA HIS G 159 18.57 36.74 -10.41
C HIS G 159 18.30 37.92 -9.49
N TYR G 160 19.27 38.22 -8.62
CA TYR G 160 19.15 39.36 -7.70
C TYR G 160 18.92 40.64 -8.49
N ARG G 161 19.76 40.87 -9.50
CA ARG G 161 19.68 42.06 -10.32
C ARG G 161 18.29 42.19 -10.93
N LEU G 162 17.86 41.11 -11.57
CA LEU G 162 16.58 41.07 -12.22
C LEU G 162 15.48 41.32 -11.21
N LEU G 163 15.60 40.71 -10.04
CA LEU G 163 14.63 40.88 -8.96
C LEU G 163 14.58 42.30 -8.40
N LEU G 164 15.74 42.83 -8.06
CA LEU G 164 15.81 44.16 -7.47
C LEU G 164 15.28 45.20 -8.44
N SER G 165 15.52 44.98 -9.72
CA SER G 165 15.11 45.94 -10.72
C SER G 165 13.59 45.99 -10.85
N ARG G 166 12.91 44.87 -10.63
CA ARG G 166 11.44 44.87 -10.67
C ARG G 166 10.88 45.70 -9.52
N LEU G 167 11.55 45.60 -8.37
CA LEU G 167 11.23 46.36 -7.16
C LEU G 167 11.31 47.85 -7.38
N CYS G 168 12.44 48.28 -7.95
CA CYS G 168 12.67 49.69 -8.25
C CYS G 168 11.60 50.24 -9.17
N ALA G 169 11.08 49.37 -10.02
CA ALA G 169 10.10 49.77 -11.00
C ALA G 169 8.70 49.82 -10.39
N HIS G 170 8.49 49.05 -9.32
CA HIS G 170 7.19 49.03 -8.65
C HIS G 170 6.93 50.28 -7.81
N TYR G 171 7.98 50.77 -7.17
CA TYR G 171 7.87 51.82 -6.17
C TYR G 171 7.79 53.20 -6.79
N SER G 172 6.84 54.01 -6.34
CA SER G 172 6.84 55.43 -6.67
C SER G 172 7.81 56.14 -5.72
N PRO G 173 8.53 57.16 -6.22
CA PRO G 173 9.64 57.82 -5.50
C PRO G 173 9.36 58.31 -4.06
N GLY G 174 8.08 58.42 -3.70
CA GLY G 174 7.68 58.92 -2.40
C GLY G 174 7.48 57.85 -1.35
N HIS G 175 7.53 56.59 -1.80
CA HIS G 175 7.52 55.45 -0.90
C HIS G 175 8.85 55.37 -0.14
N ARG G 176 8.81 54.86 1.08
CA ARG G 176 9.99 54.77 1.93
C ARG G 176 11.12 53.93 1.32
N ASP G 177 10.73 52.80 0.72
CA ASP G 177 11.69 51.82 0.22
C ASP G 177 12.38 52.19 -1.11
N TYR G 178 11.77 53.11 -1.86
CA TYR G 178 12.32 53.54 -3.16
C TYR G 178 13.81 53.84 -3.08
N ALA G 179 14.17 54.71 -2.15
CA ALA G 179 15.57 55.08 -1.93
C ALA G 179 16.52 53.88 -1.79
N ASP G 180 16.25 53.04 -0.80
CA ASP G 180 17.09 51.87 -0.50
C ASP G 180 17.22 50.91 -1.70
N CYS G 181 16.09 50.53 -2.28
CA CYS G 181 16.08 49.58 -3.39
C CYS G 181 16.88 50.08 -4.59
N HIS G 182 16.78 51.38 -4.88
CA HIS G 182 17.52 51.98 -5.99
C HIS G 182 19.03 51.88 -5.81
N GLU G 183 19.47 52.11 -4.58
CA GLU G 183 20.88 51.97 -4.26
C GLU G 183 21.32 50.50 -4.35
N ALA G 184 20.48 49.61 -3.81
CA ALA G 184 20.76 48.18 -3.82
C ALA G 184 20.87 47.64 -5.25
N LEU G 185 20.01 48.12 -6.12
CA LEU G 185 20.06 47.73 -7.52
C LEU G 185 21.39 48.17 -8.12
N LYS G 186 21.71 49.47 -7.96
CA LYS G 186 22.99 50.01 -8.41
C LYS G 186 24.14 49.15 -7.90
N ALA G 187 24.02 48.67 -6.67
CA ALA G 187 25.07 47.86 -6.06
C ALA G 187 25.30 46.51 -6.75
N ILE G 188 24.25 45.68 -6.83
CA ILE G 188 24.36 44.36 -7.45
C ILE G 188 24.73 44.44 -8.93
N THR G 189 24.31 45.52 -9.59
CA THR G 189 24.60 45.69 -11.00
C THR G 189 26.11 45.85 -11.17
N GLU G 190 26.71 46.58 -10.24
CA GLU G 190 28.15 46.75 -10.21
C GLU G 190 28.80 45.38 -10.06
N VAL G 191 28.24 44.58 -9.16
CA VAL G 191 28.75 43.24 -8.92
C VAL G 191 28.69 42.37 -10.17
N THR G 192 27.51 42.30 -10.79
CA THR G 192 27.30 41.40 -11.94
C THR G 192 28.22 41.73 -13.11
N THR G 193 28.38 43.01 -13.39
CA THR G 193 29.24 43.47 -14.48
C THR G 193 30.70 43.06 -14.28
N GLU G 194 31.22 43.27 -13.07
CA GLU G 194 32.55 42.79 -12.71
C GLU G 194 32.66 41.28 -12.95
N LEU G 195 31.51 40.60 -12.87
CA LEU G 195 31.44 39.15 -12.91
C LEU G 195 30.99 38.56 -14.25
N GLN G 196 30.58 39.43 -15.17
CA GLN G 196 30.12 38.98 -16.48
C GLN G 196 31.18 38.12 -17.19
N GLN G 197 32.44 38.50 -17.00
CA GLN G 197 33.56 37.72 -17.55
C GLN G 197 33.55 36.29 -17.03
N SER G 198 33.40 36.16 -15.72
CA SER G 198 33.44 34.85 -15.07
C SER G 198 32.21 34.02 -15.42
N LEU G 199 31.09 34.69 -15.61
CA LEU G 199 29.83 34.03 -15.96
C LEU G 199 29.98 33.31 -17.29
N THR G 200 30.41 34.06 -18.30
CA THR G 200 30.57 33.53 -19.65
C THR G 200 31.50 32.32 -19.70
N ARG G 201 32.66 32.42 -19.05
CA ARG G 201 33.58 31.29 -19.01
C ARG G 201 32.95 30.06 -18.34
N LEU G 202 32.14 30.29 -17.32
CA LEU G 202 31.42 29.19 -16.69
C LEU G 202 30.41 28.56 -17.66
N GLU G 203 29.55 29.39 -18.26
CA GLU G 203 28.56 28.92 -19.20
C GLU G 203 29.23 28.16 -20.34
N ASN G 204 30.32 28.73 -20.85
CA ASN G 204 31.13 28.10 -21.87
C ASN G 204 31.66 26.73 -21.44
N LEU G 205 32.23 26.66 -20.24
CA LEU G 205 32.75 25.40 -19.72
C LEU G 205 31.65 24.32 -19.62
N GLN G 206 30.42 24.74 -19.30
CA GLN G 206 29.31 23.81 -19.25
C GLN G 206 28.94 23.33 -20.63
N LYS G 207 28.70 24.27 -21.54
CA LYS G 207 28.30 23.94 -22.91
C LYS G 207 29.34 23.02 -23.53
N LEU G 208 30.60 23.21 -23.14
CA LEU G 208 31.72 22.44 -23.69
C LEU G 208 31.62 20.94 -23.45
N THR G 209 31.38 20.55 -22.19
CA THR G 209 31.32 19.14 -21.84
C THR G 209 29.96 18.52 -22.19
N GLU G 210 28.92 19.36 -22.16
CA GLU G 210 27.59 18.95 -22.60
C GLU G 210 27.62 18.45 -24.04
N LEU G 211 28.68 18.79 -24.78
CA LEU G 211 28.82 18.37 -26.16
C LEU G 211 29.79 17.21 -26.33
N GLN G 212 30.71 17.04 -25.39
CA GLN G 212 31.63 15.92 -25.43
C GLN G 212 30.91 14.65 -25.02
N ARG G 213 29.76 14.82 -24.36
CA ARG G 213 28.94 13.69 -23.95
C ARG G 213 27.86 13.39 -24.99
N ASP G 214 27.74 14.25 -26.00
CA ASP G 214 26.69 14.11 -27.01
C ASP G 214 27.21 13.65 -28.37
N LEU G 215 28.26 12.83 -28.37
CA LEU G 215 28.83 12.37 -29.63
C LEU G 215 28.55 10.89 -29.89
N GLY H 1 -15.22 -31.13 62.66
CA GLY H 1 -15.81 -30.99 61.34
C GLY H 1 -16.00 -29.55 60.90
N PRO H 2 -16.09 -29.33 59.58
CA PRO H 2 -16.30 -27.99 58.99
C PRO H 2 -17.76 -27.59 58.86
N HIS H 3 -18.04 -26.30 59.00
CA HIS H 3 -19.37 -25.74 58.79
C HIS H 3 -19.56 -25.45 57.29
N MSE H 4 -20.72 -25.84 56.75
CA MSE H 4 -21.00 -25.78 55.30
C MSE H 4 -21.22 -24.40 54.67
O MSE H 4 -21.52 -24.31 53.47
CB MSE H 4 -22.20 -26.68 54.94
CG MSE H 4 -22.00 -28.18 55.17
SE MSE H 4 -20.65 -29.01 54.01
CE MSE H 4 -19.60 -29.89 55.43
N GLU H 5 -21.09 -23.33 55.45
CA GLU H 5 -21.25 -21.97 54.93
C GLU H 5 -19.89 -21.27 54.83
N ASP H 6 -18.86 -21.99 55.25
CA ASP H 6 -17.50 -21.50 55.30
C ASP H 6 -16.91 -21.53 53.90
N GLU H 7 -16.97 -20.43 53.17
CA GLU H 7 -16.31 -20.38 51.87
C GLU H 7 -14.79 -20.50 52.08
N ALA H 8 -14.34 -20.17 53.28
CA ALA H 8 -12.93 -20.33 53.63
C ALA H 8 -12.53 -21.79 53.53
N TYR H 9 -13.30 -22.66 54.18
CA TYR H 9 -13.03 -24.09 54.13
C TYR H 9 -12.94 -24.58 52.69
N PHE H 10 -13.96 -24.29 51.88
CA PHE H 10 -13.95 -24.73 50.49
C PHE H 10 -12.79 -24.15 49.67
N ILE H 11 -12.40 -22.91 49.96
CA ILE H 11 -11.23 -22.33 49.29
C ILE H 11 -9.98 -23.11 49.67
N ALA H 12 -9.84 -23.44 50.94
CA ALA H 12 -8.70 -24.22 51.37
C ALA H 12 -8.71 -25.60 50.70
N LYS H 13 -9.90 -26.20 50.60
CA LYS H 13 -10.05 -27.47 49.90
C LYS H 13 -9.55 -27.29 48.49
N GLU H 14 -9.90 -26.15 47.88
CA GLU H 14 -9.51 -25.85 46.50
C GLU H 14 -8.00 -25.63 46.35
N ILE H 15 -7.42 -24.83 47.22
CA ILE H 15 -5.95 -24.69 47.25
C ILE H 15 -5.25 -26.05 47.33
N LEU H 16 -5.63 -26.86 48.33
CA LEU H 16 -5.02 -28.17 48.49
C LEU H 16 -5.21 -29.05 47.26
N ALA H 17 -6.43 -29.11 46.74
CA ALA H 17 -6.65 -30.00 45.59
C ALA H 17 -5.88 -29.53 44.36
N THR H 18 -5.90 -28.23 44.10
CA THR H 18 -5.22 -27.70 42.93
C THR H 18 -3.71 -27.70 43.07
N GLU H 19 -3.22 -27.77 44.30
CA GLU H 19 -1.79 -27.95 44.51
C GLU H 19 -1.35 -29.36 44.14
N ARG H 20 -2.14 -30.35 44.55
CA ARG H 20 -1.84 -31.73 44.21
C ARG H 20 -1.78 -31.93 42.71
N THR H 21 -2.78 -31.43 41.97
CA THR H 21 -2.75 -31.61 40.52
C THR H 21 -1.63 -30.80 39.91
N TYR H 22 -1.30 -29.66 40.50
CA TYR H 22 -0.13 -28.89 40.05
C TYR H 22 1.16 -29.70 40.17
N LEU H 23 1.33 -30.39 41.28
CA LEU H 23 2.54 -31.14 41.52
C LEU H 23 2.62 -32.35 40.62
N LYS H 24 1.46 -32.92 40.31
CA LYS H 24 1.43 -34.07 39.40
C LYS H 24 1.84 -33.61 38.02
N ASP H 25 1.42 -32.39 37.65
CA ASP H 25 1.83 -31.76 36.39
C ASP H 25 3.35 -31.60 36.29
N LEU H 26 3.96 -30.99 37.30
CA LEU H 26 5.41 -30.87 37.35
C LEU H 26 6.12 -32.23 37.24
N GLU H 27 5.53 -33.26 37.81
CA GLU H 27 6.15 -34.59 37.72
C GLU H 27 6.29 -35.07 36.27
N VAL H 28 5.41 -34.59 35.40
CA VAL H 28 5.54 -34.90 33.98
C VAL H 28 6.90 -34.48 33.46
N ILE H 29 7.39 -33.32 33.90
CA ILE H 29 8.76 -32.91 33.60
C ILE H 29 9.80 -33.55 34.52
N THR H 30 9.68 -33.32 35.82
CA THR H 30 10.76 -33.70 36.73
C THR H 30 11.02 -35.19 36.83
N VAL H 31 9.99 -36.01 36.58
CA VAL H 31 10.16 -37.45 36.68
C VAL H 31 10.10 -38.18 35.35
N TRP H 32 8.98 -38.05 34.65
CA TRP H 32 8.74 -38.85 33.44
C TRP H 32 9.53 -38.43 32.21
N PHE H 33 9.56 -37.13 31.97
CA PHE H 33 10.42 -36.63 30.91
C PHE H 33 11.89 -36.87 31.25
N ARG H 34 12.25 -36.64 32.51
CA ARG H 34 13.62 -36.87 32.91
C ARG H 34 13.99 -38.34 32.66
N SER H 35 13.09 -39.25 33.03
CA SER H 35 13.37 -40.69 32.93
C SER H 35 13.76 -41.04 31.52
N VAL H 36 13.15 -40.34 30.60
CA VAL H 36 13.32 -40.59 29.19
C VAL H 36 14.62 -39.95 28.66
N LEU H 37 14.91 -38.72 29.06
CA LEU H 37 16.13 -38.05 28.62
C LEU H 37 17.38 -38.77 29.13
N ILE H 38 17.25 -39.35 30.32
CA ILE H 38 18.29 -40.17 30.92
C ILE H 38 18.47 -41.49 30.17
N LYS H 39 17.35 -42.13 29.83
CA LYS H 39 17.41 -43.39 29.07
C LYS H 39 18.01 -43.18 27.69
N GLU H 40 17.81 -41.99 27.13
CA GLU H 40 18.11 -41.72 25.73
C GLU H 40 19.35 -40.86 25.49
N GLU H 41 19.63 -39.93 26.40
CA GLU H 41 20.73 -39.00 26.26
C GLU H 41 20.62 -38.11 25.03
N ALA H 42 19.41 -37.70 24.70
CA ALA H 42 19.18 -36.88 23.51
C ALA H 42 19.49 -35.43 23.82
N MSE H 43 19.39 -35.09 25.09
CA MSE H 43 19.61 -33.72 25.52
C MSE H 43 21.02 -33.54 26.06
O MSE H 43 21.45 -34.34 26.91
CB MSE H 43 18.60 -33.34 26.57
CG MSE H 43 18.49 -31.84 26.77
SE MSE H 43 17.05 -31.31 27.98
CE MSE H 43 15.54 -31.40 26.76
N PRO H 44 21.73 -32.51 25.57
CA PRO H 44 23.07 -32.15 26.07
C PRO H 44 22.99 -31.93 27.58
N ALA H 45 24.00 -32.32 28.35
CA ALA H 45 23.87 -32.22 29.80
C ALA H 45 23.69 -30.78 30.27
N ALA H 46 24.25 -29.84 29.54
CA ALA H 46 24.21 -28.44 29.96
C ALA H 46 22.78 -27.91 29.92
N LEU H 47 22.02 -28.37 28.93
CA LEU H 47 20.64 -27.99 28.74
C LEU H 47 19.71 -28.67 29.75
N MSE H 48 19.99 -29.94 30.06
CA MSE H 48 19.22 -30.64 31.08
C MSE H 48 19.40 -29.92 32.41
O MSE H 48 18.45 -29.78 33.19
CB MSE H 48 19.70 -32.07 31.27
CG MSE H 48 19.29 -33.06 30.21
SE MSE H 48 20.04 -34.83 30.55
CE MSE H 48 19.13 -35.26 32.24
N ALA H 49 20.63 -29.46 32.63
CA ALA H 49 20.97 -28.73 33.84
C ALA H 49 20.06 -27.51 33.93
N LEU H 50 20.00 -26.79 32.82
CA LEU H 50 19.24 -25.55 32.76
C LEU H 50 17.79 -25.81 33.14
N LEU H 51 17.19 -26.80 32.48
CA LEU H 51 15.82 -27.17 32.76
C LEU H 51 15.62 -27.61 34.20
N PHE H 52 16.30 -28.66 34.62
CA PHE H 52 15.95 -29.26 35.89
C PHE H 52 16.35 -28.43 37.11
N SER H 53 17.42 -27.66 36.99
CA SER H 53 17.86 -26.82 38.10
C SER H 53 16.92 -25.64 38.32
N ASN H 54 16.05 -25.34 37.37
CA ASN H 54 15.08 -24.28 37.56
C ASN H 54 13.67 -24.79 37.75
N ILE H 55 13.56 -26.08 38.04
CA ILE H 55 12.26 -26.70 38.27
C ILE H 55 12.32 -27.50 39.56
N ASP H 56 13.43 -28.19 39.76
CA ASP H 56 13.53 -29.05 40.92
C ASP H 56 13.32 -28.28 42.21
N PRO H 57 14.02 -27.14 42.39
CA PRO H 57 13.74 -26.46 43.67
C PRO H 57 12.32 -25.92 43.72
N VAL H 58 11.77 -25.51 42.58
CA VAL H 58 10.37 -25.14 42.57
C VAL H 58 9.47 -26.27 43.11
N TYR H 59 9.64 -27.47 42.56
CA TYR H 59 8.83 -28.64 42.97
C TYR H 59 9.01 -28.92 44.46
N GLU H 60 10.25 -28.95 44.89
CA GLU H 60 10.57 -29.09 46.31
C GLU H 60 9.85 -28.05 47.18
N PHE H 61 9.83 -26.79 46.74
CA PHE H 61 9.14 -25.78 47.53
C PHE H 61 7.65 -26.08 47.72
N HIS H 62 6.96 -26.29 46.61
CA HIS H 62 5.55 -26.56 46.63
C HIS H 62 5.23 -27.80 47.46
N ARG H 63 6.06 -28.81 47.37
CA ARG H 63 5.81 -30.05 48.11
C ARG H 63 5.68 -29.79 49.59
N GLY H 64 6.49 -28.86 50.07
CA GLY H 64 6.48 -28.49 51.47
C GLY H 64 5.27 -27.64 51.82
N PHE H 65 4.84 -26.83 50.86
CA PHE H 65 3.63 -26.06 51.02
C PHE H 65 2.44 -27.00 51.10
N LEU H 66 2.41 -27.95 50.18
CA LEU H 66 1.33 -28.93 50.15
C LEU H 66 1.24 -29.66 51.48
N HIS H 67 2.38 -30.01 52.03
CA HIS H 67 2.42 -30.77 53.27
C HIS H 67 1.78 -30.01 54.43
N GLU H 68 2.05 -28.72 54.51
CA GLU H 68 1.50 -27.92 55.59
C GLU H 68 0.00 -27.76 55.41
N VAL H 69 -0.44 -27.69 54.16
CA VAL H 69 -1.86 -27.47 53.93
C VAL H 69 -2.64 -28.73 54.22
N GLU H 70 -2.19 -29.83 53.64
CA GLU H 70 -2.73 -31.16 53.89
C GLU H 70 -2.93 -31.42 55.38
N GLN H 71 -1.91 -31.09 56.18
CA GLN H 71 -1.91 -31.28 57.63
C GLN H 71 -2.99 -30.44 58.28
N ARG H 72 -3.10 -29.19 57.86
CA ARG H 72 -4.04 -28.25 58.43
C ARG H 72 -5.47 -28.64 58.10
N LEU H 73 -5.72 -28.89 56.81
CA LEU H 73 -7.01 -29.33 56.34
C LEU H 73 -7.52 -30.57 57.07
N ALA H 74 -6.61 -31.41 57.55
CA ALA H 74 -7.03 -32.62 58.23
C ALA H 74 -7.38 -32.37 59.68
N LEU H 75 -6.78 -31.33 60.27
CA LEU H 75 -7.20 -30.89 61.59
C LEU H 75 -8.53 -30.18 61.45
N TRP H 76 -8.72 -29.57 60.29
CA TRP H 76 -9.93 -28.81 60.06
C TRP H 76 -11.12 -29.77 59.99
N GLU H 77 -11.03 -30.78 59.13
CA GLU H 77 -12.12 -31.74 58.93
C GLU H 77 -12.23 -32.74 60.09
N GLY H 78 -11.17 -32.81 60.90
CA GLY H 78 -11.15 -33.72 62.02
C GLY H 78 -11.76 -33.10 63.26
N PRO H 79 -11.95 -33.91 64.31
CA PRO H 79 -12.53 -33.42 65.57
C PRO H 79 -11.55 -32.54 66.34
N SER H 80 -11.94 -31.30 66.59
CA SER H 80 -11.08 -30.37 67.34
C SER H 80 -11.75 -29.96 68.64
N SER H 81 -10.93 -29.52 69.61
CA SER H 81 -11.45 -28.95 70.85
C SER H 81 -11.82 -27.48 70.63
N ALA H 82 -12.13 -26.75 71.70
CA ALA H 82 -12.54 -25.35 71.57
C ALA H 82 -11.36 -24.39 71.35
N HIS H 83 -10.28 -24.61 72.12
CA HIS H 83 -9.09 -23.78 72.03
C HIS H 83 -8.32 -24.06 70.74
N LEU H 84 -8.61 -25.21 70.14
CA LEU H 84 -7.94 -25.62 68.91
C LEU H 84 -8.80 -25.35 67.66
N LYS H 85 -10.13 -25.26 67.81
CA LYS H 85 -11.04 -25.01 66.68
C LYS H 85 -10.73 -23.68 65.97
N GLY H 86 -10.35 -22.67 66.75
CA GLY H 86 -9.98 -21.38 66.19
C GLY H 86 -8.68 -21.41 65.40
N ASP H 87 -7.71 -22.18 65.89
CA ASP H 87 -6.42 -22.31 65.21
C ASP H 87 -6.44 -23.33 64.08
N HIS H 88 -7.31 -24.33 64.20
CA HIS H 88 -7.40 -25.40 63.20
C HIS H 88 -8.31 -25.06 62.03
N GLN H 89 -9.16 -24.05 62.18
CA GLN H 89 -10.07 -23.66 61.12
C GLN H 89 -9.70 -22.34 60.44
N ARG H 90 -8.40 -22.16 60.22
CA ARG H 90 -7.89 -21.01 59.47
C ARG H 90 -6.85 -21.50 58.47
N ILE H 91 -6.39 -20.62 57.59
CA ILE H 91 -5.30 -21.02 56.70
C ILE H 91 -4.34 -19.87 56.35
N GLY H 92 -4.67 -18.67 56.80
CA GLY H 92 -3.88 -17.49 56.46
C GLY H 92 -2.44 -17.57 56.92
N ASP H 93 -2.19 -18.20 58.06
CA ASP H 93 -0.84 -18.26 58.59
C ASP H 93 0.03 -19.10 57.65
N ILE H 94 -0.47 -20.26 57.26
CA ILE H 94 0.27 -21.10 56.34
C ILE H 94 0.50 -20.42 54.99
N LEU H 95 -0.56 -19.79 54.45
CA LEU H 95 -0.47 -19.08 53.18
C LEU H 95 0.56 -17.94 53.24
N LEU H 96 0.46 -17.14 54.29
CA LEU H 96 1.39 -16.02 54.45
C LEU H 96 2.84 -16.50 54.50
N ARG H 97 3.09 -17.57 55.25
CA ARG H 97 4.44 -18.09 55.40
C ARG H 97 4.98 -18.50 54.04
N ASN H 98 4.18 -19.25 53.30
CA ASN H 98 4.65 -19.79 52.03
C ASN H 98 4.73 -18.76 50.91
N MSE H 99 3.82 -17.78 50.90
CA MSE H 99 3.94 -16.71 49.93
C MSE H 99 5.17 -15.83 50.17
O MSE H 99 5.72 -15.27 49.24
CB MSE H 99 2.68 -15.86 49.87
CG MSE H 99 1.41 -16.60 49.56
SE MSE H 99 1.38 -17.64 47.88
CE MSE H 99 2.01 -19.39 48.54
N ARG H 100 5.60 -15.69 51.43
CA ARG H 100 6.81 -14.92 51.69
C ARG H 100 8.00 -15.71 51.17
N GLN H 101 8.04 -17.01 51.46
CA GLN H 101 9.10 -17.90 51.00
C GLN H 101 9.24 -17.84 49.50
N LEU H 102 8.09 -17.81 48.84
CA LEU H 102 8.04 -17.77 47.40
C LEU H 102 8.95 -16.69 46.81
N LYS H 103 9.08 -15.55 47.49
CA LYS H 103 9.92 -14.46 47.00
C LYS H 103 11.36 -14.89 46.78
N GLU H 104 11.78 -15.95 47.47
CA GLU H 104 13.13 -16.48 47.36
C GLU H 104 13.30 -17.40 46.17
N PHE H 105 12.20 -17.74 45.52
CA PHE H 105 12.26 -18.63 44.38
C PHE H 105 12.05 -17.93 43.06
N THR H 106 11.79 -16.62 43.09
CA THR H 106 11.48 -15.90 41.86
C THR H 106 12.60 -16.01 40.81
N SER H 107 13.84 -16.11 41.26
CA SER H 107 14.97 -16.21 40.33
C SER H 107 14.84 -17.41 39.40
N TYR H 108 14.23 -18.49 39.90
CA TYR H 108 14.03 -19.69 39.09
C TYR H 108 12.90 -19.48 38.10
N PHE H 109 11.78 -18.96 38.58
CA PHE H 109 10.62 -18.72 37.74
C PHE H 109 11.02 -17.78 36.61
N GLN H 110 11.84 -16.79 36.96
CA GLN H 110 12.25 -15.74 36.03
C GLN H 110 12.98 -16.32 34.82
N ARG H 111 13.54 -17.51 35.02
CA ARG H 111 14.39 -18.15 34.01
C ARG H 111 13.61 -19.05 33.05
N HIS H 112 12.32 -19.26 33.31
CA HIS H 112 11.56 -20.27 32.57
C HIS H 112 11.37 -19.93 31.09
N ASP H 113 11.21 -18.64 30.77
CA ASP H 113 11.06 -18.22 29.37
C ASP H 113 12.38 -18.43 28.63
N GLU H 114 13.46 -18.37 29.38
CA GLU H 114 14.80 -18.61 28.86
C GLU H 114 15.02 -20.13 28.67
N VAL H 115 14.43 -20.92 29.57
CA VAL H 115 14.54 -22.36 29.46
C VAL H 115 13.79 -22.82 28.23
N LEU H 116 12.56 -22.38 28.12
CA LEU H 116 11.73 -22.74 26.98
C LEU H 116 12.38 -22.34 25.66
N THR H 117 12.98 -21.15 25.66
CA THR H 117 13.74 -20.65 24.53
C THR H 117 14.82 -21.65 24.11
N GLU H 118 15.68 -22.05 25.04
CA GLU H 118 16.79 -22.93 24.69
C GLU H 118 16.32 -24.34 24.31
N LEU H 119 15.20 -24.76 24.87
CA LEU H 119 14.61 -26.04 24.51
C LEU H 119 14.19 -26.02 23.06
N GLU H 120 13.50 -24.98 22.68
CA GLU H 120 13.04 -24.88 21.30
C GLU H 120 14.25 -24.78 20.35
N LYS H 121 15.28 -24.04 20.75
CA LYS H 121 16.48 -23.92 19.91
C LYS H 121 17.14 -25.28 19.70
N ALA H 122 17.42 -25.97 20.80
CA ALA H 122 18.10 -27.27 20.73
C ALA H 122 17.23 -28.29 19.99
N THR H 123 15.93 -28.21 20.21
CA THR H 123 15.07 -29.23 19.68
C THR H 123 14.92 -29.10 18.15
N LYS H 124 15.23 -27.91 17.63
CA LYS H 124 15.18 -27.66 16.18
C LYS H 124 16.42 -28.19 15.49
N HIS H 125 17.58 -27.98 16.11
CA HIS H 125 18.88 -28.28 15.50
C HIS H 125 19.31 -29.72 15.76
N CYS H 126 18.43 -30.52 16.36
CA CYS H 126 18.78 -31.88 16.76
C CYS H 126 17.65 -32.89 16.62
N LYS H 127 17.70 -33.67 15.54
CA LYS H 127 16.64 -34.62 15.20
C LYS H 127 16.42 -35.70 16.27
N LYS H 128 17.49 -36.15 16.92
CA LYS H 128 17.35 -37.18 17.94
C LYS H 128 16.55 -36.68 19.15
N LEU H 129 16.65 -35.38 19.42
CA LEU H 129 15.96 -34.79 20.57
C LEU H 129 14.51 -34.60 20.25
N GLU H 130 14.24 -34.22 19.01
CA GLU H 130 12.89 -34.02 18.52
C GLU H 130 12.16 -35.36 18.51
N ALA H 131 12.90 -36.39 18.10
CA ALA H 131 12.37 -37.74 18.07
C ALA H 131 11.79 -38.11 19.43
N VAL H 132 12.60 -37.92 20.47
CA VAL H 132 12.22 -38.22 21.84
C VAL H 132 10.99 -37.42 22.27
N TYR H 133 10.99 -36.12 21.93
CA TYR H 133 9.84 -35.26 22.21
C TYR H 133 8.58 -35.84 21.58
N LYS H 134 8.60 -36.11 20.27
CA LYS H 134 7.42 -36.68 19.58
C LYS H 134 6.93 -37.92 20.31
N GLU H 135 7.88 -38.78 20.66
CA GLU H 135 7.58 -40.06 21.26
C GLU H 135 6.97 -39.91 22.64
N PHE H 136 7.56 -39.06 23.46
CA PHE H 136 7.08 -38.81 24.82
C PHE H 136 5.72 -38.14 24.81
N GLU H 137 5.47 -37.30 23.81
CA GLU H 137 4.20 -36.57 23.76
C GLU H 137 3.05 -37.53 23.44
N LEU H 138 3.40 -38.73 23.00
CA LEU H 138 2.43 -39.79 22.77
C LEU H 138 2.03 -40.48 24.07
N GLN H 139 2.86 -40.40 25.08
CA GLN H 139 2.56 -41.05 26.35
C GLN H 139 1.34 -40.44 27.04
N LYS H 140 0.56 -41.28 27.70
CA LYS H 140 -0.64 -40.86 28.41
C LYS H 140 -0.38 -39.78 29.49
N VAL H 141 0.82 -39.79 30.06
CA VAL H 141 1.14 -38.91 31.19
C VAL H 141 1.34 -37.50 30.70
N CYS H 142 1.72 -37.40 29.42
CA CYS H 142 2.05 -36.15 28.78
C CYS H 142 0.83 -35.67 28.00
N TYR H 143 -0.18 -35.24 28.75
CA TYR H 143 -1.47 -34.88 28.19
C TYR H 143 -1.46 -33.54 27.42
N LEU H 144 -0.44 -32.72 27.61
CA LEU H 144 -0.24 -31.54 26.78
C LEU H 144 1.12 -31.64 26.08
N PRO H 145 1.36 -30.79 25.08
CA PRO H 145 2.69 -30.73 24.51
C PRO H 145 3.69 -30.39 25.60
N LEU H 146 4.78 -31.12 25.69
CA LEU H 146 5.64 -31.03 26.87
C LEU H 146 6.04 -29.58 27.21
N ASN H 147 6.42 -28.81 26.19
CA ASN H 147 6.93 -27.47 26.47
C ASN H 147 5.86 -26.56 27.03
N THR H 148 4.59 -26.95 26.97
CA THR H 148 3.61 -26.08 27.59
C THR H 148 3.52 -26.35 29.09
N PHE H 149 4.07 -27.46 29.56
CA PHE H 149 4.15 -27.66 31.00
C PHE H 149 5.04 -26.63 31.65
N LEU H 150 5.88 -25.97 30.87
CA LEU H 150 6.76 -24.94 31.43
C LEU H 150 6.04 -23.65 31.80
N LEU H 151 4.78 -23.51 31.39
CA LEU H 151 4.01 -22.34 31.77
C LEU H 151 3.28 -22.63 33.05
N LYS H 152 3.11 -23.91 33.35
CA LYS H 152 2.39 -24.33 34.55
C LYS H 152 2.86 -23.64 35.85
N PRO H 153 4.20 -23.54 36.08
CA PRO H 153 4.62 -22.92 37.35
C PRO H 153 4.24 -21.46 37.47
N VAL H 154 4.58 -20.63 36.51
CA VAL H 154 4.21 -19.23 36.61
C VAL H 154 2.69 -19.03 36.69
N GLN H 155 1.93 -19.87 35.99
CA GLN H 155 0.47 -19.85 36.09
C GLN H 155 -0.10 -20.19 37.47
N ARG H 156 0.59 -21.10 38.17
CA ARG H 156 0.15 -21.53 39.49
C ARG H 156 0.14 -20.36 40.44
N LEU H 157 1.17 -19.52 40.31
CA LEU H 157 1.26 -18.34 41.14
C LEU H 157 0.09 -17.44 40.86
N VAL H 158 -0.38 -17.41 39.62
CA VAL H 158 -1.50 -16.53 39.32
C VAL H 158 -2.71 -17.07 40.04
N HIS H 159 -2.83 -18.39 40.08
CA HIS H 159 -3.94 -19.02 40.75
C HIS H 159 -3.98 -18.62 42.22
N TYR H 160 -2.81 -18.65 42.87
CA TYR H 160 -2.73 -18.22 44.27
C TYR H 160 -3.29 -16.82 44.44
N ARG H 161 -2.89 -15.90 43.56
CA ARG H 161 -3.40 -14.53 43.64
C ARG H 161 -4.90 -14.56 43.63
N LEU H 162 -5.50 -15.37 42.76
CA LEU H 162 -6.96 -15.47 42.71
C LEU H 162 -7.57 -16.07 43.97
N LEU H 163 -6.98 -17.16 44.43
CA LEU H 163 -7.48 -17.84 45.62
C LEU H 163 -7.38 -16.92 46.83
N LEU H 164 -6.25 -16.24 46.97
CA LEU H 164 -6.08 -15.38 48.11
C LEU H 164 -7.07 -14.21 48.07
N SER H 165 -7.29 -13.67 46.88
CA SER H 165 -8.28 -12.61 46.70
C SER H 165 -9.63 -13.02 47.25
N ARG H 166 -10.07 -14.21 46.86
CA ARG H 166 -11.37 -14.72 47.29
C ARG H 166 -11.44 -14.86 48.80
N LEU H 167 -10.34 -15.31 49.38
CA LEU H 167 -10.26 -15.40 50.83
C LEU H 167 -10.41 -14.04 51.47
N CYS H 168 -9.70 -13.04 50.95
CA CYS H 168 -9.76 -11.68 51.49
C CYS H 168 -11.13 -11.03 51.35
N ALA H 169 -11.83 -11.38 50.29
CA ALA H 169 -13.19 -10.91 50.08
C ALA H 169 -14.09 -11.49 51.16
N HIS H 170 -14.01 -12.81 51.33
CA HIS H 170 -14.85 -13.55 52.25
C HIS H 170 -14.74 -13.05 53.69
N TYR H 171 -13.50 -13.02 54.17
CA TYR H 171 -13.24 -12.68 55.56
C TYR H 171 -13.54 -11.23 55.86
N SER H 172 -14.16 -10.98 57.02
CA SER H 172 -14.34 -9.62 57.50
C SER H 172 -13.15 -9.21 58.36
N PRO H 173 -12.78 -7.91 58.32
CA PRO H 173 -11.69 -7.33 59.11
C PRO H 173 -11.61 -7.77 60.58
N GLY H 174 -12.73 -8.14 61.19
CA GLY H 174 -12.70 -8.62 62.57
C GLY H 174 -12.17 -10.04 62.75
N HIS H 175 -11.98 -10.75 61.64
CA HIS H 175 -11.66 -12.18 61.70
C HIS H 175 -10.24 -12.50 62.20
N ARG H 176 -10.11 -13.60 62.95
CA ARG H 176 -8.82 -14.10 63.39
C ARG H 176 -7.92 -14.54 62.23
N ASP H 177 -8.44 -14.49 61.01
CA ASP H 177 -7.67 -14.86 59.85
C ASP H 177 -7.51 -13.75 58.82
N TYR H 178 -8.01 -12.54 59.11
CA TYR H 178 -8.00 -11.47 58.10
C TYR H 178 -6.59 -10.94 57.78
N ALA H 179 -5.92 -10.41 58.80
CA ALA H 179 -4.58 -9.84 58.65
C ALA H 179 -3.61 -10.75 57.90
N ASP H 180 -3.56 -12.02 58.31
CA ASP H 180 -2.69 -12.99 57.68
C ASP H 180 -2.94 -13.12 56.16
N CYS H 181 -4.20 -13.29 55.76
CA CYS H 181 -4.53 -13.43 54.34
C CYS H 181 -4.27 -12.16 53.53
N HIS H 182 -4.47 -11.01 54.16
CA HIS H 182 -4.21 -9.76 53.47
C HIS H 182 -2.72 -9.61 53.14
N GLU H 183 -1.86 -9.89 54.11
CA GLU H 183 -0.42 -9.83 53.88
C GLU H 183 0.01 -10.87 52.85
N ALA H 184 -0.65 -12.02 52.88
CA ALA H 184 -0.31 -13.13 52.02
C ALA H 184 -0.58 -12.74 50.59
N LEU H 185 -1.64 -11.98 50.40
CA LEU H 185 -2.04 -11.57 49.06
C LEU H 185 -1.08 -10.52 48.55
N LYS H 186 -0.68 -9.61 49.45
CA LYS H 186 0.28 -8.56 49.11
C LYS H 186 1.55 -9.23 48.62
N ALA H 187 1.91 -10.32 49.29
CA ALA H 187 3.12 -11.05 48.97
C ALA H 187 3.05 -11.68 47.59
N ILE H 188 2.01 -12.46 47.35
CA ILE H 188 1.90 -13.16 46.08
C ILE H 188 1.76 -12.15 44.95
N THR H 189 1.20 -10.98 45.25
CA THR H 189 1.06 -9.97 44.24
C THR H 189 2.41 -9.37 43.82
N GLU H 190 3.31 -9.13 44.78
CA GLU H 190 4.66 -8.66 44.45
C GLU H 190 5.32 -9.66 43.50
N VAL H 191 5.18 -10.94 43.81
CA VAL H 191 5.81 -11.98 43.02
C VAL H 191 5.20 -12.05 41.61
N THR H 192 3.87 -12.13 41.52
CA THR H 192 3.23 -12.16 40.21
C THR H 192 3.59 -10.93 39.36
N THR H 193 3.61 -9.77 39.98
CA THR H 193 4.10 -8.57 39.32
C THR H 193 5.56 -8.73 38.86
N GLU H 194 6.41 -9.25 39.73
CA GLU H 194 7.83 -9.40 39.40
C GLU H 194 8.01 -10.36 38.22
N LEU H 195 7.06 -11.27 38.04
CA LEU H 195 7.18 -12.26 36.98
C LEU H 195 6.33 -11.98 35.75
N GLN H 196 5.74 -10.79 35.64
CA GLN H 196 4.94 -10.50 34.45
C GLN H 196 5.72 -10.66 33.16
N GLN H 197 6.80 -9.90 33.00
CA GLN H 197 7.62 -9.98 31.80
C GLN H 197 7.91 -11.44 31.40
N SER H 198 8.16 -12.30 32.37
CA SER H 198 8.45 -13.70 32.06
C SER H 198 7.20 -14.47 31.65
N LEU H 199 6.10 -14.26 32.37
CA LEU H 199 4.83 -14.87 32.01
C LEU H 199 4.40 -14.45 30.61
N THR H 200 4.41 -13.13 30.34
CA THR H 200 4.03 -12.61 29.03
C THR H 200 4.89 -13.28 27.96
N ARG H 201 6.20 -13.35 28.20
CA ARG H 201 7.12 -13.93 27.22
C ARG H 201 6.79 -15.41 26.99
N LEU H 202 6.50 -16.12 28.07
CA LEU H 202 6.16 -17.54 27.98
C LEU H 202 4.90 -17.73 27.17
N GLU H 203 3.90 -16.93 27.47
CA GLU H 203 2.62 -17.03 26.82
C GLU H 203 2.74 -16.79 25.33
N ASN H 204 3.65 -15.88 24.94
CA ASN H 204 3.80 -15.53 23.53
C ASN H 204 4.59 -16.58 22.78
N LEU H 205 5.58 -17.18 23.44
CA LEU H 205 6.32 -18.31 22.87
C LEU H 205 5.37 -19.45 22.55
N GLN H 206 4.49 -19.73 23.51
CA GLN H 206 3.50 -20.78 23.36
C GLN H 206 2.47 -20.47 22.26
N LYS H 207 2.00 -19.22 22.17
CA LYS H 207 1.01 -18.88 21.14
C LYS H 207 1.64 -19.06 19.77
N LEU H 208 2.88 -18.60 19.64
CA LEU H 208 3.53 -18.63 18.34
C LEU H 208 3.68 -20.06 17.85
N THR H 209 4.16 -20.94 18.71
CA THR H 209 4.29 -22.34 18.36
C THR H 209 3.00 -22.95 17.83
N GLU H 210 1.89 -22.68 18.53
CA GLU H 210 0.57 -23.16 18.19
C GLU H 210 0.05 -22.51 16.89
N LEU H 211 0.16 -21.19 16.81
CA LEU H 211 -0.35 -20.44 15.68
C LEU H 211 0.34 -20.78 14.37
N GLN H 212 1.62 -21.16 14.48
CA GLN H 212 2.47 -21.40 13.31
C GLN H 212 2.14 -22.73 12.65
N ARG H 213 1.64 -23.66 13.46
CA ARG H 213 1.18 -24.96 13.01
C ARG H 213 -0.27 -24.91 12.52
N ASP H 214 -0.78 -23.69 12.32
CA ASP H 214 -2.19 -23.49 12.00
C ASP H 214 -2.37 -22.23 11.18
N LEU H 215 -1.64 -22.09 10.09
CA LEU H 215 -1.84 -20.94 9.24
C LEU H 215 -3.17 -21.13 8.51
N VAL H 216 -3.78 -20.06 8.03
CA VAL H 216 -5.17 -20.15 7.63
C VAL H 216 -5.35 -20.85 6.30
N GLY I 1 -5.00 -22.40 24.38
CA GLY I 1 -4.36 -21.63 25.43
C GLY I 1 -5.30 -20.98 26.44
N PRO I 2 -5.16 -21.33 27.74
CA PRO I 2 -5.99 -20.86 28.86
C PRO I 2 -5.71 -19.42 29.30
N HIS I 3 -6.73 -18.57 29.44
CA HIS I 3 -6.54 -17.14 29.74
C HIS I 3 -6.68 -16.75 31.24
N MSE I 4 -5.81 -15.86 31.72
CA MSE I 4 -5.61 -15.62 33.17
C MSE I 4 -6.56 -14.62 33.89
O MSE I 4 -6.74 -14.71 35.10
CB MSE I 4 -4.16 -15.21 33.49
CG MSE I 4 -3.05 -15.85 32.64
SE MSE I 4 -2.69 -17.77 32.89
CE MSE I 4 -2.83 -17.85 34.79
N GLU I 5 -7.11 -13.65 33.15
CA GLU I 5 -8.13 -12.76 33.72
C GLU I 5 -9.46 -13.50 33.66
N ASP I 6 -9.45 -14.60 32.89
CA ASP I 6 -10.60 -15.49 32.72
C ASP I 6 -10.70 -16.44 33.89
N GLU I 7 -11.62 -16.14 34.81
CA GLU I 7 -11.81 -16.96 36.00
C GLU I 7 -12.36 -18.34 35.67
N ALA I 8 -13.18 -18.43 34.64
CA ALA I 8 -13.88 -19.68 34.32
C ALA I 8 -12.93 -20.85 34.18
N TYR I 9 -11.77 -20.59 33.60
CA TYR I 9 -10.77 -21.63 33.41
C TYR I 9 -10.33 -22.15 34.76
N PHE I 10 -10.17 -21.23 35.71
CA PHE I 10 -9.76 -21.62 37.05
C PHE I 10 -10.83 -22.39 37.81
N ILE I 11 -12.08 -21.94 37.72
CA ILE I 11 -13.17 -22.66 38.35
C ILE I 11 -13.21 -24.09 37.81
N ALA I 12 -13.02 -24.23 36.50
CA ALA I 12 -12.99 -25.55 35.91
C ALA I 12 -11.84 -26.39 36.50
N LYS I 13 -10.64 -25.81 36.61
CA LYS I 13 -9.53 -26.52 37.24
C LYS I 13 -9.93 -26.93 38.64
N GLU I 14 -10.49 -25.98 39.38
CA GLU I 14 -10.93 -26.20 40.74
C GLU I 14 -11.94 -27.36 40.82
N ILE I 15 -12.88 -27.39 39.90
CA ILE I 15 -13.81 -28.51 39.83
C ILE I 15 -13.08 -29.84 39.63
N LEU I 16 -12.26 -29.89 38.58
CA LEU I 16 -11.48 -31.07 38.25
C LEU I 16 -10.61 -31.55 39.42
N ALA I 17 -9.83 -30.64 40.00
CA ALA I 17 -8.90 -31.02 41.06
C ALA I 17 -9.62 -31.55 42.28
N THR I 18 -10.64 -30.82 42.74
CA THR I 18 -11.39 -31.23 43.92
C THR I 18 -12.16 -32.52 43.64
N GLU I 19 -12.40 -32.81 42.37
CA GLU I 19 -13.08 -34.04 42.03
C GLU I 19 -12.16 -35.22 42.21
N ARG I 20 -10.92 -35.05 41.75
CA ARG I 20 -9.88 -36.08 41.93
C ARG I 20 -9.73 -36.42 43.42
N THR I 21 -9.56 -35.40 44.26
CA THR I 21 -9.35 -35.64 45.68
C THR I 21 -10.60 -36.23 46.33
N TYR I 22 -11.78 -35.90 45.81
CA TYR I 22 -13.01 -36.45 46.36
C TYR I 22 -13.13 -37.95 46.11
N LEU I 23 -12.81 -38.39 44.89
CA LEU I 23 -12.79 -39.83 44.60
C LEU I 23 -11.75 -40.57 45.43
N LYS I 24 -10.58 -39.96 45.61
CA LYS I 24 -9.58 -40.54 46.50
C LYS I 24 -10.22 -40.78 47.87
N ASP I 25 -10.97 -39.78 48.35
CA ASP I 25 -11.71 -39.92 49.59
C ASP I 25 -12.66 -41.12 49.53
N LEU I 26 -13.45 -41.25 48.47
CA LEU I 26 -14.37 -42.37 48.35
C LEU I 26 -13.63 -43.71 48.36
N GLU I 27 -12.50 -43.77 47.68
CA GLU I 27 -11.69 -44.99 47.62
C GLU I 27 -11.22 -45.50 48.99
N VAL I 28 -11.09 -44.59 49.95
CA VAL I 28 -10.81 -44.96 51.34
C VAL I 28 -11.84 -45.97 51.79
N ILE I 29 -13.06 -45.80 51.29
CA ILE I 29 -14.12 -46.76 51.55
C ILE I 29 -14.15 -47.89 50.49
N THR I 30 -14.41 -47.52 49.23
CA THR I 30 -14.71 -48.49 48.19
C THR I 30 -13.55 -49.42 47.87
N VAL I 31 -12.34 -49.04 48.29
CA VAL I 31 -11.17 -49.84 47.97
C VAL I 31 -10.46 -50.33 49.23
N TRP I 32 -9.81 -49.40 49.93
CA TRP I 32 -8.93 -49.73 51.04
C TRP I 32 -9.65 -50.34 52.26
N PHE I 33 -10.90 -49.96 52.48
CA PHE I 33 -11.67 -50.50 53.59
C PHE I 33 -12.32 -51.82 53.24
N ARG I 34 -12.89 -51.90 52.04
CA ARG I 34 -13.43 -53.14 51.53
C ARG I 34 -12.34 -54.22 51.53
N SER I 35 -11.15 -53.86 51.05
CA SER I 35 -10.01 -54.79 51.02
C SER I 35 -9.79 -55.43 52.38
N VAL I 36 -9.75 -54.59 53.41
CA VAL I 36 -9.58 -55.05 54.78
C VAL I 36 -10.81 -55.78 55.30
N LEU I 37 -11.99 -55.25 55.00
CA LEU I 37 -13.26 -55.85 55.42
C LEU I 37 -13.44 -57.30 54.96
N ILE I 38 -12.96 -57.61 53.76
CA ILE I 38 -13.06 -58.98 53.24
C ILE I 38 -11.97 -59.89 53.83
N LYS I 39 -10.77 -59.33 53.97
CA LYS I 39 -9.60 -60.07 54.47
C LYS I 39 -9.73 -60.42 55.96
N GLU I 40 -10.78 -59.91 56.60
CA GLU I 40 -11.07 -60.25 57.99
C GLU I 40 -12.43 -60.93 58.11
N GLU I 41 -13.30 -60.69 57.13
CA GLU I 41 -14.69 -61.14 57.16
C GLU I 41 -15.33 -60.77 58.49
N ALA I 42 -14.93 -59.61 59.02
CA ALA I 42 -15.31 -59.19 60.37
C ALA I 42 -16.60 -58.39 60.35
N MSE I 43 -17.18 -58.25 59.17
CA MSE I 43 -18.45 -57.57 59.01
C MSE I 43 -19.51 -58.53 58.44
O MSE I 43 -19.22 -59.30 57.53
CB MSE I 43 -18.30 -56.38 58.07
CG MSE I 43 -19.61 -55.63 57.78
SE MSE I 43 -19.36 -53.74 57.35
CE MSE I 43 -18.26 -53.16 58.92
N PRO I 44 -20.73 -58.49 59.02
CA PRO I 44 -21.87 -59.25 58.50
C PRO I 44 -22.00 -59.14 56.98
N ALA I 45 -22.53 -60.18 56.35
CA ALA I 45 -22.82 -60.13 54.92
C ALA I 45 -23.90 -59.10 54.67
N ALA I 46 -24.71 -58.87 55.71
CA ALA I 46 -25.86 -57.96 55.68
C ALA I 46 -25.43 -56.49 55.66
N LEU I 47 -24.51 -56.13 56.56
CA LEU I 47 -23.99 -54.77 56.64
C LEU I 47 -23.17 -54.37 55.41
N MSE I 48 -22.23 -55.25 55.03
CA MSE I 48 -21.34 -55.01 53.89
C MSE I 48 -22.16 -54.81 52.61
O MSE I 48 -21.74 -54.10 51.72
CB MSE I 48 -20.39 -56.19 53.72
CG MSE I 48 -18.97 -55.94 54.21
SE MSE I 48 -17.87 -57.55 54.07
CE MSE I 48 -18.28 -58.00 52.21
N ALA I 49 -23.31 -55.46 52.56
CA ALA I 49 -24.23 -55.28 51.45
C ALA I 49 -24.83 -53.88 51.49
N LEU I 50 -25.35 -53.49 52.65
CA LEU I 50 -26.04 -52.22 52.80
C LEU I 50 -25.09 -51.02 52.61
N LEU I 51 -23.80 -51.26 52.75
CA LEU I 51 -22.82 -50.18 52.62
C LEU I 51 -22.52 -49.90 51.15
N PHE I 52 -21.78 -50.83 50.54
CA PHE I 52 -21.39 -50.70 49.14
C PHE I 52 -22.57 -50.80 48.17
N SER I 53 -23.79 -50.65 48.68
CA SER I 53 -24.98 -50.62 47.83
C SER I 53 -25.41 -49.19 47.59
N ASN I 54 -25.11 -48.33 48.54
CA ASN I 54 -25.49 -46.93 48.43
C ASN I 54 -24.23 -46.07 48.21
N ILE I 55 -23.09 -46.75 48.06
CA ILE I 55 -21.82 -46.04 47.89
C ILE I 55 -21.16 -46.38 46.56
N ASP I 56 -21.01 -47.67 46.27
CA ASP I 56 -20.43 -48.09 45.00
C ASP I 56 -21.05 -47.39 43.78
N PRO I 57 -22.39 -47.29 43.71
CA PRO I 57 -22.97 -46.64 42.52
C PRO I 57 -22.68 -45.14 42.49
N VAL I 58 -22.57 -44.51 43.66
CA VAL I 58 -22.20 -43.11 43.72
C VAL I 58 -20.79 -42.93 43.17
N TYR I 59 -19.91 -43.85 43.54
CA TYR I 59 -18.55 -43.86 43.05
C TYR I 59 -18.56 -43.93 41.53
N GLU I 60 -19.48 -44.72 40.98
CA GLU I 60 -19.48 -44.93 39.54
C GLU I 60 -19.89 -43.69 38.76
N PHE I 61 -20.78 -42.89 39.34
CA PHE I 61 -21.24 -41.68 38.67
C PHE I 61 -20.16 -40.65 38.66
N HIS I 62 -19.52 -40.48 39.82
CA HIS I 62 -18.40 -39.56 39.95
C HIS I 62 -17.20 -39.98 39.11
N ARG I 63 -16.90 -41.27 39.03
CA ARG I 63 -15.75 -41.70 38.23
C ARG I 63 -15.97 -41.38 36.76
N GLY I 64 -17.23 -41.41 36.35
CA GLY I 64 -17.61 -41.04 34.99
C GLY I 64 -17.55 -39.54 34.76
N PHE I 65 -18.04 -38.79 35.73
CA PHE I 65 -18.07 -37.33 35.68
C PHE I 65 -16.66 -36.80 35.58
N LEU I 66 -15.77 -37.43 36.34
CA LEU I 66 -14.38 -36.99 36.39
C LEU I 66 -13.75 -37.18 35.03
N HIS I 67 -14.04 -38.32 34.39
CA HIS I 67 -13.46 -38.58 33.08
C HIS I 67 -13.80 -37.47 32.10
N GLU I 68 -15.09 -37.11 31.99
CA GLU I 68 -15.57 -36.05 31.10
C GLU I 68 -14.90 -34.70 31.36
N VAL I 69 -14.72 -34.37 32.64
CA VAL I 69 -14.17 -33.08 33.01
C VAL I 69 -12.69 -33.03 32.65
N GLU I 70 -12.00 -34.13 32.97
CA GLU I 70 -10.57 -34.25 32.75
C GLU I 70 -10.32 -34.11 31.25
N GLN I 71 -11.18 -34.76 30.47
CA GLN I 71 -11.02 -34.78 29.04
C GLN I 71 -11.15 -33.38 28.47
N ARG I 72 -12.07 -32.60 29.05
CA ARG I 72 -12.36 -31.26 28.58
C ARG I 72 -11.23 -30.29 28.89
N LEU I 73 -10.78 -30.29 30.14
CA LEU I 73 -9.70 -29.40 30.57
C LEU I 73 -8.46 -29.62 29.71
N ALA I 74 -8.24 -30.86 29.28
CA ALA I 74 -7.09 -31.13 28.44
C ALA I 74 -7.20 -30.45 27.06
N LEU I 75 -8.42 -30.34 26.54
CA LEU I 75 -8.66 -29.61 25.29
C LEU I 75 -8.50 -28.11 25.51
N TRP I 76 -9.00 -27.66 26.65
CA TRP I 76 -8.99 -26.26 27.03
C TRP I 76 -7.54 -25.77 27.09
N GLU I 77 -6.71 -26.47 27.84
CA GLU I 77 -5.34 -26.01 28.04
C GLU I 77 -4.38 -26.47 26.94
N GLY I 78 -4.90 -27.12 25.91
CA GLY I 78 -4.05 -27.59 24.83
C GLY I 78 -4.17 -26.85 23.50
N PRO I 79 -3.33 -27.21 22.53
CA PRO I 79 -3.38 -26.54 21.24
C PRO I 79 -4.63 -26.97 20.53
N SER I 80 -5.21 -26.06 19.76
CA SER I 80 -6.51 -26.26 19.16
C SER I 80 -6.42 -25.56 17.82
N SER I 81 -7.11 -26.10 16.81
CA SER I 81 -7.39 -25.29 15.64
C SER I 81 -8.19 -24.10 16.18
N ALA I 82 -8.10 -22.97 15.48
CA ALA I 82 -8.53 -21.69 16.04
C ALA I 82 -10.05 -21.54 16.11
N HIS I 83 -10.75 -22.16 15.16
CA HIS I 83 -12.21 -22.14 15.18
C HIS I 83 -12.79 -22.96 16.33
N LEU I 84 -11.95 -23.80 16.92
CA LEU I 84 -12.38 -24.73 17.93
C LEU I 84 -12.18 -24.18 19.32
N LYS I 85 -11.48 -23.05 19.41
CA LYS I 85 -11.14 -22.47 20.71
C LYS I 85 -12.40 -22.16 21.53
N GLY I 86 -13.48 -21.79 20.86
CA GLY I 86 -14.72 -21.49 21.55
C GLY I 86 -15.33 -22.72 22.17
N ASP I 87 -15.22 -23.84 21.47
CA ASP I 87 -15.85 -25.08 21.92
C ASP I 87 -15.03 -25.82 22.98
N HIS I 88 -13.72 -25.61 23.00
CA HIS I 88 -12.91 -26.24 24.02
C HIS I 88 -12.91 -25.45 25.32
N GLN I 89 -13.10 -24.14 25.24
CA GLN I 89 -12.97 -23.30 26.43
C GLN I 89 -14.32 -23.02 27.10
N ARG I 90 -14.94 -24.09 27.56
CA ARG I 90 -16.24 -24.02 28.20
C ARG I 90 -16.44 -25.29 29.01
N ILE I 91 -17.41 -25.30 29.89
CA ILE I 91 -17.53 -26.39 30.84
C ILE I 91 -19.00 -26.69 31.14
N GLY I 92 -19.85 -25.72 30.82
CA GLY I 92 -21.26 -25.77 31.19
C GLY I 92 -22.04 -26.95 30.66
N ASP I 93 -21.81 -27.29 29.39
CA ASP I 93 -22.51 -28.42 28.80
C ASP I 93 -22.24 -29.69 29.60
N ILE I 94 -20.99 -29.89 29.98
CA ILE I 94 -20.61 -31.07 30.76
C ILE I 94 -21.22 -31.04 32.16
N LEU I 95 -21.17 -29.88 32.79
CA LEU I 95 -21.74 -29.72 34.13
C LEU I 95 -23.23 -30.01 34.12
N LEU I 96 -23.95 -29.39 33.18
CA LEU I 96 -25.38 -29.60 33.06
C LEU I 96 -25.76 -31.07 32.88
N ARG I 97 -25.13 -31.74 31.92
CA ARG I 97 -25.37 -33.17 31.70
C ARG I 97 -25.22 -33.93 33.01
N ASN I 98 -24.15 -33.66 33.74
CA ASN I 98 -23.89 -34.41 34.94
C ASN I 98 -24.67 -33.98 36.18
N MSE I 99 -25.14 -32.73 36.20
CA MSE I 99 -26.00 -32.31 37.30
C MSE I 99 -27.42 -32.86 37.13
O MSE I 99 -28.02 -33.32 38.11
CB MSE I 99 -26.01 -30.78 37.44
CG MSE I 99 -24.67 -30.20 37.84
SE MSE I 99 -23.79 -30.97 39.45
CE MSE I 99 -21.94 -30.62 38.95
N ARG I 100 -27.94 -32.84 35.91
CA ARG I 100 -29.25 -33.46 35.66
C ARG I 100 -29.17 -34.95 35.96
N GLN I 101 -28.09 -35.58 35.52
CA GLN I 101 -27.91 -37.01 35.73
C GLN I 101 -27.84 -37.34 37.22
N LEU I 102 -27.49 -36.33 38.01
CA LEU I 102 -27.29 -36.50 39.45
C LEU I 102 -28.61 -36.69 40.19
N LYS I 103 -29.66 -36.05 39.70
CA LYS I 103 -30.98 -36.20 40.32
C LYS I 103 -31.41 -37.66 40.45
N GLU I 104 -31.00 -38.47 39.48
CA GLU I 104 -31.33 -39.90 39.45
C GLU I 104 -30.53 -40.71 40.47
N PHE I 105 -29.86 -39.99 41.37
CA PHE I 105 -28.99 -40.60 42.36
C PHE I 105 -29.32 -40.17 43.79
N THR I 106 -30.13 -39.12 43.91
CA THR I 106 -30.54 -38.57 45.22
C THR I 106 -30.93 -39.63 46.26
N SER I 107 -31.64 -40.66 45.81
CA SER I 107 -32.08 -41.73 46.70
C SER I 107 -30.95 -42.40 47.47
N TYR I 108 -29.84 -42.68 46.79
CA TYR I 108 -28.71 -43.35 47.40
C TYR I 108 -28.15 -42.52 48.55
N PHE I 109 -28.13 -41.20 48.37
CA PHE I 109 -27.62 -40.27 49.38
C PHE I 109 -28.53 -40.20 50.59
N GLN I 110 -29.83 -40.01 50.33
CA GLN I 110 -30.86 -39.94 51.37
C GLN I 110 -30.72 -41.08 52.37
N ARG I 111 -30.25 -42.22 51.89
CA ARG I 111 -30.11 -43.43 52.70
C ARG I 111 -28.77 -43.53 53.45
N HIS I 112 -27.91 -42.51 53.32
CA HIS I 112 -26.59 -42.57 53.96
C HIS I 112 -26.64 -42.37 55.45
N ASP I 113 -27.56 -41.51 55.89
CA ASP I 113 -27.73 -41.24 57.30
C ASP I 113 -27.98 -42.55 58.03
N GLU I 114 -28.64 -43.46 57.34
CA GLU I 114 -29.01 -44.76 57.89
C GLU I 114 -27.85 -45.75 57.79
N VAL I 115 -27.03 -45.61 56.76
CA VAL I 115 -25.87 -46.48 56.61
C VAL I 115 -24.89 -46.23 57.76
N LEU I 116 -24.75 -44.96 58.12
CA LEU I 116 -23.94 -44.58 59.26
C LEU I 116 -24.58 -45.09 60.54
N THR I 117 -25.88 -44.85 60.66
CA THR I 117 -26.68 -45.27 61.81
C THR I 117 -26.53 -46.76 62.13
N GLU I 118 -26.76 -47.62 61.13
CA GLU I 118 -26.71 -49.07 61.34
C GLU I 118 -25.28 -49.57 61.40
N LEU I 119 -24.33 -48.67 61.15
CA LEU I 119 -22.93 -49.04 61.16
C LEU I 119 -22.37 -48.85 62.56
N GLU I 120 -22.66 -47.68 63.14
CA GLU I 120 -22.22 -47.38 64.48
C GLU I 120 -22.94 -48.26 65.47
N LYS I 121 -24.24 -48.48 65.22
CA LYS I 121 -25.05 -49.36 66.05
C LYS I 121 -24.53 -50.79 66.00
N ALA I 122 -23.73 -51.09 64.98
CA ALA I 122 -23.17 -52.42 64.81
C ALA I 122 -21.78 -52.54 65.42
N THR I 123 -20.92 -51.56 65.16
CA THR I 123 -19.58 -51.53 65.70
C THR I 123 -19.59 -51.66 67.23
N LYS I 124 -20.56 -51.00 67.87
CA LYS I 124 -20.68 -50.98 69.34
C LYS I 124 -21.02 -52.35 69.96
N HIS I 125 -22.07 -52.99 69.47
CA HIS I 125 -22.50 -54.26 70.03
C HIS I 125 -21.77 -55.44 69.39
N CYS I 126 -20.71 -55.17 68.62
CA CYS I 126 -19.93 -56.24 67.98
C CYS I 126 -18.43 -56.21 68.34
N LYS I 127 -17.94 -57.35 68.78
CA LYS I 127 -16.54 -57.51 69.19
C LYS I 127 -15.49 -57.24 68.10
N LYS I 128 -15.42 -58.13 67.11
CA LYS I 128 -14.36 -58.11 66.11
C LYS I 128 -14.34 -56.84 65.27
N LEU I 129 -15.41 -56.05 65.33
CA LEU I 129 -15.54 -54.87 64.46
C LEU I 129 -14.58 -53.77 64.82
N GLU I 130 -14.74 -53.21 66.03
CA GLU I 130 -13.90 -52.12 66.50
C GLU I 130 -12.43 -52.47 66.42
N ALA I 131 -12.14 -53.76 66.60
CA ALA I 131 -10.78 -54.27 66.45
C ALA I 131 -10.20 -53.79 65.13
N VAL I 132 -10.92 -54.07 64.05
CA VAL I 132 -10.47 -53.75 62.71
C VAL I 132 -10.53 -52.26 62.43
N TYR I 133 -11.54 -51.62 63.00
CA TYR I 133 -11.70 -50.17 62.91
C TYR I 133 -10.45 -49.46 63.43
N LYS I 134 -10.22 -49.55 64.74
CA LYS I 134 -9.11 -48.87 65.42
C LYS I 134 -7.79 -49.04 64.65
N GLU I 135 -7.57 -50.24 64.12
CA GLU I 135 -6.39 -50.49 63.29
C GLU I 135 -6.46 -49.83 61.91
N PHE I 136 -7.61 -49.93 61.25
CA PHE I 136 -7.78 -49.28 59.95
C PHE I 136 -7.65 -47.77 60.10
N GLU I 137 -8.25 -47.23 61.16
CA GLU I 137 -8.20 -45.79 61.42
C GLU I 137 -6.80 -45.30 61.78
N LEU I 138 -5.81 -46.19 61.68
CA LEU I 138 -4.45 -45.86 62.07
C LEU I 138 -3.53 -45.83 60.85
N GLN I 139 -4.06 -46.21 59.69
CA GLN I 139 -3.27 -46.17 58.46
C GLN I 139 -3.11 -44.75 57.89
N LYS I 140 -2.18 -44.62 56.95
CA LYS I 140 -1.95 -43.36 56.25
C LYS I 140 -3.24 -42.93 55.55
N VAL I 141 -3.86 -43.89 54.87
CA VAL I 141 -5.02 -43.67 54.02
C VAL I 141 -6.23 -43.08 54.75
N CYS I 142 -6.40 -43.45 56.02
CA CYS I 142 -7.55 -43.03 56.81
C CYS I 142 -7.15 -41.84 57.66
N TYR I 143 -7.32 -40.63 57.12
CA TYR I 143 -6.86 -39.42 57.79
C TYR I 143 -7.91 -38.81 58.72
N LEU I 144 -9.15 -39.28 58.59
CA LEU I 144 -10.22 -38.92 59.51
C LEU I 144 -10.82 -40.23 60.00
N PRO I 145 -11.50 -40.20 61.16
CA PRO I 145 -12.33 -41.33 61.58
C PRO I 145 -13.08 -41.89 60.39
N LEU I 146 -12.97 -43.20 60.18
CA LEU I 146 -13.51 -43.86 58.99
C LEU I 146 -14.98 -43.52 58.80
N ASN I 147 -15.71 -43.44 59.91
CA ASN I 147 -17.12 -43.08 59.90
C ASN I 147 -17.39 -41.78 59.13
N THR I 148 -16.59 -40.76 59.38
CA THR I 148 -16.89 -39.41 58.89
C THR I 148 -16.61 -39.21 57.40
N PHE I 149 -16.33 -40.31 56.69
CA PHE I 149 -16.21 -40.26 55.23
C PHE I 149 -17.56 -40.37 54.53
N LEU I 150 -18.60 -40.74 55.28
CA LEU I 150 -19.95 -40.84 54.71
C LEU I 150 -20.59 -39.47 54.57
N LEU I 151 -19.95 -38.48 55.17
CA LEU I 151 -20.39 -37.11 55.04
C LEU I 151 -19.90 -36.58 53.71
N LYS I 152 -18.72 -37.03 53.30
CA LYS I 152 -18.10 -36.59 52.04
C LYS I 152 -19.04 -36.51 50.82
N PRO I 153 -19.81 -37.58 50.55
CA PRO I 153 -20.66 -37.52 49.36
C PRO I 153 -21.64 -36.35 49.35
N VAL I 154 -22.31 -36.13 50.47
CA VAL I 154 -23.26 -35.03 50.55
C VAL I 154 -22.55 -33.68 50.51
N GLN I 155 -21.42 -33.59 51.21
CA GLN I 155 -20.60 -32.38 51.23
C GLN I 155 -20.17 -31.98 49.82
N ARG I 156 -19.83 -32.98 49.01
CA ARG I 156 -19.40 -32.74 47.64
C ARG I 156 -20.46 -31.99 46.83
N LEU I 157 -21.71 -32.43 46.95
CA LEU I 157 -22.81 -31.77 46.25
C LEU I 157 -22.92 -30.30 46.61
N VAL I 158 -22.65 -29.98 47.88
CA VAL I 158 -22.65 -28.61 48.32
C VAL I 158 -21.58 -27.82 47.59
N HIS I 159 -20.39 -28.39 47.50
CA HIS I 159 -19.26 -27.76 46.82
C HIS I 159 -19.62 -27.47 45.37
N TYR I 160 -20.33 -28.40 44.75
CA TYR I 160 -20.83 -28.24 43.39
C TYR I 160 -21.66 -26.95 43.27
N ARG I 161 -22.57 -26.75 44.20
CA ARG I 161 -23.41 -25.55 44.19
C ARG I 161 -22.56 -24.28 44.27
N LEU I 162 -21.65 -24.23 45.23
CA LEU I 162 -20.75 -23.09 45.36
C LEU I 162 -19.99 -22.86 44.05
N LEU I 163 -19.36 -23.92 43.54
CA LEU I 163 -18.57 -23.81 42.31
C LEU I 163 -19.40 -23.33 41.11
N LEU I 164 -20.53 -23.97 40.87
CA LEU I 164 -21.37 -23.61 39.75
C LEU I 164 -21.89 -22.18 39.88
N SER I 165 -22.22 -21.78 41.10
CA SER I 165 -22.79 -20.47 41.31
C SER I 165 -21.71 -19.41 41.08
N ARG I 166 -20.47 -19.77 41.30
CA ARG I 166 -19.37 -18.84 41.03
C ARG I 166 -19.21 -18.66 39.53
N LEU I 167 -19.39 -19.75 38.78
CA LEU I 167 -19.36 -19.71 37.32
C LEU I 167 -20.42 -18.79 36.78
N CYS I 168 -21.67 -19.06 37.16
CA CYS I 168 -22.83 -18.28 36.72
C CYS I 168 -22.63 -16.78 36.95
N ALA I 169 -22.02 -16.47 38.07
CA ALA I 169 -21.83 -15.09 38.47
C ALA I 169 -20.64 -14.45 37.75
N HIS I 170 -19.93 -15.24 36.93
CA HIS I 170 -18.76 -14.74 36.21
C HIS I 170 -19.06 -14.44 34.74
N TYR I 171 -19.89 -15.28 34.14
CA TYR I 171 -20.18 -15.20 32.72
C TYR I 171 -21.12 -14.06 32.38
N SER I 172 -20.72 -13.23 31.43
CA SER I 172 -21.62 -12.23 30.84
C SER I 172 -22.67 -12.94 29.98
N PRO I 173 -23.95 -12.52 30.11
CA PRO I 173 -25.13 -13.17 29.51
C PRO I 173 -25.00 -13.57 28.02
N GLY I 174 -24.03 -12.98 27.30
CA GLY I 174 -23.82 -13.27 25.90
C GLY I 174 -22.62 -14.16 25.65
N HIS I 175 -22.33 -15.02 26.62
CA HIS I 175 -21.28 -16.03 26.48
C HIS I 175 -21.94 -17.38 26.14
N ARG I 176 -21.21 -18.23 25.44
CA ARG I 176 -21.69 -19.54 25.04
C ARG I 176 -22.17 -20.31 26.27
N ASP I 177 -21.31 -20.34 27.29
CA ASP I 177 -21.48 -21.15 28.49
C ASP I 177 -22.55 -20.65 29.49
N TYR I 178 -22.91 -19.37 29.41
CA TYR I 178 -23.86 -18.78 30.36
C TYR I 178 -25.14 -19.59 30.51
N ALA I 179 -25.77 -19.90 29.39
CA ALA I 179 -27.02 -20.67 29.40
C ALA I 179 -26.88 -22.00 30.16
N ASP I 180 -25.95 -22.82 29.71
CA ASP I 180 -25.78 -24.17 30.25
C ASP I 180 -25.44 -24.18 31.73
N CYS I 181 -24.60 -23.23 32.15
CA CYS I 181 -24.17 -23.15 33.54
C CYS I 181 -25.35 -22.81 34.43
N HIS I 182 -26.16 -21.84 33.97
CA HIS I 182 -27.29 -21.34 34.74
C HIS I 182 -28.30 -22.44 35.02
N GLU I 183 -28.51 -23.29 34.02
CA GLU I 183 -29.42 -24.41 34.21
C GLU I 183 -28.81 -25.50 35.07
N ALA I 184 -27.51 -25.75 34.88
CA ALA I 184 -26.77 -26.69 35.72
C ALA I 184 -26.81 -26.29 37.19
N LEU I 185 -26.74 -24.99 37.43
CA LEU I 185 -26.84 -24.48 38.79
C LEU I 185 -28.23 -24.71 39.36
N LYS I 186 -29.27 -24.30 38.62
CA LYS I 186 -30.65 -24.57 39.01
C LYS I 186 -30.83 -26.06 39.32
N ALA I 187 -30.19 -26.90 38.53
CA ALA I 187 -30.22 -28.35 38.72
C ALA I 187 -29.61 -28.81 40.06
N ILE I 188 -28.35 -28.47 40.29
CA ILE I 188 -27.67 -28.89 41.53
C ILE I 188 -28.34 -28.29 42.77
N THR I 189 -28.82 -27.05 42.63
CA THR I 189 -29.43 -26.35 43.74
C THR I 189 -30.67 -27.09 44.19
N GLU I 190 -31.35 -27.71 43.22
CA GLU I 190 -32.48 -28.57 43.53
C GLU I 190 -31.99 -29.74 44.37
N VAL I 191 -31.09 -30.54 43.82
CA VAL I 191 -30.56 -31.70 44.51
C VAL I 191 -30.16 -31.44 45.96
N THR I 192 -29.38 -30.38 46.18
CA THR I 192 -28.92 -30.02 47.53
C THR I 192 -30.04 -29.77 48.54
N THR I 193 -30.96 -28.86 48.20
CA THR I 193 -32.06 -28.52 49.09
C THR I 193 -32.97 -29.70 49.46
N GLU I 194 -33.04 -30.71 48.60
CA GLU I 194 -33.75 -31.95 48.91
C GLU I 194 -32.96 -32.81 49.88
N LEU I 195 -31.64 -32.78 49.71
CA LEU I 195 -30.72 -33.54 50.52
C LEU I 195 -30.36 -32.80 51.81
N GLN I 196 -30.82 -31.56 51.90
CA GLN I 196 -30.66 -30.72 53.09
C GLN I 196 -30.93 -31.50 54.38
N GLN I 197 -32.01 -32.26 54.37
CA GLN I 197 -32.42 -33.04 55.54
C GLN I 197 -31.43 -34.12 55.91
N SER I 198 -31.06 -34.95 54.94
CA SER I 198 -30.11 -36.04 55.17
C SER I 198 -28.76 -35.51 55.63
N LEU I 199 -28.36 -34.37 55.09
CA LEU I 199 -27.08 -33.75 55.42
C LEU I 199 -26.99 -33.40 56.89
N THR I 200 -28.03 -32.72 57.38
CA THR I 200 -28.02 -32.22 58.74
C THR I 200 -28.01 -33.36 59.76
N ARG I 201 -28.79 -34.39 59.51
CA ARG I 201 -28.76 -35.59 60.35
C ARG I 201 -27.33 -36.14 60.45
N LEU I 202 -26.70 -36.32 59.30
CA LEU I 202 -25.31 -36.78 59.24
C LEU I 202 -24.36 -35.91 60.09
N GLU I 203 -24.41 -34.60 59.90
CA GLU I 203 -23.56 -33.69 60.65
C GLU I 203 -23.77 -33.89 62.14
N ASN I 204 -25.04 -33.98 62.53
CA ASN I 204 -25.37 -34.23 63.92
C ASN I 204 -24.95 -35.61 64.40
N LEU I 205 -25.07 -36.62 63.54
CA LEU I 205 -24.61 -37.95 63.87
C LEU I 205 -23.10 -37.98 64.12
N GLN I 206 -22.35 -37.19 63.35
CA GLN I 206 -20.92 -37.10 63.54
C GLN I 206 -20.62 -36.32 64.82
N LYS I 207 -21.21 -35.13 64.90
CA LYS I 207 -21.06 -34.27 66.07
C LYS I 207 -21.35 -35.00 67.37
N LEU I 208 -22.27 -35.97 67.31
CA LEU I 208 -22.64 -36.75 68.50
C LEU I 208 -21.50 -37.65 68.97
N THR I 209 -21.02 -38.51 68.08
CA THR I 209 -19.93 -39.43 68.40
C THR I 209 -18.68 -38.67 68.85
N GLU I 210 -18.41 -37.57 68.16
CA GLU I 210 -17.27 -36.71 68.46
C GLU I 210 -17.29 -36.22 69.91
N LEU I 211 -18.49 -35.99 70.44
CA LEU I 211 -18.63 -35.50 71.81
C LEU I 211 -18.60 -36.61 72.86
N GLN I 212 -18.96 -37.83 72.45
CA GLN I 212 -18.85 -38.97 73.34
C GLN I 212 -17.39 -39.37 73.57
N ARG I 213 -16.55 -39.15 72.55
CA ARG I 213 -15.11 -39.42 72.65
C ARG I 213 -14.32 -38.28 73.33
N ASP I 214 -15.03 -37.32 73.93
CA ASP I 214 -14.39 -36.22 74.67
C ASP I 214 -14.83 -36.18 76.13
N LEU I 215 -16.09 -36.54 76.38
CA LEU I 215 -16.64 -36.52 77.73
C LEU I 215 -16.17 -37.70 78.57
#